data_3CT0
# 
_entry.id   3CT0 
# 
_audit_conform.dict_name       mmcif_pdbx.dic 
_audit_conform.dict_version    5.387 
_audit_conform.dict_location   http://mmcif.pdb.org/dictionaries/ascii/mmcif_pdbx.dic 
# 
loop_
_database_2.database_id 
_database_2.database_code 
_database_2.pdbx_database_accession 
_database_2.pdbx_DOI 
PDB   3CT0         pdb_00003ct0 10.2210/pdb3ct0/pdb 
RCSB  RCSB047174   ?            ?                   
WWPDB D_1000047174 ?            ?                   
# 
loop_
_pdbx_audit_revision_history.ordinal 
_pdbx_audit_revision_history.data_content_type 
_pdbx_audit_revision_history.major_revision 
_pdbx_audit_revision_history.minor_revision 
_pdbx_audit_revision_history.revision_date 
1 'Structure model' 1 0 2008-07-01 
2 'Structure model' 1 1 2011-07-13 
3 'Structure model' 1 2 2017-10-25 
4 'Structure model' 2 0 2020-07-29 
5 'Structure model' 2 1 2024-02-21 
# 
loop_
_pdbx_audit_revision_details.ordinal 
_pdbx_audit_revision_details.revision_ordinal 
_pdbx_audit_revision_details.data_content_type 
_pdbx_audit_revision_details.provider 
_pdbx_audit_revision_details.type 
_pdbx_audit_revision_details.description 
_pdbx_audit_revision_details.details 
1 1 'Structure model' repository 'Initial release' ?                          ? 
2 4 'Structure model' repository Remediation       'Carbohydrate remediation' ? 
# 
loop_
_pdbx_audit_revision_group.ordinal 
_pdbx_audit_revision_group.revision_ordinal 
_pdbx_audit_revision_group.data_content_type 
_pdbx_audit_revision_group.group 
1  2 'Structure model' Advisory                    
2  2 'Structure model' 'Version format compliance' 
3  3 'Structure model' 'Refinement description'    
4  4 'Structure model' 'Atomic model'              
5  4 'Structure model' 'Data collection'           
6  4 'Structure model' 'Derived calculations'      
7  4 'Structure model' 'Structure summary'         
8  5 'Structure model' 'Data collection'           
9  5 'Structure model' 'Database references'       
10 5 'Structure model' 'Structure summary'         
# 
loop_
_pdbx_audit_revision_category.ordinal 
_pdbx_audit_revision_category.revision_ordinal 
_pdbx_audit_revision_category.data_content_type 
_pdbx_audit_revision_category.category 
1  3 'Structure model' software                      
2  4 'Structure model' atom_site                     
3  4 'Structure model' chem_comp                     
4  4 'Structure model' entity                        
5  4 'Structure model' pdbx_branch_scheme            
6  4 'Structure model' pdbx_chem_comp_identifier     
7  4 'Structure model' pdbx_entity_branch            
8  4 'Structure model' pdbx_entity_branch_descriptor 
9  4 'Structure model' pdbx_entity_branch_link       
10 4 'Structure model' pdbx_entity_branch_list       
11 4 'Structure model' pdbx_entity_nonpoly           
12 4 'Structure model' pdbx_nonpoly_scheme           
13 4 'Structure model' pdbx_struct_assembly_gen      
14 4 'Structure model' struct_asym                   
15 4 'Structure model' struct_conn                   
16 4 'Structure model' struct_site                   
17 4 'Structure model' struct_site_gen               
18 5 'Structure model' chem_comp                     
19 5 'Structure model' chem_comp_atom                
20 5 'Structure model' chem_comp_bond                
21 5 'Structure model' database_2                    
# 
loop_
_pdbx_audit_revision_item.ordinal 
_pdbx_audit_revision_item.revision_ordinal 
_pdbx_audit_revision_item.data_content_type 
_pdbx_audit_revision_item.item 
1  4 'Structure model' '_atom_site.auth_asym_id'                
2  4 'Structure model' '_atom_site.auth_seq_id'                 
3  4 'Structure model' '_atom_site.label_asym_id'               
4  4 'Structure model' '_chem_comp.name'                        
5  4 'Structure model' '_chem_comp.type'                        
6  4 'Structure model' '_entity.formula_weight'                 
7  4 'Structure model' '_entity.pdbx_description'               
8  4 'Structure model' '_entity.pdbx_number_of_molecules'       
9  4 'Structure model' '_entity.type'                           
10 4 'Structure model' '_pdbx_struct_assembly_gen.asym_id_list' 
11 4 'Structure model' '_struct_conn.pdbx_leaving_atom_flag'    
12 4 'Structure model' '_struct_conn.ptnr1_auth_asym_id'        
13 4 'Structure model' '_struct_conn.ptnr1_auth_seq_id'         
14 4 'Structure model' '_struct_conn.ptnr1_label_asym_id'       
15 4 'Structure model' '_struct_conn.ptnr2_auth_asym_id'        
16 4 'Structure model' '_struct_conn.ptnr2_auth_seq_id'         
17 4 'Structure model' '_struct_conn.ptnr2_label_asym_id'       
18 5 'Structure model' '_chem_comp.pdbx_synonyms'               
19 5 'Structure model' '_database_2.pdbx_DOI'                   
20 5 'Structure model' '_database_2.pdbx_database_accession'    
# 
_pdbx_database_status.status_code                     REL 
_pdbx_database_status.entry_id                        3CT0 
_pdbx_database_status.recvd_initial_deposition_date   2008-04-11 
_pdbx_database_status.deposit_site                    RCSB 
_pdbx_database_status.process_site                    RCSB 
_pdbx_database_status.status_code_sf                  REL 
_pdbx_database_status.status_code_mr                  ? 
_pdbx_database_status.SG_entry                        ? 
_pdbx_database_status.pdb_format_compatible           Y 
_pdbx_database_status.status_code_cs                  ? 
_pdbx_database_status.methods_development_category    ? 
_pdbx_database_status.status_code_nmr_data            ? 
# 
loop_
_pdbx_database_related.db_name 
_pdbx_database_related.db_id 
_pdbx_database_related.details 
_pdbx_database_related.content_type 
PDB 3CSQ . unspecified 
PDB 3CSR . unspecified 
PDB 3CSZ . unspecified 
PDB 3CT1 . unspecified 
PDB 3CT5 . unspecified 
# 
loop_
_audit_author.name 
_audit_author.pdbx_ordinal 
'Xiang, Y.'      1 
'Rossmann, M.G.' 2 
# 
_citation.id                        primary 
_citation.title                     
'Crystal and cryoEM structural studies of a cell wall degrading enzyme in the bacteriophage phi29 tail.' 
_citation.journal_abbrev            Proc.Natl.Acad.Sci.Usa 
_citation.journal_volume            105 
_citation.page_first                9552 
_citation.page_last                 9557 
_citation.year                      2008 
_citation.journal_id_ASTM           PNASA6 
_citation.country                   US 
_citation.journal_id_ISSN           0027-8424 
_citation.journal_id_CSD            0040 
_citation.book_publisher            ? 
_citation.pdbx_database_id_PubMed   18606992 
_citation.pdbx_database_id_DOI      10.1073/pnas.0803787105 
# 
loop_
_citation_author.citation_id 
_citation_author.name 
_citation_author.ordinal 
_citation_author.identifier_ORCID 
primary 'Xiang, Y.'      1 ? 
primary 'Morais, M.C.'   2 ? 
primary 'Cohen, D.N.'    3 ? 
primary 'Bowman, V.D.'   4 ? 
primary 'Anderson, D.L.' 5 ? 
primary 'Rossmann, M.G.' 6 ? 
# 
loop_
_entity.id 
_entity.type 
_entity.src_method 
_entity.pdbx_description 
_entity.formula_weight 
_entity.pdbx_number_of_molecules 
_entity.pdbx_ec 
_entity.pdbx_mutation 
_entity.pdbx_fragment 
_entity.details 
1 polymer  man 'Morphogenesis protein 1' 18440.746 1   ? ? ? ? 
2 branched man 
;2-acetamido-2-deoxy-beta-D-glucopyranose-(1-4)-2-acetamido-2-deoxy-beta-D-glucopyranose-(1-4)-2-acetamido-2-deoxy-beta-D-glucopyranose-(1-4)-2-acetamido-2-deoxy-beta-D-glucopyranose
;
830.786   1   ? ? ? ? 
3 water    nat water 18.015    105 ? ? ? ? 
# 
_entity_name_com.entity_id   1 
_entity_name_com.name        'Late protein GP13' 
# 
_entity_poly.entity_id                      1 
_entity_poly.type                           'polypeptide(L)' 
_entity_poly.nstd_linkage                   no 
_entity_poly.nstd_monomer                   no 
_entity_poly.pdbx_seq_one_letter_code       
;MVYVSNKYLTMSEMKVNAQYILNYLSSNGWTKQAICGMLGNMQSESTINPGLWQNLDEGNTSLGFGLVQWTPASNYINWA
NSQGLPYKNMDSELKRIIWEVNNNAQWINLRDMTFKEYIKSTKTPRELAMIFLASYERPANPNQPERGDQAEYWYKNLS
;
_entity_poly.pdbx_seq_one_letter_code_can   
;MVYVSNKYLTMSEMKVNAQYILNYLSSNGWTKQAICGMLGNMQSESTINPGLWQNLDEGNTSLGFGLVQWTPASNYINWA
NSQGLPYKNMDSELKRIIWEVNNNAQWINLRDMTFKEYIKSTKTPRELAMIFLASYERPANPNQPERGDQAEYWYKNLS
;
_entity_poly.pdbx_strand_id                 A 
_entity_poly.pdbx_target_identifier         ? 
# 
_pdbx_entity_nonpoly.entity_id   3 
_pdbx_entity_nonpoly.name        water 
_pdbx_entity_nonpoly.comp_id     HOH 
# 
loop_
_entity_poly_seq.entity_id 
_entity_poly_seq.num 
_entity_poly_seq.mon_id 
_entity_poly_seq.hetero 
1 1   MET n 
1 2   VAL n 
1 3   TYR n 
1 4   VAL n 
1 5   SER n 
1 6   ASN n 
1 7   LYS n 
1 8   TYR n 
1 9   LEU n 
1 10  THR n 
1 11  MET n 
1 12  SER n 
1 13  GLU n 
1 14  MET n 
1 15  LYS n 
1 16  VAL n 
1 17  ASN n 
1 18  ALA n 
1 19  GLN n 
1 20  TYR n 
1 21  ILE n 
1 22  LEU n 
1 23  ASN n 
1 24  TYR n 
1 25  LEU n 
1 26  SER n 
1 27  SER n 
1 28  ASN n 
1 29  GLY n 
1 30  TRP n 
1 31  THR n 
1 32  LYS n 
1 33  GLN n 
1 34  ALA n 
1 35  ILE n 
1 36  CYS n 
1 37  GLY n 
1 38  MET n 
1 39  LEU n 
1 40  GLY n 
1 41  ASN n 
1 42  MET n 
1 43  GLN n 
1 44  SER n 
1 45  GLU n 
1 46  SER n 
1 47  THR n 
1 48  ILE n 
1 49  ASN n 
1 50  PRO n 
1 51  GLY n 
1 52  LEU n 
1 53  TRP n 
1 54  GLN n 
1 55  ASN n 
1 56  LEU n 
1 57  ASP n 
1 58  GLU n 
1 59  GLY n 
1 60  ASN n 
1 61  THR n 
1 62  SER n 
1 63  LEU n 
1 64  GLY n 
1 65  PHE n 
1 66  GLY n 
1 67  LEU n 
1 68  VAL n 
1 69  GLN n 
1 70  TRP n 
1 71  THR n 
1 72  PRO n 
1 73  ALA n 
1 74  SER n 
1 75  ASN n 
1 76  TYR n 
1 77  ILE n 
1 78  ASN n 
1 79  TRP n 
1 80  ALA n 
1 81  ASN n 
1 82  SER n 
1 83  GLN n 
1 84  GLY n 
1 85  LEU n 
1 86  PRO n 
1 87  TYR n 
1 88  LYS n 
1 89  ASN n 
1 90  MET n 
1 91  ASP n 
1 92  SER n 
1 93  GLU n 
1 94  LEU n 
1 95  LYS n 
1 96  ARG n 
1 97  ILE n 
1 98  ILE n 
1 99  TRP n 
1 100 GLU n 
1 101 VAL n 
1 102 ASN n 
1 103 ASN n 
1 104 ASN n 
1 105 ALA n 
1 106 GLN n 
1 107 TRP n 
1 108 ILE n 
1 109 ASN n 
1 110 LEU n 
1 111 ARG n 
1 112 ASP n 
1 113 MET n 
1 114 THR n 
1 115 PHE n 
1 116 LYS n 
1 117 GLU n 
1 118 TYR n 
1 119 ILE n 
1 120 LYS n 
1 121 SER n 
1 122 THR n 
1 123 LYS n 
1 124 THR n 
1 125 PRO n 
1 126 ARG n 
1 127 GLU n 
1 128 LEU n 
1 129 ALA n 
1 130 MET n 
1 131 ILE n 
1 132 PHE n 
1 133 LEU n 
1 134 ALA n 
1 135 SER n 
1 136 TYR n 
1 137 GLU n 
1 138 ARG n 
1 139 PRO n 
1 140 ALA n 
1 141 ASN n 
1 142 PRO n 
1 143 ASN n 
1 144 GLN n 
1 145 PRO n 
1 146 GLU n 
1 147 ARG n 
1 148 GLY n 
1 149 ASP n 
1 150 GLN n 
1 151 ALA n 
1 152 GLU n 
1 153 TYR n 
1 154 TRP n 
1 155 TYR n 
1 156 LYS n 
1 157 ASN n 
1 158 LEU n 
1 159 SER n 
# 
_entity_src_gen.entity_id                          1 
_entity_src_gen.pdbx_src_id                        1 
_entity_src_gen.pdbx_alt_source_flag               sample 
_entity_src_gen.pdbx_seq_type                      ? 
_entity_src_gen.pdbx_beg_seq_num                   ? 
_entity_src_gen.pdbx_end_seq_num                   ? 
_entity_src_gen.gene_src_common_name               ? 
_entity_src_gen.gene_src_genus                     ? 
_entity_src_gen.pdbx_gene_src_gene                 13 
_entity_src_gen.gene_src_species                   ? 
_entity_src_gen.gene_src_strain                    ? 
_entity_src_gen.gene_src_tissue                    ? 
_entity_src_gen.gene_src_tissue_fraction           ? 
_entity_src_gen.gene_src_details                   ? 
_entity_src_gen.pdbx_gene_src_fragment             ? 
_entity_src_gen.pdbx_gene_src_scientific_name      'Bacteriophage phi-29' 
_entity_src_gen.pdbx_gene_src_ncbi_taxonomy_id     ? 
_entity_src_gen.pdbx_gene_src_variant              ? 
_entity_src_gen.pdbx_gene_src_cell_line            ? 
_entity_src_gen.pdbx_gene_src_atcc                 ? 
_entity_src_gen.pdbx_gene_src_organ                ? 
_entity_src_gen.pdbx_gene_src_organelle            ? 
_entity_src_gen.pdbx_gene_src_cell                 ? 
_entity_src_gen.pdbx_gene_src_cellular_location    ? 
_entity_src_gen.host_org_common_name               ? 
_entity_src_gen.pdbx_host_org_scientific_name      'Escherichia coli' 
_entity_src_gen.pdbx_host_org_ncbi_taxonomy_id     ? 
_entity_src_gen.host_org_genus                     ? 
_entity_src_gen.pdbx_host_org_gene                 ? 
_entity_src_gen.pdbx_host_org_organ                ? 
_entity_src_gen.host_org_species                   ? 
_entity_src_gen.pdbx_host_org_tissue               ? 
_entity_src_gen.pdbx_host_org_tissue_fraction      ? 
_entity_src_gen.pdbx_host_org_strain               'BL21DE3 CODON PLUS RP' 
_entity_src_gen.pdbx_host_org_variant              ? 
_entity_src_gen.pdbx_host_org_cell_line            ? 
_entity_src_gen.pdbx_host_org_atcc                 ? 
_entity_src_gen.pdbx_host_org_culture_collection   ? 
_entity_src_gen.pdbx_host_org_cell                 ? 
_entity_src_gen.pdbx_host_org_organelle            ? 
_entity_src_gen.pdbx_host_org_cellular_location    ? 
_entity_src_gen.pdbx_host_org_vector_type          PLASMID 
_entity_src_gen.pdbx_host_org_vector               ? 
_entity_src_gen.host_org_details                   ? 
_entity_src_gen.expression_system_id               ? 
_entity_src_gen.plasmid_name                       PTYB1 
_entity_src_gen.plasmid_details                    ? 
_entity_src_gen.pdbx_description                   ? 
# 
_pdbx_entity_branch.entity_id   2 
_pdbx_entity_branch.type        oligosaccharide 
# 
loop_
_pdbx_entity_branch_descriptor.ordinal 
_pdbx_entity_branch_descriptor.entity_id 
_pdbx_entity_branch_descriptor.descriptor 
_pdbx_entity_branch_descriptor.type 
_pdbx_entity_branch_descriptor.program 
_pdbx_entity_branch_descriptor.program_version 
1 2 DGlcpNAcb1-4DGlcpNAcb1-4DGlcpNAcb1-4DGlcpNAcb1-ROH                                    'Glycam Condensed Sequence' GMML       
1.0   
2 2 'WURCS=2.0/1,4,3/[a2122h-1b_1-5_2*NCC/3=O]/1-1-1-1/a4-b1_b4-c1_c4-d1'                 WURCS                       PDB2Glycan 
1.1.0 
3 2 '[][b-D-GlcpNAc]{[(4+1)][b-D-GlcpNAc]{[(4+1)][b-D-GlcpNAc]{[(4+1)][b-D-GlcpNAc]{}}}}' LINUCS                      PDB-CARE   ? 
# 
loop_
_pdbx_entity_branch_link.link_id 
_pdbx_entity_branch_link.entity_id 
_pdbx_entity_branch_link.entity_branch_list_num_1 
_pdbx_entity_branch_link.comp_id_1 
_pdbx_entity_branch_link.atom_id_1 
_pdbx_entity_branch_link.leaving_atom_id_1 
_pdbx_entity_branch_link.entity_branch_list_num_2 
_pdbx_entity_branch_link.comp_id_2 
_pdbx_entity_branch_link.atom_id_2 
_pdbx_entity_branch_link.leaving_atom_id_2 
_pdbx_entity_branch_link.value_order 
_pdbx_entity_branch_link.details 
1 2 2 NAG C1 O1 1 NAG O4 HO4 sing ? 
2 2 3 NAG C1 O1 2 NAG O4 HO4 sing ? 
3 2 4 NAG C1 O1 3 NAG O4 HO4 sing ? 
# 
loop_
_chem_comp.id 
_chem_comp.type 
_chem_comp.mon_nstd_flag 
_chem_comp.name 
_chem_comp.pdbx_synonyms 
_chem_comp.formula 
_chem_comp.formula_weight 
ALA 'L-peptide linking'          y ALANINE                                  ? 'C3 H7 N O2'     89.093  
ARG 'L-peptide linking'          y ARGININE                                 ? 'C6 H15 N4 O2 1' 175.209 
ASN 'L-peptide linking'          y ASPARAGINE                               ? 'C4 H8 N2 O3'    132.118 
ASP 'L-peptide linking'          y 'ASPARTIC ACID'                          ? 'C4 H7 N O4'     133.103 
CYS 'L-peptide linking'          y CYSTEINE                                 ? 'C3 H7 N O2 S'   121.158 
GLN 'L-peptide linking'          y GLUTAMINE                                ? 'C5 H10 N2 O3'   146.144 
GLU 'L-peptide linking'          y 'GLUTAMIC ACID'                          ? 'C5 H9 N O4'     147.129 
GLY 'peptide linking'            y GLYCINE                                  ? 'C2 H5 N O2'     75.067  
HOH non-polymer                  . WATER                                    ? 'H2 O'           18.015  
ILE 'L-peptide linking'          y ISOLEUCINE                               ? 'C6 H13 N O2'    131.173 
LEU 'L-peptide linking'          y LEUCINE                                  ? 'C6 H13 N O2'    131.173 
LYS 'L-peptide linking'          y LYSINE                                   ? 'C6 H15 N2 O2 1' 147.195 
MET 'L-peptide linking'          y METHIONINE                               ? 'C5 H11 N O2 S'  149.211 
NAG 'D-saccharide, beta linking' . 2-acetamido-2-deoxy-beta-D-glucopyranose 
;N-acetyl-beta-D-glucosamine; 2-acetamido-2-deoxy-beta-D-glucose; 2-acetamido-2-deoxy-D-glucose; 2-acetamido-2-deoxy-glucose; N-ACETYL-D-GLUCOSAMINE
;
'C8 H15 N O6'    221.208 
PHE 'L-peptide linking'          y PHENYLALANINE                            ? 'C9 H11 N O2'    165.189 
PRO 'L-peptide linking'          y PROLINE                                  ? 'C5 H9 N O2'     115.130 
SER 'L-peptide linking'          y SERINE                                   ? 'C3 H7 N O3'     105.093 
THR 'L-peptide linking'          y THREONINE                                ? 'C4 H9 N O3'     119.119 
TRP 'L-peptide linking'          y TRYPTOPHAN                               ? 'C11 H12 N2 O2'  204.225 
TYR 'L-peptide linking'          y TYROSINE                                 ? 'C9 H11 N O3'    181.189 
VAL 'L-peptide linking'          y VALINE                                   ? 'C5 H11 N O2'    117.146 
# 
loop_
_pdbx_chem_comp_identifier.comp_id 
_pdbx_chem_comp_identifier.type 
_pdbx_chem_comp_identifier.program 
_pdbx_chem_comp_identifier.program_version 
_pdbx_chem_comp_identifier.identifier 
NAG 'CONDENSED IUPAC CARBOHYDRATE SYMBOL' GMML     1.0 DGlcpNAcb                      
NAG 'COMMON NAME'                         GMML     1.0 N-acetyl-b-D-glucopyranosamine 
NAG 'IUPAC CARBOHYDRATE SYMBOL'           PDB-CARE 1.0 b-D-GlcpNAc                    
NAG 'SNFG CARBOHYDRATE SYMBOL'            GMML     1.0 GlcNAc                         
# 
loop_
_pdbx_poly_seq_scheme.asym_id 
_pdbx_poly_seq_scheme.entity_id 
_pdbx_poly_seq_scheme.seq_id 
_pdbx_poly_seq_scheme.mon_id 
_pdbx_poly_seq_scheme.ndb_seq_num 
_pdbx_poly_seq_scheme.pdb_seq_num 
_pdbx_poly_seq_scheme.auth_seq_num 
_pdbx_poly_seq_scheme.pdb_mon_id 
_pdbx_poly_seq_scheme.auth_mon_id 
_pdbx_poly_seq_scheme.pdb_strand_id 
_pdbx_poly_seq_scheme.pdb_ins_code 
_pdbx_poly_seq_scheme.hetero 
A 1 1   MET 1   1   1   MET MET A . n 
A 1 2   VAL 2   2   2   VAL VAL A . n 
A 1 3   TYR 3   3   3   TYR TYR A . n 
A 1 4   VAL 4   4   4   VAL VAL A . n 
A 1 5   SER 5   5   5   SER SER A . n 
A 1 6   ASN 6   6   6   ASN ASN A . n 
A 1 7   LYS 7   7   7   LYS LYS A . n 
A 1 8   TYR 8   8   8   TYR TYR A . n 
A 1 9   LEU 9   9   9   LEU LEU A . n 
A 1 10  THR 10  10  10  THR THR A . n 
A 1 11  MET 11  11  11  MET MET A . n 
A 1 12  SER 12  12  12  SER SER A . n 
A 1 13  GLU 13  13  13  GLU GLU A . n 
A 1 14  MET 14  14  14  MET MET A . n 
A 1 15  LYS 15  15  15  LYS LYS A . n 
A 1 16  VAL 16  16  16  VAL VAL A . n 
A 1 17  ASN 17  17  17  ASN ASN A . n 
A 1 18  ALA 18  18  18  ALA ALA A . n 
A 1 19  GLN 19  19  19  GLN GLN A . n 
A 1 20  TYR 20  20  20  TYR TYR A . n 
A 1 21  ILE 21  21  21  ILE ILE A . n 
A 1 22  LEU 22  22  22  LEU LEU A . n 
A 1 23  ASN 23  23  23  ASN ASN A . n 
A 1 24  TYR 24  24  24  TYR TYR A . n 
A 1 25  LEU 25  25  25  LEU LEU A . n 
A 1 26  SER 26  26  26  SER SER A . n 
A 1 27  SER 27  27  27  SER SER A . n 
A 1 28  ASN 28  28  28  ASN ASN A . n 
A 1 29  GLY 29  29  29  GLY GLY A . n 
A 1 30  TRP 30  30  30  TRP TRP A . n 
A 1 31  THR 31  31  31  THR THR A . n 
A 1 32  LYS 32  32  32  LYS LYS A . n 
A 1 33  GLN 33  33  33  GLN GLN A . n 
A 1 34  ALA 34  34  34  ALA ALA A . n 
A 1 35  ILE 35  35  35  ILE ILE A . n 
A 1 36  CYS 36  36  36  CYS CYS A . n 
A 1 37  GLY 37  37  37  GLY GLY A . n 
A 1 38  MET 38  38  38  MET MET A . n 
A 1 39  LEU 39  39  39  LEU LEU A . n 
A 1 40  GLY 40  40  40  GLY GLY A . n 
A 1 41  ASN 41  41  41  ASN ASN A . n 
A 1 42  MET 42  42  42  MET MET A . n 
A 1 43  GLN 43  43  43  GLN GLN A . n 
A 1 44  SER 44  44  44  SER SER A . n 
A 1 45  GLU 45  45  45  GLU GLU A . n 
A 1 46  SER 46  46  46  SER SER A . n 
A 1 47  THR 47  47  47  THR THR A . n 
A 1 48  ILE 48  48  48  ILE ILE A . n 
A 1 49  ASN 49  49  49  ASN ASN A . n 
A 1 50  PRO 50  50  50  PRO PRO A . n 
A 1 51  GLY 51  51  51  GLY GLY A . n 
A 1 52  LEU 52  52  52  LEU LEU A . n 
A 1 53  TRP 53  53  53  TRP TRP A . n 
A 1 54  GLN 54  54  54  GLN GLN A . n 
A 1 55  ASN 55  55  55  ASN ASN A . n 
A 1 56  LEU 56  56  56  LEU LEU A . n 
A 1 57  ASP 57  57  57  ASP ASP A . n 
A 1 58  GLU 58  58  58  GLU GLU A . n 
A 1 59  GLY 59  59  59  GLY GLY A . n 
A 1 60  ASN 60  60  60  ASN ASN A . n 
A 1 61  THR 61  61  61  THR THR A . n 
A 1 62  SER 62  62  62  SER SER A . n 
A 1 63  LEU 63  63  63  LEU LEU A . n 
A 1 64  GLY 64  64  64  GLY GLY A . n 
A 1 65  PHE 65  65  65  PHE PHE A . n 
A 1 66  GLY 66  66  66  GLY GLY A . n 
A 1 67  LEU 67  67  67  LEU LEU A . n 
A 1 68  VAL 68  68  68  VAL VAL A . n 
A 1 69  GLN 69  69  69  GLN GLN A . n 
A 1 70  TRP 70  70  70  TRP TRP A . n 
A 1 71  THR 71  71  71  THR THR A . n 
A 1 72  PRO 72  72  72  PRO PRO A . n 
A 1 73  ALA 73  73  73  ALA ALA A . n 
A 1 74  SER 74  74  74  SER SER A . n 
A 1 75  ASN 75  75  75  ASN ASN A . n 
A 1 76  TYR 76  76  76  TYR TYR A . n 
A 1 77  ILE 77  77  77  ILE ILE A . n 
A 1 78  ASN 78  78  78  ASN ASN A . n 
A 1 79  TRP 79  79  79  TRP TRP A . n 
A 1 80  ALA 80  80  80  ALA ALA A . n 
A 1 81  ASN 81  81  81  ASN ASN A . n 
A 1 82  SER 82  82  82  SER SER A . n 
A 1 83  GLN 83  83  83  GLN GLN A . n 
A 1 84  GLY 84  84  84  GLY GLY A . n 
A 1 85  LEU 85  85  85  LEU LEU A . n 
A 1 86  PRO 86  86  86  PRO PRO A . n 
A 1 87  TYR 87  87  87  TYR TYR A . n 
A 1 88  LYS 88  88  88  LYS LYS A . n 
A 1 89  ASN 89  89  89  ASN ASN A . n 
A 1 90  MET 90  90  90  MET MET A . n 
A 1 91  ASP 91  91  91  ASP ASP A . n 
A 1 92  SER 92  92  92  SER SER A . n 
A 1 93  GLU 93  93  93  GLU GLU A . n 
A 1 94  LEU 94  94  94  LEU LEU A . n 
A 1 95  LYS 95  95  95  LYS LYS A . n 
A 1 96  ARG 96  96  96  ARG ARG A . n 
A 1 97  ILE 97  97  97  ILE ILE A . n 
A 1 98  ILE 98  98  98  ILE ILE A . n 
A 1 99  TRP 99  99  99  TRP TRP A . n 
A 1 100 GLU 100 100 100 GLU GLU A . n 
A 1 101 VAL 101 101 101 VAL VAL A . n 
A 1 102 ASN 102 102 102 ASN ASN A . n 
A 1 103 ASN 103 103 103 ASN ASN A . n 
A 1 104 ASN 104 104 104 ASN ASN A . n 
A 1 105 ALA 105 105 105 ALA ALA A . n 
A 1 106 GLN 106 106 106 GLN GLN A . n 
A 1 107 TRP 107 107 107 TRP TRP A . n 
A 1 108 ILE 108 108 108 ILE ILE A . n 
A 1 109 ASN 109 109 109 ASN ASN A . n 
A 1 110 LEU 110 110 110 LEU LEU A . n 
A 1 111 ARG 111 111 111 ARG ARG A . n 
A 1 112 ASP 112 112 112 ASP ASP A . n 
A 1 113 MET 113 113 113 MET MET A . n 
A 1 114 THR 114 114 114 THR THR A . n 
A 1 115 PHE 115 115 115 PHE PHE A . n 
A 1 116 LYS 116 116 116 LYS LYS A . n 
A 1 117 GLU 117 117 117 GLU GLU A . n 
A 1 118 TYR 118 118 118 TYR TYR A . n 
A 1 119 ILE 119 119 119 ILE ILE A . n 
A 1 120 LYS 120 120 120 LYS LYS A . n 
A 1 121 SER 121 121 121 SER SER A . n 
A 1 122 THR 122 122 122 THR THR A . n 
A 1 123 LYS 123 123 123 LYS LYS A . n 
A 1 124 THR 124 124 124 THR THR A . n 
A 1 125 PRO 125 125 125 PRO PRO A . n 
A 1 126 ARG 126 126 126 ARG ARG A . n 
A 1 127 GLU 127 127 127 GLU GLU A . n 
A 1 128 LEU 128 128 128 LEU LEU A . n 
A 1 129 ALA 129 129 129 ALA ALA A . n 
A 1 130 MET 130 130 130 MET MET A . n 
A 1 131 ILE 131 131 131 ILE ILE A . n 
A 1 132 PHE 132 132 132 PHE PHE A . n 
A 1 133 LEU 133 133 133 LEU LEU A . n 
A 1 134 ALA 134 134 134 ALA ALA A . n 
A 1 135 SER 135 135 135 SER SER A . n 
A 1 136 TYR 136 136 136 TYR TYR A . n 
A 1 137 GLU 137 137 137 GLU GLU A . n 
A 1 138 ARG 138 138 138 ARG ARG A . n 
A 1 139 PRO 139 139 139 PRO PRO A . n 
A 1 140 ALA 140 140 140 ALA ALA A . n 
A 1 141 ASN 141 141 141 ASN ASN A . n 
A 1 142 PRO 142 142 142 PRO PRO A . n 
A 1 143 ASN 143 143 143 ASN ASN A . n 
A 1 144 GLN 144 144 144 GLN GLN A . n 
A 1 145 PRO 145 145 145 PRO PRO A . n 
A 1 146 GLU 146 146 146 GLU GLU A . n 
A 1 147 ARG 147 147 147 ARG ARG A . n 
A 1 148 GLY 148 148 148 GLY GLY A . n 
A 1 149 ASP 149 149 149 ASP ASP A . n 
A 1 150 GLN 150 150 150 GLN GLN A . n 
A 1 151 ALA 151 151 151 ALA ALA A . n 
A 1 152 GLU 152 152 152 GLU GLU A . n 
A 1 153 TYR 153 153 153 TYR TYR A . n 
A 1 154 TRP 154 154 154 TRP TRP A . n 
A 1 155 TYR 155 155 155 TYR TYR A . n 
A 1 156 LYS 156 156 156 LYS LYS A . n 
A 1 157 ASN 157 157 157 ASN ASN A . n 
A 1 158 LEU 158 158 158 LEU LEU A . n 
A 1 159 SER 159 159 159 SER SER A . n 
# 
loop_
_pdbx_branch_scheme.asym_id 
_pdbx_branch_scheme.entity_id 
_pdbx_branch_scheme.mon_id 
_pdbx_branch_scheme.num 
_pdbx_branch_scheme.pdb_asym_id 
_pdbx_branch_scheme.pdb_mon_id 
_pdbx_branch_scheme.pdb_seq_num 
_pdbx_branch_scheme.auth_asym_id 
_pdbx_branch_scheme.auth_mon_id 
_pdbx_branch_scheme.auth_seq_num 
_pdbx_branch_scheme.hetero 
B 2 NAG 1 B NAG 1 B NAG 201 n 
B 2 NAG 2 B NAG 2 B NAG 202 n 
B 2 NAG 3 B NAG 3 B NAG 203 n 
B 2 NAG 4 B NAG 4 B NAG 204 n 
# 
loop_
_pdbx_nonpoly_scheme.asym_id 
_pdbx_nonpoly_scheme.entity_id 
_pdbx_nonpoly_scheme.mon_id 
_pdbx_nonpoly_scheme.ndb_seq_num 
_pdbx_nonpoly_scheme.pdb_seq_num 
_pdbx_nonpoly_scheme.auth_seq_num 
_pdbx_nonpoly_scheme.pdb_mon_id 
_pdbx_nonpoly_scheme.auth_mon_id 
_pdbx_nonpoly_scheme.pdb_strand_id 
_pdbx_nonpoly_scheme.pdb_ins_code 
C 3 HOH 1   205 1   HOH HOH A . 
C 3 HOH 2   206 2   HOH HOH A . 
C 3 HOH 3   207 3   HOH HOH A . 
C 3 HOH 4   208 4   HOH HOH A . 
C 3 HOH 5   209 5   HOH HOH A . 
C 3 HOH 6   210 6   HOH HOH A . 
C 3 HOH 7   211 7   HOH HOH A . 
C 3 HOH 8   212 8   HOH HOH A . 
C 3 HOH 9   213 9   HOH HOH A . 
C 3 HOH 10  214 10  HOH HOH A . 
C 3 HOH 11  215 11  HOH HOH A . 
C 3 HOH 12  216 12  HOH HOH A . 
C 3 HOH 13  217 13  HOH HOH A . 
C 3 HOH 14  218 14  HOH HOH A . 
C 3 HOH 15  219 15  HOH HOH A . 
C 3 HOH 16  220 16  HOH HOH A . 
C 3 HOH 17  221 17  HOH HOH A . 
C 3 HOH 18  222 18  HOH HOH A . 
C 3 HOH 19  223 19  HOH HOH A . 
C 3 HOH 20  224 20  HOH HOH A . 
C 3 HOH 21  225 21  HOH HOH A . 
C 3 HOH 22  226 22  HOH HOH A . 
C 3 HOH 23  227 23  HOH HOH A . 
C 3 HOH 24  228 24  HOH HOH A . 
C 3 HOH 25  229 25  HOH HOH A . 
C 3 HOH 26  230 26  HOH HOH A . 
C 3 HOH 27  231 27  HOH HOH A . 
C 3 HOH 28  232 28  HOH HOH A . 
C 3 HOH 29  233 29  HOH HOH A . 
C 3 HOH 30  234 30  HOH HOH A . 
C 3 HOH 31  235 31  HOH HOH A . 
C 3 HOH 32  236 32  HOH HOH A . 
C 3 HOH 33  237 33  HOH HOH A . 
C 3 HOH 34  238 34  HOH HOH A . 
C 3 HOH 35  239 35  HOH HOH A . 
C 3 HOH 36  240 36  HOH HOH A . 
C 3 HOH 37  241 37  HOH HOH A . 
C 3 HOH 38  242 38  HOH HOH A . 
C 3 HOH 39  243 39  HOH HOH A . 
C 3 HOH 40  244 40  HOH HOH A . 
C 3 HOH 41  245 41  HOH HOH A . 
C 3 HOH 42  246 42  HOH HOH A . 
C 3 HOH 43  247 43  HOH HOH A . 
C 3 HOH 44  248 44  HOH HOH A . 
C 3 HOH 45  249 45  HOH HOH A . 
C 3 HOH 46  250 46  HOH HOH A . 
C 3 HOH 47  251 47  HOH HOH A . 
C 3 HOH 48  252 49  HOH HOH A . 
C 3 HOH 49  253 50  HOH HOH A . 
C 3 HOH 50  254 51  HOH HOH A . 
C 3 HOH 51  255 52  HOH HOH A . 
C 3 HOH 52  256 53  HOH HOH A . 
C 3 HOH 53  257 54  HOH HOH A . 
C 3 HOH 54  258 55  HOH HOH A . 
C 3 HOH 55  259 56  HOH HOH A . 
C 3 HOH 56  260 57  HOH HOH A . 
C 3 HOH 57  261 58  HOH HOH A . 
C 3 HOH 58  262 59  HOH HOH A . 
C 3 HOH 59  263 60  HOH HOH A . 
C 3 HOH 60  264 61  HOH HOH A . 
C 3 HOH 61  265 64  HOH HOH A . 
C 3 HOH 62  266 65  HOH HOH A . 
C 3 HOH 63  267 66  HOH HOH A . 
C 3 HOH 64  268 67  HOH HOH A . 
C 3 HOH 65  269 68  HOH HOH A . 
C 3 HOH 66  270 69  HOH HOH A . 
C 3 HOH 67  271 70  HOH HOH A . 
C 3 HOH 68  272 71  HOH HOH A . 
C 3 HOH 69  273 72  HOH HOH A . 
C 3 HOH 70  274 73  HOH HOH A . 
C 3 HOH 71  275 74  HOH HOH A . 
C 3 HOH 72  276 75  HOH HOH A . 
C 3 HOH 73  277 76  HOH HOH A . 
C 3 HOH 74  278 77  HOH HOH A . 
C 3 HOH 75  279 78  HOH HOH A . 
C 3 HOH 76  280 79  HOH HOH A . 
C 3 HOH 77  281 80  HOH HOH A . 
C 3 HOH 78  282 81  HOH HOH A . 
C 3 HOH 79  283 82  HOH HOH A . 
C 3 HOH 80  284 83  HOH HOH A . 
C 3 HOH 81  285 84  HOH HOH A . 
C 3 HOH 82  286 85  HOH HOH A . 
C 3 HOH 83  287 86  HOH HOH A . 
C 3 HOH 84  288 87  HOH HOH A . 
C 3 HOH 85  289 88  HOH HOH A . 
C 3 HOH 86  290 89  HOH HOH A . 
C 3 HOH 87  291 91  HOH HOH A . 
C 3 HOH 88  292 92  HOH HOH A . 
C 3 HOH 89  293 93  HOH HOH A . 
C 3 HOH 90  294 94  HOH HOH A . 
C 3 HOH 91  295 95  HOH HOH A . 
C 3 HOH 92  296 96  HOH HOH A . 
C 3 HOH 93  297 97  HOH HOH A . 
C 3 HOH 94  298 98  HOH HOH A . 
C 3 HOH 95  299 99  HOH HOH A . 
C 3 HOH 96  300 100 HOH HOH A . 
C 3 HOH 97  301 101 HOH HOH A . 
C 3 HOH 98  302 103 HOH HOH A . 
C 3 HOH 99  303 104 HOH HOH A . 
C 3 HOH 100 304 108 HOH HOH A . 
C 3 HOH 101 305 109 HOH HOH A . 
C 3 HOH 102 306 110 HOH HOH A . 
C 3 HOH 103 307 111 HOH HOH A . 
C 3 HOH 104 308 113 HOH HOH A . 
C 3 HOH 105 309 114 HOH HOH A . 
# 
loop_
_software.name 
_software.classification 
_software.version 
_software.citation_id 
_software.pdbx_ordinal 
REFMAC       refinement        5.2.0019 ? 1 
CrystalClear 'data collection' .        ? 2 
HKL-2000     'data reduction'  .        ? 3 
HKL-2000     'data scaling'    .        ? 4 
# 
_cell.entry_id           3CT0 
_cell.length_a           30.876 
_cell.length_b           69.350 
_cell.length_c           70.728 
_cell.angle_alpha        90.00 
_cell.angle_beta         90.00 
_cell.angle_gamma        90.00 
_cell.Z_PDB              4 
_cell.pdbx_unique_axis   ? 
_cell.length_a_esd       ? 
_cell.length_b_esd       ? 
_cell.length_c_esd       ? 
_cell.angle_alpha_esd    ? 
_cell.angle_beta_esd     ? 
_cell.angle_gamma_esd    ? 
# 
_symmetry.entry_id                         3CT0 
_symmetry.space_group_name_H-M             'P 21 21 21' 
_symmetry.pdbx_full_space_group_name_H-M   ? 
_symmetry.cell_setting                     ? 
_symmetry.Int_Tables_number                19 
_symmetry.space_group_name_Hall            ? 
# 
_exptl.entry_id          3CT0 
_exptl.method            'X-RAY DIFFRACTION' 
_exptl.crystals_number   1 
# 
_exptl_crystal.id                    1 
_exptl_crystal.density_meas          ? 
_exptl_crystal.density_Matthews      2.05 
_exptl_crystal.density_percent_sol   40.09 
_exptl_crystal.description           ? 
_exptl_crystal.F_000                 ? 
_exptl_crystal.preparation           ? 
# 
_exptl_crystal_grow.crystal_id      1 
_exptl_crystal_grow.method          'VAPOR DIFFUSION, SITTING DROP' 
_exptl_crystal_grow.temp            293 
_exptl_crystal_grow.temp_details    ? 
_exptl_crystal_grow.pH              8.0 
_exptl_crystal_grow.pdbx_details    
'20% PEG4000, 100mM Tris-HCl, 10% glycerol, 10mM NAG4, pH 8.0, VAPOR DIFFUSION, SITTING DROP, temperature 293K' 
_exptl_crystal_grow.pdbx_pH_range   . 
# 
_diffrn.id                     1 
_diffrn.ambient_temp           100 
_diffrn.ambient_temp_details   ? 
_diffrn.crystal_id             1 
# 
_diffrn_detector.diffrn_id              1 
_diffrn_detector.detector               'IMAGE PLATE' 
_diffrn_detector.type                   'RIGAKU RAXIS IV' 
_diffrn_detector.pdbx_collection_date   ? 
_diffrn_detector.details                mirrors 
# 
_diffrn_radiation.diffrn_id                        1 
_diffrn_radiation.wavelength_id                    1 
_diffrn_radiation.pdbx_monochromatic_or_laue_m_l   M 
_diffrn_radiation.monochromator                    GRAPHITE 
_diffrn_radiation.pdbx_diffrn_protocol             'SINGLE WAVELENGTH' 
_diffrn_radiation.pdbx_scattering_type             x-ray 
# 
_diffrn_radiation_wavelength.id           1 
_diffrn_radiation_wavelength.wavelength   1.5418 
_diffrn_radiation_wavelength.wt           1.0 
# 
_diffrn_source.diffrn_id                   1 
_diffrn_source.source                      'ROTATING ANODE' 
_diffrn_source.type                        RIGAKU 
_diffrn_source.pdbx_synchrotron_site       ? 
_diffrn_source.pdbx_synchrotron_beamline   ? 
_diffrn_source.pdbx_wavelength             1.5418 
_diffrn_source.pdbx_wavelength_list        ? 
# 
_reflns.entry_id                     3CT0 
_reflns.observed_criterion_sigma_F   ? 
_reflns.observed_criterion_sigma_I   ? 
_reflns.d_resolution_high            1.77 
_reflns.d_resolution_low             22.1 
_reflns.number_all                   ? 
_reflns.number_obs                   14874 
_reflns.percent_possible_obs         97.4 
_reflns.pdbx_Rmerge_I_obs            0.035 
_reflns.pdbx_Rsym_value              3.5 
_reflns.pdbx_netI_over_sigmaI        35.6 
_reflns.B_iso_Wilson_estimate        ? 
_reflns.pdbx_redundancy              ? 
_reflns.R_free_details               ? 
_reflns.limit_h_max                  ? 
_reflns.limit_h_min                  ? 
_reflns.limit_k_max                  ? 
_reflns.limit_k_min                  ? 
_reflns.limit_l_max                  ? 
_reflns.limit_l_min                  ? 
_reflns.observed_criterion_F_max     ? 
_reflns.observed_criterion_F_min     ? 
_reflns.pdbx_chi_squared             ? 
_reflns.pdbx_scaling_rejects         ? 
_reflns.pdbx_ordinal                 1 
_reflns.pdbx_diffrn_id               1 
# 
_reflns_shell.d_res_high             1.77 
_reflns_shell.d_res_low              1.83 
_reflns_shell.percent_possible_all   89.6 
_reflns_shell.Rmerge_I_obs           0.171 
_reflns_shell.pdbx_Rsym_value        17.1 
_reflns_shell.meanI_over_sigI_obs    9.9 
_reflns_shell.pdbx_redundancy        ? 
_reflns_shell.percent_possible_obs   ? 
_reflns_shell.number_unique_all      ? 
_reflns_shell.number_measured_all    ? 
_reflns_shell.number_measured_obs    ? 
_reflns_shell.number_unique_obs      ? 
_reflns_shell.pdbx_chi_squared       ? 
_reflns_shell.pdbx_ordinal           1 
_reflns_shell.pdbx_diffrn_id         1 
# 
_refine.entry_id                                 3CT0 
_refine.ls_number_reflns_obs                     13365 
_refine.ls_number_reflns_all                     ? 
_refine.pdbx_ls_sigma_I                          ? 
_refine.pdbx_ls_sigma_F                          ? 
_refine.pdbx_data_cutoff_high_absF               ? 
_refine.pdbx_data_cutoff_low_absF                ? 
_refine.pdbx_data_cutoff_high_rms_absF           ? 
_refine.ls_d_res_low                             22.05 
_refine.ls_d_res_high                            1.77 
_refine.ls_percent_reflns_obs                    98.69 
_refine.ls_R_factor_obs                          0.19934 
_refine.ls_R_factor_all                          ? 
_refine.ls_R_factor_R_work                       0.19482 
_refine.ls_R_factor_R_free                       0.23811 
_refine.ls_R_factor_R_free_error                 ? 
_refine.ls_R_factor_R_free_error_details         ? 
_refine.ls_percent_reflns_R_free                 10.1 
_refine.ls_number_reflns_R_free                  1509 
_refine.ls_number_parameters                     ? 
_refine.ls_number_restraints                     ? 
_refine.occupancy_min                            ? 
_refine.occupancy_max                            ? 
_refine.correlation_coeff_Fo_to_Fc               0.954 
_refine.correlation_coeff_Fo_to_Fc_free          0.933 
_refine.B_iso_mean                               29.084 
_refine.aniso_B[1][1]                            0.08 
_refine.aniso_B[2][2]                            -0.52 
_refine.aniso_B[3][3]                            0.44 
_refine.aniso_B[1][2]                            0.00 
_refine.aniso_B[1][3]                            0.00 
_refine.aniso_B[2][3]                            0.00 
_refine.solvent_model_details                    'BABINET MODEL WITH MASK' 
_refine.solvent_model_param_ksol                 ? 
_refine.solvent_model_param_bsol                 ? 
_refine.pdbx_solvent_vdw_probe_radii             1.40 
_refine.pdbx_solvent_ion_probe_radii             0.80 
_refine.pdbx_solvent_shrinkage_radii             0.80 
_refine.pdbx_ls_cross_valid_method               THROUGHOUT 
_refine.details                                  ? 
_refine.pdbx_starting_model                      ? 
_refine.pdbx_method_to_determine_struct          'FOURIER SYNTHESIS' 
_refine.pdbx_isotropic_thermal_model             ? 
_refine.pdbx_stereochemistry_target_values       'MAXIMUM LIKELIHOOD' 
_refine.pdbx_stereochem_target_val_spec_case     ? 
_refine.pdbx_R_Free_selection_details            RANDOM 
_refine.pdbx_overall_ESU_R                       0.158 
_refine.pdbx_overall_ESU_R_Free                  0.145 
_refine.overall_SU_ML                            0.099 
_refine.overall_SU_B                             6.315 
_refine.ls_redundancy_reflns_obs                 ? 
_refine.B_iso_min                                ? 
_refine.B_iso_max                                ? 
_refine.overall_SU_R_Cruickshank_DPI             ? 
_refine.overall_SU_R_free                        ? 
_refine.ls_wR_factor_R_free                      ? 
_refine.ls_wR_factor_R_work                      ? 
_refine.overall_FOM_free_R_set                   ? 
_refine.overall_FOM_work_R_set                   ? 
_refine.pdbx_overall_phase_error                 ? 
_refine.pdbx_refine_id                           'X-RAY DIFFRACTION' 
_refine.pdbx_TLS_residual_ADP_flag               'LIKELY RESIDUAL' 
_refine.pdbx_diffrn_id                           1 
_refine.pdbx_overall_SU_R_free_Cruickshank_DPI   ? 
_refine.pdbx_overall_SU_R_Blow_DPI               ? 
_refine.pdbx_overall_SU_R_free_Blow_DPI          ? 
# 
_refine_hist.pdbx_refine_id                   'X-RAY DIFFRACTION' 
_refine_hist.cycle_id                         LAST 
_refine_hist.pdbx_number_atoms_protein        1296 
_refine_hist.pdbx_number_atoms_nucleic_acid   0 
_refine_hist.pdbx_number_atoms_ligand         57 
_refine_hist.number_atoms_solvent             105 
_refine_hist.number_atoms_total               1458 
_refine_hist.d_res_high                       1.77 
_refine_hist.d_res_low                        22.05 
# 
loop_
_refine_ls_restr.type 
_refine_ls_restr.dev_ideal 
_refine_ls_restr.dev_ideal_target 
_refine_ls_restr.weight 
_refine_ls_restr.number 
_refine_ls_restr.pdbx_refine_id 
_refine_ls_restr.pdbx_restraint_function 
r_bond_refined_d             0.015  0.022  ? 1389 'X-RAY DIFFRACTION' ? 
r_bond_other_d               ?      ?      ? ?    'X-RAY DIFFRACTION' ? 
r_angle_refined_deg          1.544  1.982  ? 1892 'X-RAY DIFFRACTION' ? 
r_angle_other_deg            ?      ?      ? ?    'X-RAY DIFFRACTION' ? 
r_dihedral_angle_1_deg       6.313  5.000  ? 158  'X-RAY DIFFRACTION' ? 
r_dihedral_angle_2_deg       35.062 25.522 ? 67   'X-RAY DIFFRACTION' ? 
r_dihedral_angle_3_deg       12.650 15.000 ? 229  'X-RAY DIFFRACTION' ? 
r_dihedral_angle_4_deg       20.166 15.000 ? 5    'X-RAY DIFFRACTION' ? 
r_chiral_restr               0.095  0.200  ? 206  'X-RAY DIFFRACTION' ? 
r_gen_planes_refined         0.007  0.020  ? 1044 'X-RAY DIFFRACTION' ? 
r_gen_planes_other           ?      ?      ? ?    'X-RAY DIFFRACTION' ? 
r_nbd_refined                0.237  0.200  ? 744  'X-RAY DIFFRACTION' ? 
r_nbd_other                  ?      ?      ? ?    'X-RAY DIFFRACTION' ? 
r_nbtor_refined              0.313  0.200  ? 975  'X-RAY DIFFRACTION' ? 
r_nbtor_other                ?      ?      ? ?    'X-RAY DIFFRACTION' ? 
r_xyhbond_nbd_refined        0.175  0.200  ? 104  'X-RAY DIFFRACTION' ? 
r_xyhbond_nbd_other          ?      ?      ? ?    'X-RAY DIFFRACTION' ? 
r_metal_ion_refined          ?      ?      ? ?    'X-RAY DIFFRACTION' ? 
r_metal_ion_other            ?      ?      ? ?    'X-RAY DIFFRACTION' ? 
r_symmetry_vdw_refined       0.200  0.200  ? 32   'X-RAY DIFFRACTION' ? 
r_symmetry_vdw_other         ?      ?      ? ?    'X-RAY DIFFRACTION' ? 
r_symmetry_hbond_refined     0.206  0.200  ? 9    'X-RAY DIFFRACTION' ? 
r_symmetry_hbond_other       ?      ?      ? ?    'X-RAY DIFFRACTION' ? 
r_symmetry_metal_ion_refined ?      ?      ? ?    'X-RAY DIFFRACTION' ? 
r_symmetry_metal_ion_other   ?      ?      ? ?    'X-RAY DIFFRACTION' ? 
r_mcbond_it                  0.782  1.500  ? 819  'X-RAY DIFFRACTION' ? 
r_mcbond_other               ?      ?      ? ?    'X-RAY DIFFRACTION' ? 
r_mcangle_it                 1.117  2.000  ? 1278 'X-RAY DIFFRACTION' ? 
r_scbond_it                  1.898  3.000  ? 681  'X-RAY DIFFRACTION' ? 
r_scangle_it                 2.440  4.500  ? 614  'X-RAY DIFFRACTION' ? 
r_rigid_bond_restr           ?      ?      ? ?    'X-RAY DIFFRACTION' ? 
r_sphericity_free            ?      ?      ? ?    'X-RAY DIFFRACTION' ? 
r_sphericity_bonded          ?      ?      ? ?    'X-RAY DIFFRACTION' ? 
# 
_refine_ls_shell.pdbx_total_number_of_bins_used   20 
_refine_ls_shell.d_res_high                       1.77 
_refine_ls_shell.d_res_low                        1.817 
_refine_ls_shell.number_reflns_R_work             898 
_refine_ls_shell.R_factor_R_work                  0.291 
_refine_ls_shell.percent_reflns_obs               96.77 
_refine_ls_shell.R_factor_R_free                  0.334 
_refine_ls_shell.R_factor_R_free_error            ? 
_refine_ls_shell.percent_reflns_R_free            ? 
_refine_ls_shell.number_reflns_R_free             92 
_refine_ls_shell.number_reflns_all                ? 
_refine_ls_shell.R_factor_all                     ? 
_refine_ls_shell.number_reflns_obs                ? 
_refine_ls_shell.redundancy_reflns_obs            ? 
_refine_ls_shell.pdbx_refine_id                   'X-RAY DIFFRACTION' 
# 
_struct.entry_id                  3CT0 
_struct.title                     
'Crystal and cryoEM structural studies of a cell wall degrading enzyme in the bacteriophage phi29 tail' 
_struct.pdbx_model_details        ? 
_struct.pdbx_CASP_flag            ? 
_struct.pdbx_model_type_details   ? 
# 
_struct_keywords.entry_id        3CT0 
_struct_keywords.pdbx_keywords   HYDROLASE 
_struct_keywords.text            'Cell wall, phi29, hydrolase, infection, Late protein' 
# 
loop_
_struct_asym.id 
_struct_asym.pdbx_blank_PDB_chainid_flag 
_struct_asym.pdbx_modified 
_struct_asym.entity_id 
_struct_asym.details 
A N N 1 ? 
B N N 2 ? 
C N N 3 ? 
# 
_struct_ref.id                         1 
_struct_ref.db_name                    UNP 
_struct_ref.db_code                    VG13_BPPH2 
_struct_ref.pdbx_db_accession          P15132 
_struct_ref.entity_id                  1 
_struct_ref.pdbx_seq_one_letter_code   
;MVYVSNKYLTMSEMKVNAQYILNYLSSNGWTKQAICGMLGNMQSESTINPGLWQNLDEGNTSLGFGLVQWTPASNYINWA
NSQGLPYKDMDSELKRIIWEVNNNAQWINLRDMTFKEYIKSTKTPRELAMIFLASYERPANPNQPERGDQAEYWYKNLS
;
_struct_ref.pdbx_align_begin           1 
_struct_ref.pdbx_db_isoform            ? 
# 
_struct_ref_seq.align_id                      1 
_struct_ref_seq.ref_id                        1 
_struct_ref_seq.pdbx_PDB_id_code              3CT0 
_struct_ref_seq.pdbx_strand_id                A 
_struct_ref_seq.seq_align_beg                 1 
_struct_ref_seq.pdbx_seq_align_beg_ins_code   ? 
_struct_ref_seq.seq_align_end                 159 
_struct_ref_seq.pdbx_seq_align_end_ins_code   ? 
_struct_ref_seq.pdbx_db_accession             P15132 
_struct_ref_seq.db_align_beg                  1 
_struct_ref_seq.pdbx_db_align_beg_ins_code    ? 
_struct_ref_seq.db_align_end                  159 
_struct_ref_seq.pdbx_db_align_end_ins_code    ? 
_struct_ref_seq.pdbx_auth_seq_align_beg       1 
_struct_ref_seq.pdbx_auth_seq_align_end       159 
# 
_struct_ref_seq_dif.align_id                     1 
_struct_ref_seq_dif.pdbx_pdb_id_code             3CT0 
_struct_ref_seq_dif.mon_id                       ASN 
_struct_ref_seq_dif.pdbx_pdb_strand_id           A 
_struct_ref_seq_dif.seq_num                      89 
_struct_ref_seq_dif.pdbx_pdb_ins_code            ? 
_struct_ref_seq_dif.pdbx_seq_db_name             UNP 
_struct_ref_seq_dif.pdbx_seq_db_accession_code   P15132 
_struct_ref_seq_dif.db_mon_id                    ASP 
_struct_ref_seq_dif.pdbx_seq_db_seq_num          89 
_struct_ref_seq_dif.details                      'SEE REMARK 999' 
_struct_ref_seq_dif.pdbx_auth_seq_num            89 
_struct_ref_seq_dif.pdbx_ordinal                 1 
# 
_pdbx_struct_assembly.id                   1 
_pdbx_struct_assembly.details              author_and_software_defined_assembly 
_pdbx_struct_assembly.method_details       PISA 
_pdbx_struct_assembly.oligomeric_details   monomeric 
_pdbx_struct_assembly.oligomeric_count     1 
# 
_pdbx_struct_assembly_gen.assembly_id       1 
_pdbx_struct_assembly_gen.oper_expression   1 
_pdbx_struct_assembly_gen.asym_id_list      A,B,C 
# 
_pdbx_struct_oper_list.id                   1 
_pdbx_struct_oper_list.type                 'identity operation' 
_pdbx_struct_oper_list.name                 1_555 
_pdbx_struct_oper_list.symmetry_operation   x,y,z 
_pdbx_struct_oper_list.matrix[1][1]         1.0000000000 
_pdbx_struct_oper_list.matrix[1][2]         0.0000000000 
_pdbx_struct_oper_list.matrix[1][3]         0.0000000000 
_pdbx_struct_oper_list.vector[1]            0.0000000000 
_pdbx_struct_oper_list.matrix[2][1]         0.0000000000 
_pdbx_struct_oper_list.matrix[2][2]         1.0000000000 
_pdbx_struct_oper_list.matrix[2][3]         0.0000000000 
_pdbx_struct_oper_list.vector[2]            0.0000000000 
_pdbx_struct_oper_list.matrix[3][1]         0.0000000000 
_pdbx_struct_oper_list.matrix[3][2]         0.0000000000 
_pdbx_struct_oper_list.matrix[3][3]         1.0000000000 
_pdbx_struct_oper_list.vector[3]            0.0000000000 
# 
_struct_biol.id        1 
_struct_biol.details   ? 
# 
loop_
_struct_conf.conf_type_id 
_struct_conf.id 
_struct_conf.pdbx_PDB_helix_id 
_struct_conf.beg_label_comp_id 
_struct_conf.beg_label_asym_id 
_struct_conf.beg_label_seq_id 
_struct_conf.pdbx_beg_PDB_ins_code 
_struct_conf.end_label_comp_id 
_struct_conf.end_label_asym_id 
_struct_conf.end_label_seq_id 
_struct_conf.pdbx_end_PDB_ins_code 
_struct_conf.beg_auth_comp_id 
_struct_conf.beg_auth_asym_id 
_struct_conf.beg_auth_seq_id 
_struct_conf.end_auth_comp_id 
_struct_conf.end_auth_asym_id 
_struct_conf.end_auth_seq_id 
_struct_conf.pdbx_PDB_helix_class 
_struct_conf.details 
_struct_conf.pdbx_PDB_helix_length 
HELX_P HELX_P1 1 THR A 10  ? ASN A 28  ? THR A 10  ASN A 28  1 ? 19 
HELX_P HELX_P2 2 THR A 31  ? THR A 47  ? THR A 31  THR A 47  1 ? 17 
HELX_P HELX_P3 3 TRP A 53  ? ASP A 57  ? TRP A 53  ASP A 57  5 ? 5  
HELX_P HELX_P4 4 PRO A 72  ? GLY A 84  ? PRO A 72  GLY A 84  1 ? 13 
HELX_P HELX_P5 5 ASN A 89  ? ASN A 104 ? ASN A 89  ASN A 104 1 ? 16 
HELX_P HELX_P6 6 THR A 114 ? LYS A 120 ? THR A 114 LYS A 120 1 ? 7  
HELX_P HELX_P7 7 THR A 124 ? TYR A 136 ? THR A 124 TYR A 136 1 ? 13 
HELX_P HELX_P8 8 PRO A 145 ? LEU A 158 ? PRO A 145 LEU A 158 1 ? 14 
# 
_struct_conf_type.id          HELX_P 
_struct_conf_type.criteria    ? 
_struct_conf_type.reference   ? 
# 
loop_
_struct_conn.id 
_struct_conn.conn_type_id 
_struct_conn.pdbx_leaving_atom_flag 
_struct_conn.pdbx_PDB_id 
_struct_conn.ptnr1_label_asym_id 
_struct_conn.ptnr1_label_comp_id 
_struct_conn.ptnr1_label_seq_id 
_struct_conn.ptnr1_label_atom_id 
_struct_conn.pdbx_ptnr1_label_alt_id 
_struct_conn.pdbx_ptnr1_PDB_ins_code 
_struct_conn.pdbx_ptnr1_standard_comp_id 
_struct_conn.ptnr1_symmetry 
_struct_conn.ptnr2_label_asym_id 
_struct_conn.ptnr2_label_comp_id 
_struct_conn.ptnr2_label_seq_id 
_struct_conn.ptnr2_label_atom_id 
_struct_conn.pdbx_ptnr2_label_alt_id 
_struct_conn.pdbx_ptnr2_PDB_ins_code 
_struct_conn.ptnr1_auth_asym_id 
_struct_conn.ptnr1_auth_comp_id 
_struct_conn.ptnr1_auth_seq_id 
_struct_conn.ptnr2_auth_asym_id 
_struct_conn.ptnr2_auth_comp_id 
_struct_conn.ptnr2_auth_seq_id 
_struct_conn.ptnr2_symmetry 
_struct_conn.pdbx_ptnr3_label_atom_id 
_struct_conn.pdbx_ptnr3_label_seq_id 
_struct_conn.pdbx_ptnr3_label_comp_id 
_struct_conn.pdbx_ptnr3_label_asym_id 
_struct_conn.pdbx_ptnr3_label_alt_id 
_struct_conn.pdbx_ptnr3_PDB_ins_code 
_struct_conn.details 
_struct_conn.pdbx_dist_value 
_struct_conn.pdbx_value_order 
_struct_conn.pdbx_role 
covale1 covale both ? B NAG . O4 ? ? ? 1_555 B NAG . C1 ? ? B NAG 1 B NAG 2 1_555 ? ? ? ? ? ? ? 1.449 ? ? 
covale2 covale both ? B NAG . O4 ? ? ? 1_555 B NAG . C1 ? ? B NAG 2 B NAG 3 1_555 ? ? ? ? ? ? ? 1.451 ? ? 
covale3 covale both ? B NAG . O4 ? ? ? 1_555 B NAG . C1 ? ? B NAG 3 B NAG 4 1_555 ? ? ? ? ? ? ? 1.454 ? ? 
# 
_struct_conn_type.id          covale 
_struct_conn_type.criteria    ? 
_struct_conn_type.reference   ? 
# 
_struct_mon_prot_cis.pdbx_id                1 
_struct_mon_prot_cis.label_comp_id          THR 
_struct_mon_prot_cis.label_seq_id           71 
_struct_mon_prot_cis.label_asym_id          A 
_struct_mon_prot_cis.label_alt_id           . 
_struct_mon_prot_cis.pdbx_PDB_ins_code      ? 
_struct_mon_prot_cis.auth_comp_id           THR 
_struct_mon_prot_cis.auth_seq_id            71 
_struct_mon_prot_cis.auth_asym_id           A 
_struct_mon_prot_cis.pdbx_label_comp_id_2   PRO 
_struct_mon_prot_cis.pdbx_label_seq_id_2    72 
_struct_mon_prot_cis.pdbx_label_asym_id_2   A 
_struct_mon_prot_cis.pdbx_PDB_ins_code_2    ? 
_struct_mon_prot_cis.pdbx_auth_comp_id_2    PRO 
_struct_mon_prot_cis.pdbx_auth_seq_id_2     72 
_struct_mon_prot_cis.pdbx_auth_asym_id_2    A 
_struct_mon_prot_cis.pdbx_PDB_model_num     1 
_struct_mon_prot_cis.pdbx_omega_angle       -9.26 
# 
_pdbx_validate_close_contact.id               1 
_pdbx_validate_close_contact.PDB_model_num    1 
_pdbx_validate_close_contact.auth_atom_id_1   O 
_pdbx_validate_close_contact.auth_asym_id_1   A 
_pdbx_validate_close_contact.auth_comp_id_1   ASN 
_pdbx_validate_close_contact.auth_seq_id_1    143 
_pdbx_validate_close_contact.PDB_ins_code_1   ? 
_pdbx_validate_close_contact.label_alt_id_1   ? 
_pdbx_validate_close_contact.auth_atom_id_2   O 
_pdbx_validate_close_contact.auth_asym_id_2   A 
_pdbx_validate_close_contact.auth_comp_id_2   HOH 
_pdbx_validate_close_contact.auth_seq_id_2    295 
_pdbx_validate_close_contact.PDB_ins_code_2   ? 
_pdbx_validate_close_contact.label_alt_id_2   ? 
_pdbx_validate_close_contact.dist             2.15 
# 
loop_
_pdbx_validate_torsion.id 
_pdbx_validate_torsion.PDB_model_num 
_pdbx_validate_torsion.auth_comp_id 
_pdbx_validate_torsion.auth_asym_id 
_pdbx_validate_torsion.auth_seq_id 
_pdbx_validate_torsion.PDB_ins_code 
_pdbx_validate_torsion.label_alt_id 
_pdbx_validate_torsion.phi 
_pdbx_validate_torsion.psi 
1 1 ASN A 55  ? ? 58.11   15.89   
2 1 LEU A 63  ? ? -111.30 -166.65 
3 1 GLN A 106 ? ? 75.73   -47.09  
4 1 GLN A 144 ? ? -115.73 68.24   
# 
loop_
_pdbx_refine_tls.id 
_pdbx_refine_tls.details 
_pdbx_refine_tls.method 
_pdbx_refine_tls.origin_x 
_pdbx_refine_tls.origin_y 
_pdbx_refine_tls.origin_z 
_pdbx_refine_tls.T[1][1] 
_pdbx_refine_tls.T[2][2] 
_pdbx_refine_tls.T[3][3] 
_pdbx_refine_tls.T[1][2] 
_pdbx_refine_tls.T[1][3] 
_pdbx_refine_tls.T[2][3] 
_pdbx_refine_tls.L[1][1] 
_pdbx_refine_tls.L[2][2] 
_pdbx_refine_tls.L[3][3] 
_pdbx_refine_tls.L[1][2] 
_pdbx_refine_tls.L[1][3] 
_pdbx_refine_tls.L[2][3] 
_pdbx_refine_tls.S[1][1] 
_pdbx_refine_tls.S[1][2] 
_pdbx_refine_tls.S[1][3] 
_pdbx_refine_tls.S[2][1] 
_pdbx_refine_tls.S[2][2] 
_pdbx_refine_tls.S[2][3] 
_pdbx_refine_tls.S[3][1] 
_pdbx_refine_tls.S[3][2] 
_pdbx_refine_tls.S[3][3] 
_pdbx_refine_tls.pdbx_refine_id 
1 ? refined 0.0078  -0.0008 0.0714   -0.1343 -0.1721 -0.1657 -0.0117 -0.0341 0.0078  2.8665 1.2801  2.9112  -0.1928 -1.2634 -0.3876 0.1194 -0.0003 -0.0670 0.0233  -0.1586 -0.0102 -0.3296 0.1920  0.0393  'X-RAY DIFFRACTION' 
2 ? refined -1.8166 -4.5723 -14.1954 0.2680  0.1509  0.1045  0.1044  0.0552  -0.0572 8.8932 26.2963 28.3052 -0.6381 -6.4256 14.7601 0.9573 1.1240  -0.4570 -2.6760 -0.6774 -1.2222 -0.0853 -1.4499 -0.2799 'X-RAY DIFFRACTION' 
# 
loop_
_pdbx_refine_tls_group.id 
_pdbx_refine_tls_group.refine_tls_id 
_pdbx_refine_tls_group.beg_auth_asym_id 
_pdbx_refine_tls_group.beg_auth_seq_id 
_pdbx_refine_tls_group.beg_label_asym_id 
_pdbx_refine_tls_group.beg_label_seq_id 
_pdbx_refine_tls_group.end_auth_asym_id 
_pdbx_refine_tls_group.end_auth_seq_id 
_pdbx_refine_tls_group.end_label_asym_id 
_pdbx_refine_tls_group.end_label_seq_id 
_pdbx_refine_tls_group.selection 
_pdbx_refine_tls_group.pdbx_refine_id 
_pdbx_refine_tls_group.selection_details 
1 1 A 1   A 1 A 159 A 159 ? 'X-RAY DIFFRACTION' ? 
2 2 A 201 B 1 A 204 B 4   ? 'X-RAY DIFFRACTION' ? 
# 
_pdbx_entry_details.sequence_details         
'AUTORS STATE THAT RESIDUE 89 SHOULD BE ASN ACCORDING TO THEIR SEQUENCING RESULTS OF THE GENE.' 
_pdbx_entry_details.entry_id                 3CT0 
_pdbx_entry_details.compound_details         ? 
_pdbx_entry_details.source_details           ? 
_pdbx_entry_details.nonpolymer_details       ? 
_pdbx_entry_details.has_ligand_of_interest   ? 
# 
loop_
_chem_comp_atom.comp_id 
_chem_comp_atom.atom_id 
_chem_comp_atom.type_symbol 
_chem_comp_atom.pdbx_aromatic_flag 
_chem_comp_atom.pdbx_stereo_config 
_chem_comp_atom.pdbx_ordinal 
ALA N    N N N 1   
ALA CA   C N S 2   
ALA C    C N N 3   
ALA O    O N N 4   
ALA CB   C N N 5   
ALA OXT  O N N 6   
ALA H    H N N 7   
ALA H2   H N N 8   
ALA HA   H N N 9   
ALA HB1  H N N 10  
ALA HB2  H N N 11  
ALA HB3  H N N 12  
ALA HXT  H N N 13  
ARG N    N N N 14  
ARG CA   C N S 15  
ARG C    C N N 16  
ARG O    O N N 17  
ARG CB   C N N 18  
ARG CG   C N N 19  
ARG CD   C N N 20  
ARG NE   N N N 21  
ARG CZ   C N N 22  
ARG NH1  N N N 23  
ARG NH2  N N N 24  
ARG OXT  O N N 25  
ARG H    H N N 26  
ARG H2   H N N 27  
ARG HA   H N N 28  
ARG HB2  H N N 29  
ARG HB3  H N N 30  
ARG HG2  H N N 31  
ARG HG3  H N N 32  
ARG HD2  H N N 33  
ARG HD3  H N N 34  
ARG HE   H N N 35  
ARG HH11 H N N 36  
ARG HH12 H N N 37  
ARG HH21 H N N 38  
ARG HH22 H N N 39  
ARG HXT  H N N 40  
ASN N    N N N 41  
ASN CA   C N S 42  
ASN C    C N N 43  
ASN O    O N N 44  
ASN CB   C N N 45  
ASN CG   C N N 46  
ASN OD1  O N N 47  
ASN ND2  N N N 48  
ASN OXT  O N N 49  
ASN H    H N N 50  
ASN H2   H N N 51  
ASN HA   H N N 52  
ASN HB2  H N N 53  
ASN HB3  H N N 54  
ASN HD21 H N N 55  
ASN HD22 H N N 56  
ASN HXT  H N N 57  
ASP N    N N N 58  
ASP CA   C N S 59  
ASP C    C N N 60  
ASP O    O N N 61  
ASP CB   C N N 62  
ASP CG   C N N 63  
ASP OD1  O N N 64  
ASP OD2  O N N 65  
ASP OXT  O N N 66  
ASP H    H N N 67  
ASP H2   H N N 68  
ASP HA   H N N 69  
ASP HB2  H N N 70  
ASP HB3  H N N 71  
ASP HD2  H N N 72  
ASP HXT  H N N 73  
CYS N    N N N 74  
CYS CA   C N R 75  
CYS C    C N N 76  
CYS O    O N N 77  
CYS CB   C N N 78  
CYS SG   S N N 79  
CYS OXT  O N N 80  
CYS H    H N N 81  
CYS H2   H N N 82  
CYS HA   H N N 83  
CYS HB2  H N N 84  
CYS HB3  H N N 85  
CYS HG   H N N 86  
CYS HXT  H N N 87  
GLN N    N N N 88  
GLN CA   C N S 89  
GLN C    C N N 90  
GLN O    O N N 91  
GLN CB   C N N 92  
GLN CG   C N N 93  
GLN CD   C N N 94  
GLN OE1  O N N 95  
GLN NE2  N N N 96  
GLN OXT  O N N 97  
GLN H    H N N 98  
GLN H2   H N N 99  
GLN HA   H N N 100 
GLN HB2  H N N 101 
GLN HB3  H N N 102 
GLN HG2  H N N 103 
GLN HG3  H N N 104 
GLN HE21 H N N 105 
GLN HE22 H N N 106 
GLN HXT  H N N 107 
GLU N    N N N 108 
GLU CA   C N S 109 
GLU C    C N N 110 
GLU O    O N N 111 
GLU CB   C N N 112 
GLU CG   C N N 113 
GLU CD   C N N 114 
GLU OE1  O N N 115 
GLU OE2  O N N 116 
GLU OXT  O N N 117 
GLU H    H N N 118 
GLU H2   H N N 119 
GLU HA   H N N 120 
GLU HB2  H N N 121 
GLU HB3  H N N 122 
GLU HG2  H N N 123 
GLU HG3  H N N 124 
GLU HE2  H N N 125 
GLU HXT  H N N 126 
GLY N    N N N 127 
GLY CA   C N N 128 
GLY C    C N N 129 
GLY O    O N N 130 
GLY OXT  O N N 131 
GLY H    H N N 132 
GLY H2   H N N 133 
GLY HA2  H N N 134 
GLY HA3  H N N 135 
GLY HXT  H N N 136 
HOH O    O N N 137 
HOH H1   H N N 138 
HOH H2   H N N 139 
ILE N    N N N 140 
ILE CA   C N S 141 
ILE C    C N N 142 
ILE O    O N N 143 
ILE CB   C N S 144 
ILE CG1  C N N 145 
ILE CG2  C N N 146 
ILE CD1  C N N 147 
ILE OXT  O N N 148 
ILE H    H N N 149 
ILE H2   H N N 150 
ILE HA   H N N 151 
ILE HB   H N N 152 
ILE HG12 H N N 153 
ILE HG13 H N N 154 
ILE HG21 H N N 155 
ILE HG22 H N N 156 
ILE HG23 H N N 157 
ILE HD11 H N N 158 
ILE HD12 H N N 159 
ILE HD13 H N N 160 
ILE HXT  H N N 161 
LEU N    N N N 162 
LEU CA   C N S 163 
LEU C    C N N 164 
LEU O    O N N 165 
LEU CB   C N N 166 
LEU CG   C N N 167 
LEU CD1  C N N 168 
LEU CD2  C N N 169 
LEU OXT  O N N 170 
LEU H    H N N 171 
LEU H2   H N N 172 
LEU HA   H N N 173 
LEU HB2  H N N 174 
LEU HB3  H N N 175 
LEU HG   H N N 176 
LEU HD11 H N N 177 
LEU HD12 H N N 178 
LEU HD13 H N N 179 
LEU HD21 H N N 180 
LEU HD22 H N N 181 
LEU HD23 H N N 182 
LEU HXT  H N N 183 
LYS N    N N N 184 
LYS CA   C N S 185 
LYS C    C N N 186 
LYS O    O N N 187 
LYS CB   C N N 188 
LYS CG   C N N 189 
LYS CD   C N N 190 
LYS CE   C N N 191 
LYS NZ   N N N 192 
LYS OXT  O N N 193 
LYS H    H N N 194 
LYS H2   H N N 195 
LYS HA   H N N 196 
LYS HB2  H N N 197 
LYS HB3  H N N 198 
LYS HG2  H N N 199 
LYS HG3  H N N 200 
LYS HD2  H N N 201 
LYS HD3  H N N 202 
LYS HE2  H N N 203 
LYS HE3  H N N 204 
LYS HZ1  H N N 205 
LYS HZ2  H N N 206 
LYS HZ3  H N N 207 
LYS HXT  H N N 208 
MET N    N N N 209 
MET CA   C N S 210 
MET C    C N N 211 
MET O    O N N 212 
MET CB   C N N 213 
MET CG   C N N 214 
MET SD   S N N 215 
MET CE   C N N 216 
MET OXT  O N N 217 
MET H    H N N 218 
MET H2   H N N 219 
MET HA   H N N 220 
MET HB2  H N N 221 
MET HB3  H N N 222 
MET HG2  H N N 223 
MET HG3  H N N 224 
MET HE1  H N N 225 
MET HE2  H N N 226 
MET HE3  H N N 227 
MET HXT  H N N 228 
NAG C1   C N R 229 
NAG C2   C N R 230 
NAG C3   C N R 231 
NAG C4   C N S 232 
NAG C5   C N R 233 
NAG C6   C N N 234 
NAG C7   C N N 235 
NAG C8   C N N 236 
NAG N2   N N N 237 
NAG O1   O N N 238 
NAG O3   O N N 239 
NAG O4   O N N 240 
NAG O5   O N N 241 
NAG O6   O N N 242 
NAG O7   O N N 243 
NAG H1   H N N 244 
NAG H2   H N N 245 
NAG H3   H N N 246 
NAG H4   H N N 247 
NAG H5   H N N 248 
NAG H61  H N N 249 
NAG H62  H N N 250 
NAG H81  H N N 251 
NAG H82  H N N 252 
NAG H83  H N N 253 
NAG HN2  H N N 254 
NAG HO1  H N N 255 
NAG HO3  H N N 256 
NAG HO4  H N N 257 
NAG HO6  H N N 258 
PHE N    N N N 259 
PHE CA   C N S 260 
PHE C    C N N 261 
PHE O    O N N 262 
PHE CB   C N N 263 
PHE CG   C Y N 264 
PHE CD1  C Y N 265 
PHE CD2  C Y N 266 
PHE CE1  C Y N 267 
PHE CE2  C Y N 268 
PHE CZ   C Y N 269 
PHE OXT  O N N 270 
PHE H    H N N 271 
PHE H2   H N N 272 
PHE HA   H N N 273 
PHE HB2  H N N 274 
PHE HB3  H N N 275 
PHE HD1  H N N 276 
PHE HD2  H N N 277 
PHE HE1  H N N 278 
PHE HE2  H N N 279 
PHE HZ   H N N 280 
PHE HXT  H N N 281 
PRO N    N N N 282 
PRO CA   C N S 283 
PRO C    C N N 284 
PRO O    O N N 285 
PRO CB   C N N 286 
PRO CG   C N N 287 
PRO CD   C N N 288 
PRO OXT  O N N 289 
PRO H    H N N 290 
PRO HA   H N N 291 
PRO HB2  H N N 292 
PRO HB3  H N N 293 
PRO HG2  H N N 294 
PRO HG3  H N N 295 
PRO HD2  H N N 296 
PRO HD3  H N N 297 
PRO HXT  H N N 298 
SER N    N N N 299 
SER CA   C N S 300 
SER C    C N N 301 
SER O    O N N 302 
SER CB   C N N 303 
SER OG   O N N 304 
SER OXT  O N N 305 
SER H    H N N 306 
SER H2   H N N 307 
SER HA   H N N 308 
SER HB2  H N N 309 
SER HB3  H N N 310 
SER HG   H N N 311 
SER HXT  H N N 312 
THR N    N N N 313 
THR CA   C N S 314 
THR C    C N N 315 
THR O    O N N 316 
THR CB   C N R 317 
THR OG1  O N N 318 
THR CG2  C N N 319 
THR OXT  O N N 320 
THR H    H N N 321 
THR H2   H N N 322 
THR HA   H N N 323 
THR HB   H N N 324 
THR HG1  H N N 325 
THR HG21 H N N 326 
THR HG22 H N N 327 
THR HG23 H N N 328 
THR HXT  H N N 329 
TRP N    N N N 330 
TRP CA   C N S 331 
TRP C    C N N 332 
TRP O    O N N 333 
TRP CB   C N N 334 
TRP CG   C Y N 335 
TRP CD1  C Y N 336 
TRP CD2  C Y N 337 
TRP NE1  N Y N 338 
TRP CE2  C Y N 339 
TRP CE3  C Y N 340 
TRP CZ2  C Y N 341 
TRP CZ3  C Y N 342 
TRP CH2  C Y N 343 
TRP OXT  O N N 344 
TRP H    H N N 345 
TRP H2   H N N 346 
TRP HA   H N N 347 
TRP HB2  H N N 348 
TRP HB3  H N N 349 
TRP HD1  H N N 350 
TRP HE1  H N N 351 
TRP HE3  H N N 352 
TRP HZ2  H N N 353 
TRP HZ3  H N N 354 
TRP HH2  H N N 355 
TRP HXT  H N N 356 
TYR N    N N N 357 
TYR CA   C N S 358 
TYR C    C N N 359 
TYR O    O N N 360 
TYR CB   C N N 361 
TYR CG   C Y N 362 
TYR CD1  C Y N 363 
TYR CD2  C Y N 364 
TYR CE1  C Y N 365 
TYR CE2  C Y N 366 
TYR CZ   C Y N 367 
TYR OH   O N N 368 
TYR OXT  O N N 369 
TYR H    H N N 370 
TYR H2   H N N 371 
TYR HA   H N N 372 
TYR HB2  H N N 373 
TYR HB3  H N N 374 
TYR HD1  H N N 375 
TYR HD2  H N N 376 
TYR HE1  H N N 377 
TYR HE2  H N N 378 
TYR HH   H N N 379 
TYR HXT  H N N 380 
VAL N    N N N 381 
VAL CA   C N S 382 
VAL C    C N N 383 
VAL O    O N N 384 
VAL CB   C N N 385 
VAL CG1  C N N 386 
VAL CG2  C N N 387 
VAL OXT  O N N 388 
VAL H    H N N 389 
VAL H2   H N N 390 
VAL HA   H N N 391 
VAL HB   H N N 392 
VAL HG11 H N N 393 
VAL HG12 H N N 394 
VAL HG13 H N N 395 
VAL HG21 H N N 396 
VAL HG22 H N N 397 
VAL HG23 H N N 398 
VAL HXT  H N N 399 
# 
loop_
_chem_comp_bond.comp_id 
_chem_comp_bond.atom_id_1 
_chem_comp_bond.atom_id_2 
_chem_comp_bond.value_order 
_chem_comp_bond.pdbx_aromatic_flag 
_chem_comp_bond.pdbx_stereo_config 
_chem_comp_bond.pdbx_ordinal 
ALA N   CA   sing N N 1   
ALA N   H    sing N N 2   
ALA N   H2   sing N N 3   
ALA CA  C    sing N N 4   
ALA CA  CB   sing N N 5   
ALA CA  HA   sing N N 6   
ALA C   O    doub N N 7   
ALA C   OXT  sing N N 8   
ALA CB  HB1  sing N N 9   
ALA CB  HB2  sing N N 10  
ALA CB  HB3  sing N N 11  
ALA OXT HXT  sing N N 12  
ARG N   CA   sing N N 13  
ARG N   H    sing N N 14  
ARG N   H2   sing N N 15  
ARG CA  C    sing N N 16  
ARG CA  CB   sing N N 17  
ARG CA  HA   sing N N 18  
ARG C   O    doub N N 19  
ARG C   OXT  sing N N 20  
ARG CB  CG   sing N N 21  
ARG CB  HB2  sing N N 22  
ARG CB  HB3  sing N N 23  
ARG CG  CD   sing N N 24  
ARG CG  HG2  sing N N 25  
ARG CG  HG3  sing N N 26  
ARG CD  NE   sing N N 27  
ARG CD  HD2  sing N N 28  
ARG CD  HD3  sing N N 29  
ARG NE  CZ   sing N N 30  
ARG NE  HE   sing N N 31  
ARG CZ  NH1  sing N N 32  
ARG CZ  NH2  doub N N 33  
ARG NH1 HH11 sing N N 34  
ARG NH1 HH12 sing N N 35  
ARG NH2 HH21 sing N N 36  
ARG NH2 HH22 sing N N 37  
ARG OXT HXT  sing N N 38  
ASN N   CA   sing N N 39  
ASN N   H    sing N N 40  
ASN N   H2   sing N N 41  
ASN CA  C    sing N N 42  
ASN CA  CB   sing N N 43  
ASN CA  HA   sing N N 44  
ASN C   O    doub N N 45  
ASN C   OXT  sing N N 46  
ASN CB  CG   sing N N 47  
ASN CB  HB2  sing N N 48  
ASN CB  HB3  sing N N 49  
ASN CG  OD1  doub N N 50  
ASN CG  ND2  sing N N 51  
ASN ND2 HD21 sing N N 52  
ASN ND2 HD22 sing N N 53  
ASN OXT HXT  sing N N 54  
ASP N   CA   sing N N 55  
ASP N   H    sing N N 56  
ASP N   H2   sing N N 57  
ASP CA  C    sing N N 58  
ASP CA  CB   sing N N 59  
ASP CA  HA   sing N N 60  
ASP C   O    doub N N 61  
ASP C   OXT  sing N N 62  
ASP CB  CG   sing N N 63  
ASP CB  HB2  sing N N 64  
ASP CB  HB3  sing N N 65  
ASP CG  OD1  doub N N 66  
ASP CG  OD2  sing N N 67  
ASP OD2 HD2  sing N N 68  
ASP OXT HXT  sing N N 69  
CYS N   CA   sing N N 70  
CYS N   H    sing N N 71  
CYS N   H2   sing N N 72  
CYS CA  C    sing N N 73  
CYS CA  CB   sing N N 74  
CYS CA  HA   sing N N 75  
CYS C   O    doub N N 76  
CYS C   OXT  sing N N 77  
CYS CB  SG   sing N N 78  
CYS CB  HB2  sing N N 79  
CYS CB  HB3  sing N N 80  
CYS SG  HG   sing N N 81  
CYS OXT HXT  sing N N 82  
GLN N   CA   sing N N 83  
GLN N   H    sing N N 84  
GLN N   H2   sing N N 85  
GLN CA  C    sing N N 86  
GLN CA  CB   sing N N 87  
GLN CA  HA   sing N N 88  
GLN C   O    doub N N 89  
GLN C   OXT  sing N N 90  
GLN CB  CG   sing N N 91  
GLN CB  HB2  sing N N 92  
GLN CB  HB3  sing N N 93  
GLN CG  CD   sing N N 94  
GLN CG  HG2  sing N N 95  
GLN CG  HG3  sing N N 96  
GLN CD  OE1  doub N N 97  
GLN CD  NE2  sing N N 98  
GLN NE2 HE21 sing N N 99  
GLN NE2 HE22 sing N N 100 
GLN OXT HXT  sing N N 101 
GLU N   CA   sing N N 102 
GLU N   H    sing N N 103 
GLU N   H2   sing N N 104 
GLU CA  C    sing N N 105 
GLU CA  CB   sing N N 106 
GLU CA  HA   sing N N 107 
GLU C   O    doub N N 108 
GLU C   OXT  sing N N 109 
GLU CB  CG   sing N N 110 
GLU CB  HB2  sing N N 111 
GLU CB  HB3  sing N N 112 
GLU CG  CD   sing N N 113 
GLU CG  HG2  sing N N 114 
GLU CG  HG3  sing N N 115 
GLU CD  OE1  doub N N 116 
GLU CD  OE2  sing N N 117 
GLU OE2 HE2  sing N N 118 
GLU OXT HXT  sing N N 119 
GLY N   CA   sing N N 120 
GLY N   H    sing N N 121 
GLY N   H2   sing N N 122 
GLY CA  C    sing N N 123 
GLY CA  HA2  sing N N 124 
GLY CA  HA3  sing N N 125 
GLY C   O    doub N N 126 
GLY C   OXT  sing N N 127 
GLY OXT HXT  sing N N 128 
HOH O   H1   sing N N 129 
HOH O   H2   sing N N 130 
ILE N   CA   sing N N 131 
ILE N   H    sing N N 132 
ILE N   H2   sing N N 133 
ILE CA  C    sing N N 134 
ILE CA  CB   sing N N 135 
ILE CA  HA   sing N N 136 
ILE C   O    doub N N 137 
ILE C   OXT  sing N N 138 
ILE CB  CG1  sing N N 139 
ILE CB  CG2  sing N N 140 
ILE CB  HB   sing N N 141 
ILE CG1 CD1  sing N N 142 
ILE CG1 HG12 sing N N 143 
ILE CG1 HG13 sing N N 144 
ILE CG2 HG21 sing N N 145 
ILE CG2 HG22 sing N N 146 
ILE CG2 HG23 sing N N 147 
ILE CD1 HD11 sing N N 148 
ILE CD1 HD12 sing N N 149 
ILE CD1 HD13 sing N N 150 
ILE OXT HXT  sing N N 151 
LEU N   CA   sing N N 152 
LEU N   H    sing N N 153 
LEU N   H2   sing N N 154 
LEU CA  C    sing N N 155 
LEU CA  CB   sing N N 156 
LEU CA  HA   sing N N 157 
LEU C   O    doub N N 158 
LEU C   OXT  sing N N 159 
LEU CB  CG   sing N N 160 
LEU CB  HB2  sing N N 161 
LEU CB  HB3  sing N N 162 
LEU CG  CD1  sing N N 163 
LEU CG  CD2  sing N N 164 
LEU CG  HG   sing N N 165 
LEU CD1 HD11 sing N N 166 
LEU CD1 HD12 sing N N 167 
LEU CD1 HD13 sing N N 168 
LEU CD2 HD21 sing N N 169 
LEU CD2 HD22 sing N N 170 
LEU CD2 HD23 sing N N 171 
LEU OXT HXT  sing N N 172 
LYS N   CA   sing N N 173 
LYS N   H    sing N N 174 
LYS N   H2   sing N N 175 
LYS CA  C    sing N N 176 
LYS CA  CB   sing N N 177 
LYS CA  HA   sing N N 178 
LYS C   O    doub N N 179 
LYS C   OXT  sing N N 180 
LYS CB  CG   sing N N 181 
LYS CB  HB2  sing N N 182 
LYS CB  HB3  sing N N 183 
LYS CG  CD   sing N N 184 
LYS CG  HG2  sing N N 185 
LYS CG  HG3  sing N N 186 
LYS CD  CE   sing N N 187 
LYS CD  HD2  sing N N 188 
LYS CD  HD3  sing N N 189 
LYS CE  NZ   sing N N 190 
LYS CE  HE2  sing N N 191 
LYS CE  HE3  sing N N 192 
LYS NZ  HZ1  sing N N 193 
LYS NZ  HZ2  sing N N 194 
LYS NZ  HZ3  sing N N 195 
LYS OXT HXT  sing N N 196 
MET N   CA   sing N N 197 
MET N   H    sing N N 198 
MET N   H2   sing N N 199 
MET CA  C    sing N N 200 
MET CA  CB   sing N N 201 
MET CA  HA   sing N N 202 
MET C   O    doub N N 203 
MET C   OXT  sing N N 204 
MET CB  CG   sing N N 205 
MET CB  HB2  sing N N 206 
MET CB  HB3  sing N N 207 
MET CG  SD   sing N N 208 
MET CG  HG2  sing N N 209 
MET CG  HG3  sing N N 210 
MET SD  CE   sing N N 211 
MET CE  HE1  sing N N 212 
MET CE  HE2  sing N N 213 
MET CE  HE3  sing N N 214 
MET OXT HXT  sing N N 215 
NAG C1  C2   sing N N 216 
NAG C1  O1   sing N N 217 
NAG C1  O5   sing N N 218 
NAG C1  H1   sing N N 219 
NAG C2  C3   sing N N 220 
NAG C2  N2   sing N N 221 
NAG C2  H2   sing N N 222 
NAG C3  C4   sing N N 223 
NAG C3  O3   sing N N 224 
NAG C3  H3   sing N N 225 
NAG C4  C5   sing N N 226 
NAG C4  O4   sing N N 227 
NAG C4  H4   sing N N 228 
NAG C5  C6   sing N N 229 
NAG C5  O5   sing N N 230 
NAG C5  H5   sing N N 231 
NAG C6  O6   sing N N 232 
NAG C6  H61  sing N N 233 
NAG C6  H62  sing N N 234 
NAG C7  C8   sing N N 235 
NAG C7  N2   sing N N 236 
NAG C7  O7   doub N N 237 
NAG C8  H81  sing N N 238 
NAG C8  H82  sing N N 239 
NAG C8  H83  sing N N 240 
NAG N2  HN2  sing N N 241 
NAG O1  HO1  sing N N 242 
NAG O3  HO3  sing N N 243 
NAG O4  HO4  sing N N 244 
NAG O6  HO6  sing N N 245 
PHE N   CA   sing N N 246 
PHE N   H    sing N N 247 
PHE N   H2   sing N N 248 
PHE CA  C    sing N N 249 
PHE CA  CB   sing N N 250 
PHE CA  HA   sing N N 251 
PHE C   O    doub N N 252 
PHE C   OXT  sing N N 253 
PHE CB  CG   sing N N 254 
PHE CB  HB2  sing N N 255 
PHE CB  HB3  sing N N 256 
PHE CG  CD1  doub Y N 257 
PHE CG  CD2  sing Y N 258 
PHE CD1 CE1  sing Y N 259 
PHE CD1 HD1  sing N N 260 
PHE CD2 CE2  doub Y N 261 
PHE CD2 HD2  sing N N 262 
PHE CE1 CZ   doub Y N 263 
PHE CE1 HE1  sing N N 264 
PHE CE2 CZ   sing Y N 265 
PHE CE2 HE2  sing N N 266 
PHE CZ  HZ   sing N N 267 
PHE OXT HXT  sing N N 268 
PRO N   CA   sing N N 269 
PRO N   CD   sing N N 270 
PRO N   H    sing N N 271 
PRO CA  C    sing N N 272 
PRO CA  CB   sing N N 273 
PRO CA  HA   sing N N 274 
PRO C   O    doub N N 275 
PRO C   OXT  sing N N 276 
PRO CB  CG   sing N N 277 
PRO CB  HB2  sing N N 278 
PRO CB  HB3  sing N N 279 
PRO CG  CD   sing N N 280 
PRO CG  HG2  sing N N 281 
PRO CG  HG3  sing N N 282 
PRO CD  HD2  sing N N 283 
PRO CD  HD3  sing N N 284 
PRO OXT HXT  sing N N 285 
SER N   CA   sing N N 286 
SER N   H    sing N N 287 
SER N   H2   sing N N 288 
SER CA  C    sing N N 289 
SER CA  CB   sing N N 290 
SER CA  HA   sing N N 291 
SER C   O    doub N N 292 
SER C   OXT  sing N N 293 
SER CB  OG   sing N N 294 
SER CB  HB2  sing N N 295 
SER CB  HB3  sing N N 296 
SER OG  HG   sing N N 297 
SER OXT HXT  sing N N 298 
THR N   CA   sing N N 299 
THR N   H    sing N N 300 
THR N   H2   sing N N 301 
THR CA  C    sing N N 302 
THR CA  CB   sing N N 303 
THR CA  HA   sing N N 304 
THR C   O    doub N N 305 
THR C   OXT  sing N N 306 
THR CB  OG1  sing N N 307 
THR CB  CG2  sing N N 308 
THR CB  HB   sing N N 309 
THR OG1 HG1  sing N N 310 
THR CG2 HG21 sing N N 311 
THR CG2 HG22 sing N N 312 
THR CG2 HG23 sing N N 313 
THR OXT HXT  sing N N 314 
TRP N   CA   sing N N 315 
TRP N   H    sing N N 316 
TRP N   H2   sing N N 317 
TRP CA  C    sing N N 318 
TRP CA  CB   sing N N 319 
TRP CA  HA   sing N N 320 
TRP C   O    doub N N 321 
TRP C   OXT  sing N N 322 
TRP CB  CG   sing N N 323 
TRP CB  HB2  sing N N 324 
TRP CB  HB3  sing N N 325 
TRP CG  CD1  doub Y N 326 
TRP CG  CD2  sing Y N 327 
TRP CD1 NE1  sing Y N 328 
TRP CD1 HD1  sing N N 329 
TRP CD2 CE2  doub Y N 330 
TRP CD2 CE3  sing Y N 331 
TRP NE1 CE2  sing Y N 332 
TRP NE1 HE1  sing N N 333 
TRP CE2 CZ2  sing Y N 334 
TRP CE3 CZ3  doub Y N 335 
TRP CE3 HE3  sing N N 336 
TRP CZ2 CH2  doub Y N 337 
TRP CZ2 HZ2  sing N N 338 
TRP CZ3 CH2  sing Y N 339 
TRP CZ3 HZ3  sing N N 340 
TRP CH2 HH2  sing N N 341 
TRP OXT HXT  sing N N 342 
TYR N   CA   sing N N 343 
TYR N   H    sing N N 344 
TYR N   H2   sing N N 345 
TYR CA  C    sing N N 346 
TYR CA  CB   sing N N 347 
TYR CA  HA   sing N N 348 
TYR C   O    doub N N 349 
TYR C   OXT  sing N N 350 
TYR CB  CG   sing N N 351 
TYR CB  HB2  sing N N 352 
TYR CB  HB3  sing N N 353 
TYR CG  CD1  doub Y N 354 
TYR CG  CD2  sing Y N 355 
TYR CD1 CE1  sing Y N 356 
TYR CD1 HD1  sing N N 357 
TYR CD2 CE2  doub Y N 358 
TYR CD2 HD2  sing N N 359 
TYR CE1 CZ   doub Y N 360 
TYR CE1 HE1  sing N N 361 
TYR CE2 CZ   sing Y N 362 
TYR CE2 HE2  sing N N 363 
TYR CZ  OH   sing N N 364 
TYR OH  HH   sing N N 365 
TYR OXT HXT  sing N N 366 
VAL N   CA   sing N N 367 
VAL N   H    sing N N 368 
VAL N   H2   sing N N 369 
VAL CA  C    sing N N 370 
VAL CA  CB   sing N N 371 
VAL CA  HA   sing N N 372 
VAL C   O    doub N N 373 
VAL C   OXT  sing N N 374 
VAL CB  CG1  sing N N 375 
VAL CB  CG2  sing N N 376 
VAL CB  HB   sing N N 377 
VAL CG1 HG11 sing N N 378 
VAL CG1 HG12 sing N N 379 
VAL CG1 HG13 sing N N 380 
VAL CG2 HG21 sing N N 381 
VAL CG2 HG22 sing N N 382 
VAL CG2 HG23 sing N N 383 
VAL OXT HXT  sing N N 384 
# 
loop_
_pdbx_entity_branch_list.entity_id 
_pdbx_entity_branch_list.comp_id 
_pdbx_entity_branch_list.num 
_pdbx_entity_branch_list.hetero 
2 NAG 1 n 
2 NAG 2 n 
2 NAG 3 n 
2 NAG 4 n 
# 
_atom_sites.entry_id                    3CT0 
_atom_sites.fract_transf_matrix[1][1]   0.02235811 
_atom_sites.fract_transf_matrix[1][2]   -0.02301758 
_atom_sites.fract_transf_matrix[1][3]   0.00439187 
_atom_sites.fract_transf_matrix[2][1]   0.00724661 
_atom_sites.fract_transf_matrix[2][2]   0.00484742 
_atom_sites.fract_transf_matrix[2][3]   -0.01148588 
_atom_sites.fract_transf_matrix[3][1]   0.00735924 
_atom_sites.fract_transf_matrix[3][2]   0.00873794 
_atom_sites.fract_transf_matrix[3][3]   0.00833075 
_atom_sites.fract_transf_vector[1]      0.050093 
_atom_sites.fract_transf_vector[2]      0.355304 
_atom_sites.fract_transf_vector[3]      0.259883 
# 
loop_
_atom_type.symbol 
C 
N 
O 
S 
# 
loop_
_atom_site.group_PDB 
_atom_site.id 
_atom_site.type_symbol 
_atom_site.label_atom_id 
_atom_site.label_alt_id 
_atom_site.label_comp_id 
_atom_site.label_asym_id 
_atom_site.label_entity_id 
_atom_site.label_seq_id 
_atom_site.pdbx_PDB_ins_code 
_atom_site.Cartn_x 
_atom_site.Cartn_y 
_atom_site.Cartn_z 
_atom_site.occupancy 
_atom_site.B_iso_or_equiv 
_atom_site.pdbx_formal_charge 
_atom_site.auth_seq_id 
_atom_site.auth_comp_id 
_atom_site.auth_asym_id 
_atom_site.auth_atom_id 
_atom_site.pdbx_PDB_model_num 
ATOM   1    N N   . MET A 1 1   ? -5.013  -0.646  17.136  1.00 33.39 ? 1   MET A N   1 
ATOM   2    C CA  . MET A 1 1   ? -6.299  0.006   16.807  1.00 33.45 ? 1   MET A CA  1 
ATOM   3    C C   . MET A 1 1   ? -6.180  0.527   15.381  1.00 31.02 ? 1   MET A C   1 
ATOM   4    O O   . MET A 1 1   ? -5.310  1.366   15.083  1.00 29.49 ? 1   MET A O   1 
ATOM   5    C CB  . MET A 1 1   ? -6.594  1.173   17.736  1.00 33.12 ? 1   MET A CB  1 
ATOM   6    C CG  . MET A 1 1   ? -7.707  2.040   17.185  1.00 34.30 ? 1   MET A CG  1 
ATOM   7    S SD  . MET A 1 1   ? -8.144  3.418   18.249  1.00 39.07 ? 1   MET A SD  1 
ATOM   8    C CE  . MET A 1 1   ? -9.031  2.562   19.570  1.00 36.46 ? 1   MET A CE  1 
ATOM   9    N N   . VAL A 1 2   ? -7.020  0.003   14.497  1.00 28.50 ? 2   VAL A N   1 
ATOM   10   C CA  . VAL A 1 2   ? -6.976  0.433   13.096  1.00 27.87 ? 2   VAL A CA  1 
ATOM   11   C C   . VAL A 1 2   ? -8.412  0.573   12.596  1.00 27.25 ? 2   VAL A C   1 
ATOM   12   O O   . VAL A 1 2   ? -9.326  -0.059  13.159  1.00 27.09 ? 2   VAL A O   1 
ATOM   13   C CB  . VAL A 1 2   ? -6.214  -0.575  12.220  1.00 27.15 ? 2   VAL A CB  1 
ATOM   14   C CG1 . VAL A 1 2   ? -4.753  -0.618  12.626  1.00 28.81 ? 2   VAL A CG1 1 
ATOM   15   C CG2 . VAL A 1 2   ? -6.818  -1.970  12.382  1.00 27.88 ? 2   VAL A CG2 1 
ATOM   16   N N   . TYR A 1 3   ? -8.586  1.393   11.554  1.00 26.67 ? 3   TYR A N   1 
ATOM   17   C CA  . TYR A 1 3   ? -9.874  1.540   10.839  1.00 27.03 ? 3   TYR A CA  1 
ATOM   18   C C   . TYR A 1 3   ? -9.895  0.626   9.625   1.00 26.88 ? 3   TYR A C   1 
ATOM   19   O O   . TYR A 1 3   ? -8.984  0.633   8.808   1.00 27.19 ? 3   TYR A O   1 
ATOM   20   C CB  . TYR A 1 3   ? -10.086 2.986   10.368  1.00 26.94 ? 3   TYR A CB  1 
ATOM   21   C CG  . TYR A 1 3   ? -10.254 3.947   11.536  1.00 27.59 ? 3   TYR A CG  1 
ATOM   22   C CD1 . TYR A 1 3   ? -9.139  4.500   12.154  1.00 28.80 ? 3   TYR A CD1 1 
ATOM   23   C CD2 . TYR A 1 3   ? -11.503 4.240   12.040  1.00 24.78 ? 3   TYR A CD2 1 
ATOM   24   C CE1 . TYR A 1 3   ? -9.275  5.338   13.250  1.00 28.25 ? 3   TYR A CE1 1 
ATOM   25   C CE2 . TYR A 1 3   ? -11.644 5.085   13.152  1.00 26.76 ? 3   TYR A CE2 1 
ATOM   26   C CZ  . TYR A 1 3   ? -10.512 5.616   13.742  1.00 27.26 ? 3   TYR A CZ  1 
ATOM   27   O OH  . TYR A 1 3   ? -10.613 6.491   14.826  1.00 27.89 ? 3   TYR A OH  1 
ATOM   28   N N   . VAL A 1 4   ? -10.955 -0.159  9.540   1.00 26.83 ? 4   VAL A N   1 
ATOM   29   C CA  . VAL A 1 4   ? -11.173 -1.105  8.468   1.00 26.37 ? 4   VAL A CA  1 
ATOM   30   C C   . VAL A 1 4   ? -12.644 -0.983  8.067   1.00 25.90 ? 4   VAL A C   1 
ATOM   31   O O   . VAL A 1 4   ? -13.551 -1.421  8.790   1.00 24.29 ? 4   VAL A O   1 
ATOM   32   C CB  . VAL A 1 4   ? -10.876 -2.544  8.908   1.00 25.59 ? 4   VAL A CB  1 
ATOM   33   C CG1 . VAL A 1 4   ? -11.129 -3.495  7.730   1.00 28.25 ? 4   VAL A CG1 1 
ATOM   34   C CG2 . VAL A 1 4   ? -9.411  -2.679  9.482   1.00 27.74 ? 4   VAL A CG2 1 
ATOM   35   N N   . SER A 1 5   ? -12.865 -0.415  6.889   1.00 26.11 ? 5   SER A N   1 
ATOM   36   C CA  . SER A 1 5   ? -14.209 -0.176  6.434   1.00 26.71 ? 5   SER A CA  1 
ATOM   37   C C   . SER A 1 5   ? -14.243 0.118   4.950   1.00 26.33 ? 5   SER A C   1 
ATOM   38   O O   . SER A 1 5   ? -13.208 0.345   4.325   1.00 26.22 ? 5   SER A O   1 
ATOM   39   C CB  . SER A 1 5   ? -14.765 1.018   7.199   1.00 27.00 ? 5   SER A CB  1 
ATOM   40   O OG  . SER A 1 5   ? -13.951 2.149   7.014   1.00 26.35 ? 5   SER A OG  1 
ATOM   41   N N   . ASN A 1 6   ? -15.448 0.118   4.406   1.00 27.28 ? 6   ASN A N   1 
ATOM   42   C CA  . ASN A 1 6   ? -15.693 0.493   3.024   1.00 26.45 ? 6   ASN A CA  1 
ATOM   43   C C   . ASN A 1 6   ? -16.120 1.959   2.923   1.00 26.27 ? 6   ASN A C   1 
ATOM   44   O O   . ASN A 1 6   ? -17.226 2.288   2.416   1.00 25.88 ? 6   ASN A O   1 
ATOM   45   C CB  . ASN A 1 6   ? -16.746 -0.402  2.389   1.00 27.29 ? 6   ASN A CB  1 
ATOM   46   C CG  . ASN A 1 6   ? -16.844 -0.201  0.892   1.00 25.00 ? 6   ASN A CG  1 
ATOM   47   O OD1 . ASN A 1 6   ? -15.831 0.050   0.230   1.00 25.35 ? 6   ASN A OD1 1 
ATOM   48   N ND2 . ASN A 1 6   ? -18.061 -0.317  0.348   1.00 25.49 ? 6   ASN A ND2 1 
ATOM   49   N N   . LYS A 1 7   ? -15.216 2.817   3.377   1.00 26.54 ? 7   LYS A N   1 
ATOM   50   C CA  . LYS A 1 7   ? -15.466 4.242   3.449   1.00 27.58 ? 7   LYS A CA  1 
ATOM   51   C C   . LYS A 1 7   ? -14.158 5.038   3.358   1.00 25.78 ? 7   LYS A C   1 
ATOM   52   O O   . LYS A 1 7   ? -13.084 4.572   3.795   1.00 26.36 ? 7   LYS A O   1 
ATOM   53   C CB  . LYS A 1 7   ? -16.237 4.570   4.755   1.00 28.53 ? 7   LYS A CB  1 
ATOM   54   C CG  . LYS A 1 7   ? -15.358 4.788   6.000   1.00 30.84 ? 7   LYS A CG  1 
ATOM   55   C CD  . LYS A 1 7   ? -16.166 5.322   7.226   1.00 31.53 ? 7   LYS A CD  1 
ATOM   56   C CE  . LYS A 1 7   ? -17.297 6.284   6.784   1.00 34.91 ? 7   LYS A CE  1 
ATOM   57   N NZ  . LYS A 1 7   ? -17.301 7.591   7.503   1.00 33.62 ? 7   LYS A NZ  1 
ATOM   58   N N   . TYR A 1 8   ? -14.244 6.259   2.806   1.00 25.95 ? 8   TYR A N   1 
ATOM   59   C CA  . TYR A 1 8   ? -13.080 7.114   2.692   1.00 25.11 ? 8   TYR A CA  1 
ATOM   60   C C   . TYR A 1 8   ? -12.757 7.673   4.052   1.00 25.50 ? 8   TYR A C   1 
ATOM   61   O O   . TYR A 1 8   ? -13.644 8.165   4.740   1.00 25.53 ? 8   TYR A O   1 
ATOM   62   C CB  . TYR A 1 8   ? -13.278 8.206   1.624   1.00 24.82 ? 8   TYR A CB  1 
ATOM   63   C CG  . TYR A 1 8   ? -13.443 7.579   0.277   1.00 23.88 ? 8   TYR A CG  1 
ATOM   64   C CD1 . TYR A 1 8   ? -14.678 7.600   -0.373  1.00 24.26 ? 8   TYR A CD1 1 
ATOM   65   C CD2 . TYR A 1 8   ? -12.383 6.897   -0.325  1.00 25.69 ? 8   TYR A CD2 1 
ATOM   66   C CE1 . TYR A 1 8   ? -14.850 7.004   -1.598  1.00 24.74 ? 8   TYR A CE1 1 
ATOM   67   C CE2 . TYR A 1 8   ? -12.548 6.288   -1.566  1.00 25.56 ? 8   TYR A CE2 1 
ATOM   68   C CZ  . TYR A 1 8   ? -13.811 6.337   -2.182  1.00 23.53 ? 8   TYR A CZ  1 
ATOM   69   O OH  . TYR A 1 8   ? -14.010 5.760   -3.404  1.00 27.50 ? 8   TYR A OH  1 
ATOM   70   N N   . LEU A 1 9   ? -11.496 7.501   4.451   1.00 25.77 ? 9   LEU A N   1 
ATOM   71   C CA  . LEU A 1 9   ? -11.012 7.879   5.769   1.00 26.04 ? 9   LEU A CA  1 
ATOM   72   C C   . LEU A 1 9   ? -10.604 9.332   5.788   1.00 26.37 ? 9   LEU A C   1 
ATOM   73   O O   . LEU A 1 9   ? -10.088 9.846   4.797   1.00 27.04 ? 9   LEU A O   1 
ATOM   74   C CB  . LEU A 1 9   ? -9.796  7.031   6.147   1.00 25.16 ? 9   LEU A CB  1 
ATOM   75   C CG  . LEU A 1 9   ? -10.090 5.537   6.413   1.00 26.83 ? 9   LEU A CG  1 
ATOM   76   C CD1 . LEU A 1 9   ? -8.874  4.855   7.076   1.00 25.71 ? 9   LEU A CD1 1 
ATOM   77   C CD2 . LEU A 1 9   ? -11.385 5.374   7.273   1.00 24.70 ? 9   LEU A CD2 1 
ATOM   78   N N   . THR A 1 10  ? -10.800 9.973   6.937   1.00 25.78 ? 10  THR A N   1 
ATOM   79   C CA  . THR A 1 10  ? -10.379 11.354  7.143   1.00 25.41 ? 10  THR A CA  1 
ATOM   80   C C   . THR A 1 10  ? -8.893  11.383  7.366   1.00 25.72 ? 10  THR A C   1 
ATOM   81   O O   . THR A 1 10  ? -8.265  10.351  7.556   1.00 25.92 ? 10  THR A O   1 
ATOM   82   C CB  . THR A 1 10  ? -11.066 11.971  8.383   1.00 25.79 ? 10  THR A CB  1 
ATOM   83   O OG1 . THR A 1 10  ? -10.759 11.169  9.524   1.00 25.57 ? 10  THR A OG1 1 
ATOM   84   C CG2 . THR A 1 10  ? -12.614 12.080  8.186   1.00 25.33 ? 10  THR A CG2 1 
ATOM   85   N N   . MET A 1 11  ? -8.306  12.571  7.362   1.00 25.71 ? 11  MET A N   1 
ATOM   86   C CA  . MET A 1 11  ? -6.885  12.676  7.634   1.00 26.85 ? 11  MET A CA  1 
ATOM   87   C C   . MET A 1 11  ? -6.492  12.081  9.002   1.00 27.29 ? 11  MET A C   1 
ATOM   88   O O   . MET A 1 11  ? -5.415  11.495  9.152   1.00 27.54 ? 11  MET A O   1 
ATOM   89   C CB  . MET A 1 11  ? -6.442  14.138  7.577   1.00 26.29 ? 11  MET A CB  1 
ATOM   90   C CG  . MET A 1 11  ? -6.702  14.817  6.218   1.00 30.43 ? 11  MET A CG  1 
ATOM   91   S SD  . MET A 1 11  ? -5.894  14.001  4.825   1.00 36.90 ? 11  MET A SD  1 
ATOM   92   C CE  . MET A 1 11  ? -4.190  13.711  5.366   1.00 32.64 ? 11  MET A CE  1 
ATOM   93   N N   . SER A 1 12  ? -7.353  12.253  10.003  1.00 27.36 ? 12  SER A N   1 
ATOM   94   C CA  . SER A 1 12  ? -7.053  11.762  11.364  1.00 27.97 ? 12  SER A CA  1 
ATOM   95   C C   . SER A 1 12  ? -7.099  10.240  11.423  1.00 28.04 ? 12  SER A C   1 
ATOM   96   O O   . SER A 1 12  ? -6.287  9.606   12.087  1.00 28.28 ? 12  SER A O   1 
ATOM   97   C CB  . SER A 1 12  ? -8.064  12.308  12.365  1.00 27.03 ? 12  SER A CB  1 
ATOM   98   O OG  . SER A 1 12  ? -7.886  13.709  12.497  1.00 31.42 ? 12  SER A OG  1 
ATOM   99   N N   . GLU A 1 13  ? -8.086  9.672   10.746  1.00 27.76 ? 13  GLU A N   1 
ATOM   100  C CA  . GLU A 1 13  ? -8.212  8.224   10.648  1.00 27.80 ? 13  GLU A CA  1 
ATOM   101  C C   . GLU A 1 13  ? -7.029  7.606   9.887   1.00 27.78 ? 13  GLU A C   1 
ATOM   102  O O   . GLU A 1 13  ? -6.477  6.585   10.306  1.00 27.26 ? 13  GLU A O   1 
ATOM   103  C CB  . GLU A 1 13  ? -9.566  7.867   10.029  1.00 27.52 ? 13  GLU A CB  1 
ATOM   104  C CG  . GLU A 1 13  ? -10.772 8.256   10.911  1.00 26.95 ? 13  GLU A CG  1 
ATOM   105  C CD  . GLU A 1 13  ? -12.123 8.239   10.195  1.00 29.46 ? 13  GLU A CD  1 
ATOM   106  O OE1 . GLU A 1 13  ? -13.181 8.264   10.886  1.00 29.50 ? 13  GLU A OE1 1 
ATOM   107  O OE2 . GLU A 1 13  ? -12.154 8.257   8.947   1.00 28.56 ? 13  GLU A OE2 1 
ATOM   108  N N   . MET A 1 14  ? -6.642  8.233   8.774   1.00 27.58 ? 14  MET A N   1 
ATOM   109  C CA  . MET A 1 14  ? -5.521  7.761   7.970   1.00 27.65 ? 14  MET A CA  1 
ATOM   110  C C   . MET A 1 14  ? -4.264  7.749   8.791   1.00 27.33 ? 14  MET A C   1 
ATOM   111  O O   . MET A 1 14  ? -3.504  6.800   8.734   1.00 27.52 ? 14  MET A O   1 
ATOM   112  C CB  . MET A 1 14  ? -5.310  8.601   6.702   1.00 28.23 ? 14  MET A CB  1 
ATOM   113  C CG  . MET A 1 14  ? -6.404  8.424   5.641   1.00 29.16 ? 14  MET A CG  1 
ATOM   114  S SD  . MET A 1 14  ? -5.756  9.064   4.090   1.00 28.73 ? 14  MET A SD  1 
ATOM   115  C CE  . MET A 1 14  ? -6.322  10.764  4.131   1.00 29.78 ? 14  MET A CE  1 
ATOM   116  N N   . LYS A 1 15  ? -4.066  8.780   9.613   1.00 27.25 ? 15  LYS A N   1 
ATOM   117  C CA  . LYS A 1 15  ? -2.880  8.823   10.444  1.00 26.89 ? 15  LYS A CA  1 
ATOM   118  C C   . LYS A 1 15  ? -2.757  7.637   11.424  1.00 27.90 ? 15  LYS A C   1 
ATOM   119  O O   . LYS A 1 15  ? -1.667  7.126   11.626  1.00 29.12 ? 15  LYS A O   1 
ATOM   120  C CB  . LYS A 1 15  ? -2.818  10.139  11.226  1.00 27.59 ? 15  LYS A CB  1 
ATOM   121  C CG  . LYS A 1 15  ? -1.558  10.253  12.028  1.00 25.05 ? 15  LYS A CG  1 
ATOM   122  C CD  . LYS A 1 15  ? -1.449  11.643  12.631  1.00 26.34 ? 15  LYS A CD  1 
ATOM   123  C CE  . LYS A 1 15  ? -0.199  11.734  13.476  1.00 27.69 ? 15  LYS A CE  1 
ATOM   124  N NZ  . LYS A 1 15  ? -0.244  13.013  14.237  1.00 30.50 ? 15  LYS A NZ  1 
ATOM   125  N N   . VAL A 1 16  ? -3.869  7.210   12.029  1.00 27.23 ? 16  VAL A N   1 
ATOM   126  C CA  . VAL A 1 16  ? -3.865  6.014   12.902  1.00 26.64 ? 16  VAL A CA  1 
ATOM   127  C C   . VAL A 1 16  ? -3.376  4.770   12.117  1.00 27.35 ? 16  VAL A C   1 
ATOM   128  O O   . VAL A 1 16  ? -2.416  4.083   12.530  1.00 27.01 ? 16  VAL A O   1 
ATOM   129  C CB  . VAL A 1 16  ? -5.277  5.768   13.473  1.00 26.49 ? 16  VAL A CB  1 
ATOM   130  C CG1 . VAL A 1 16  ? -5.348  4.411   14.159  1.00 27.57 ? 16  VAL A CG1 1 
ATOM   131  C CG2 . VAL A 1 16  ? -5.702  6.921   14.470  1.00 25.69 ? 16  VAL A CG2 1 
ATOM   132  N N   . ASN A 1 17  ? -4.012  4.519   10.967  1.00 26.29 ? 17  ASN A N   1 
ATOM   133  C CA  . ASN A 1 17  ? -3.590  3.406   10.098  1.00 26.73 ? 17  ASN A CA  1 
ATOM   134  C C   . ASN A 1 17  ? -2.146  3.493   9.602   1.00 26.48 ? 17  ASN A C   1 
ATOM   135  O O   . ASN A 1 17  ? -1.431  2.490   9.546   1.00 27.04 ? 17  ASN A O   1 
ATOM   136  C CB  . ASN A 1 17  ? -4.562  3.246   8.913   1.00 26.47 ? 17  ASN A CB  1 
ATOM   137  C CG  . ASN A 1 17  ? -5.868  2.649   9.324   1.00 28.75 ? 17  ASN A CG  1 
ATOM   138  O OD1 . ASN A 1 17  ? -6.167  2.548   10.524  1.00 29.18 ? 17  ASN A OD1 1 
ATOM   139  N ND2 . ASN A 1 17  ? -6.690  2.273   8.340   1.00 25.42 ? 17  ASN A ND2 1 
ATOM   140  N N   . ALA A 1 18  ? -1.742  4.696   9.238   1.00 26.59 ? 18  ALA A N   1 
ATOM   141  C CA  . ALA A 1 18  ? -0.432  4.928   8.658   1.00 26.46 ? 18  ALA A CA  1 
ATOM   142  C C   . ALA A 1 18  ? 0.669   4.635   9.704   1.00 26.36 ? 18  ALA A C   1 
ATOM   143  O O   . ALA A 1 18  ? 1.631   3.953   9.401   1.00 26.63 ? 18  ALA A O   1 
ATOM   144  C CB  . ALA A 1 18  ? -0.352  6.340   8.112   1.00 26.88 ? 18  ALA A CB  1 
ATOM   145  N N   . GLN A 1 19  ? 0.501   5.103   10.949  1.00 26.93 ? 19  GLN A N   1 
ATOM   146  C CA  . GLN A 1 19  ? 1.482   4.775   11.998  1.00 26.81 ? 19  GLN A CA  1 
ATOM   147  C C   . GLN A 1 19  ? 1.531   3.279   12.244  1.00 28.08 ? 19  GLN A C   1 
ATOM   148  O O   . GLN A 1 19  ? 2.617   2.718   12.382  1.00 28.55 ? 19  GLN A O   1 
ATOM   149  C CB  . GLN A 1 19  ? 1.201   5.511   13.317  1.00 27.03 ? 19  GLN A CB  1 
ATOM   150  C CG  . GLN A 1 19  ? 2.302   5.230   14.383  1.00 27.27 ? 19  GLN A CG  1 
ATOM   151  C CD  . GLN A 1 19  ? 3.662   5.892   14.031  1.00 28.45 ? 19  GLN A CD  1 
ATOM   152  O OE1 . GLN A 1 19  ? 4.711   5.250   14.049  1.00 31.03 ? 19  GLN A OE1 1 
ATOM   153  N NE2 . GLN A 1 19  ? 3.627   7.172   13.756  1.00 30.03 ? 19  GLN A NE2 1 
ATOM   154  N N   . TYR A 1 20  ? 0.361   2.624   12.267  1.00 27.49 ? 20  TYR A N   1 
ATOM   155  C CA  . TYR A 1 20  ? 0.339   1.156   12.428  1.00 27.31 ? 20  TYR A CA  1 
ATOM   156  C C   . TYR A 1 20  ? 1.227   0.438   11.400  1.00 26.80 ? 20  TYR A C   1 
ATOM   157  O O   . TYR A 1 20  ? 2.029   -0.423  11.741  1.00 26.33 ? 20  TYR A O   1 
ATOM   158  C CB  . TYR A 1 20  ? -1.098  0.613   12.366  1.00 27.31 ? 20  TYR A CB  1 
ATOM   159  C CG  . TYR A 1 20  ? -1.163  -0.874  12.628  1.00 28.98 ? 20  TYR A CG  1 
ATOM   160  C CD1 . TYR A 1 20  ? -0.933  -1.803  11.608  1.00 28.46 ? 20  TYR A CD1 1 
ATOM   161  C CD2 . TYR A 1 20  ? -1.398  -1.352  13.918  1.00 30.79 ? 20  TYR A CD2 1 
ATOM   162  C CE1 . TYR A 1 20  ? -0.967  -3.150  11.871  1.00 25.40 ? 20  TYR A CE1 1 
ATOM   163  C CE2 . TYR A 1 20  ? -1.444  -2.686  14.189  1.00 30.09 ? 20  TYR A CE2 1 
ATOM   164  C CZ  . TYR A 1 20  ? -1.216  -3.584  13.176  1.00 30.50 ? 20  TYR A CZ  1 
ATOM   165  O OH  . TYR A 1 20  ? -1.251  -4.914  13.471  1.00 30.54 ? 20  TYR A OH  1 
ATOM   166  N N   . ILE A 1 21  ? 1.030   0.799   10.129  1.00 26.51 ? 21  ILE A N   1 
ATOM   167  C CA  . ILE A 1 21  ? 1.763   0.224   9.000   1.00 26.60 ? 21  ILE A CA  1 
ATOM   168  C C   . ILE A 1 21  ? 3.280   0.465   9.121   1.00 25.89 ? 21  ILE A C   1 
ATOM   169  O O   . ILE A 1 21  ? 4.080   -0.419  8.851   1.00 25.97 ? 21  ILE A O   1 
ATOM   170  C CB  . ILE A 1 21  ? 1.205   0.771   7.642   1.00 27.03 ? 21  ILE A CB  1 
ATOM   171  C CG1 . ILE A 1 21  ? -0.258  0.334   7.475   1.00 27.18 ? 21  ILE A CG1 1 
ATOM   172  C CG2 . ILE A 1 21  ? 2.074   0.316   6.448   1.00 26.98 ? 21  ILE A CG2 1 
ATOM   173  C CD1 . ILE A 1 21  ? -1.020  1.118   6.313   1.00 27.59 ? 21  ILE A CD1 1 
ATOM   174  N N   . LEU A 1 22  ? 3.656   1.655   9.560   1.00 26.28 ? 22  LEU A N   1 
ATOM   175  C CA  . LEU A 1 22  ? 5.068   2.026   9.673   1.00 26.56 ? 22  LEU A CA  1 
ATOM   176  C C   . LEU A 1 22  ? 5.702   1.144   10.741  1.00 26.80 ? 22  LEU A C   1 
ATOM   177  O O   . LEU A 1 22  ? 6.781   0.599   10.531  1.00 26.69 ? 22  LEU A O   1 
ATOM   178  C CB  . LEU A 1 22  ? 5.172   3.515   10.034  1.00 26.74 ? 22  LEU A CB  1 
ATOM   179  C CG  . LEU A 1 22  ? 6.413   4.399   9.762   1.00 28.43 ? 22  LEU A CG  1 
ATOM   180  C CD1 . LEU A 1 22  ? 6.539   5.375   10.901  1.00 25.98 ? 22  LEU A CD1 1 
ATOM   181  C CD2 . LEU A 1 22  ? 7.724   3.672   9.443   1.00 27.71 ? 22  LEU A CD2 1 
ATOM   182  N N   . ASN A 1 23  ? 5.006   0.970   11.870  1.00 27.93 ? 23  ASN A N   1 
ATOM   183  C CA  . ASN A 1 23  ? 5.522   0.113   12.954  1.00 28.25 ? 23  ASN A CA  1 
ATOM   184  C C   . ASN A 1 23  ? 5.680   -1.310  12.501  1.00 28.51 ? 23  ASN A C   1 
ATOM   185  O O   . ASN A 1 23  ? 6.747   -1.940  12.665  1.00 28.44 ? 23  ASN A O   1 
ATOM   186  C CB  . ASN A 1 23  ? 4.577   0.158   14.146  1.00 29.09 ? 23  ASN A CB  1 
ATOM   187  C CG  . ASN A 1 23  ? 4.495   1.526   14.789  1.00 31.19 ? 23  ASN A CG  1 
ATOM   188  O OD1 . ASN A 1 23  ? 3.599   1.764   15.617  1.00 36.51 ? 23  ASN A OD1 1 
ATOM   189  N ND2 . ASN A 1 23  ? 5.402   2.444   14.419  1.00 30.22 ? 23  ASN A ND2 1 
ATOM   190  N N   . TYR A 1 24  ? 4.611   -1.832  11.887  1.00 28.06 ? 24  TYR A N   1 
ATOM   191  C CA  . TYR A 1 24  ? 4.609   -3.193  11.390  1.00 28.28 ? 24  TYR A CA  1 
ATOM   192  C C   . TYR A 1 24  ? 5.748   -3.464  10.362  1.00 27.65 ? 24  TYR A C   1 
ATOM   193  O O   . TYR A 1 24  ? 6.515   -4.426  10.502  1.00 28.19 ? 24  TYR A O   1 
ATOM   194  C CB  . TYR A 1 24  ? 3.214   -3.522  10.841  1.00 28.84 ? 24  TYR A CB  1 
ATOM   195  C CG  . TYR A 1 24  ? 3.004   -4.978  10.547  1.00 28.71 ? 24  TYR A CG  1 
ATOM   196  C CD1 . TYR A 1 24  ? 3.512   -5.537  9.391   1.00 29.87 ? 24  TYR A CD1 1 
ATOM   197  C CD2 . TYR A 1 24  ? 2.310   -5.801  11.432  1.00 30.95 ? 24  TYR A CD2 1 
ATOM   198  C CE1 . TYR A 1 24  ? 3.355   -6.883  9.100   1.00 31.69 ? 24  TYR A CE1 1 
ATOM   199  C CE2 . TYR A 1 24  ? 2.151   -7.178  11.142  1.00 32.61 ? 24  TYR A CE2 1 
ATOM   200  C CZ  . TYR A 1 24  ? 2.667   -7.696  9.972   1.00 32.73 ? 24  TYR A CZ  1 
ATOM   201  O OH  . TYR A 1 24  ? 2.525   -9.047  9.644   1.00 34.14 ? 24  TYR A OH  1 
ATOM   202  N N   . LEU A 1 25  ? 5.884   -2.625  9.325   1.00 27.19 ? 25  LEU A N   1 
ATOM   203  C CA  . LEU A 1 25  ? 6.885   -2.906  8.298   1.00 27.43 ? 25  LEU A CA  1 
ATOM   204  C C   . LEU A 1 25  ? 8.341   -2.591  8.727   1.00 27.59 ? 25  LEU A C   1 
ATOM   205  O O   . LEU A 1 25  ? 9.298   -3.178  8.209   1.00 27.65 ? 25  LEU A O   1 
ATOM   206  C CB  . LEU A 1 25  ? 6.535   -2.191  6.997   1.00 26.71 ? 25  LEU A CB  1 
ATOM   207  C CG  . LEU A 1 25  ? 5.248   -2.741  6.367   1.00 27.37 ? 25  LEU A CG  1 
ATOM   208  C CD1 . LEU A 1 25  ? 4.790   -1.812  5.231   1.00 26.65 ? 25  LEU A CD1 1 
ATOM   209  C CD2 . LEU A 1 25  ? 5.495   -4.130  5.858   1.00 27.97 ? 25  LEU A CD2 1 
ATOM   210  N N   . SER A 1 26  ? 8.502   -1.667  9.653   1.00 27.97 ? 26  SER A N   1 
ATOM   211  C CA  . SER A 1 26  ? 9.849   -1.469  10.244  1.00 29.06 ? 26  SER A CA  1 
ATOM   212  C C   . SER A 1 26  ? 10.435  -2.750  10.867  1.00 29.44 ? 26  SER A C   1 
ATOM   213  O O   . SER A 1 26  ? 11.635  -3.044  10.707  1.00 29.62 ? 26  SER A O   1 
ATOM   214  C CB  . SER A 1 26  ? 9.858   -0.320  11.252  1.00 29.40 ? 26  SER A CB  1 
ATOM   215  O OG  . SER A 1 26  ? 9.497   0.889   10.615  1.00 32.08 ? 26  SER A OG  1 
ATOM   216  N N   . SER A 1 27  ? 9.585   -3.534  11.533  1.00 29.05 ? 27  SER A N   1 
ATOM   217  C CA  . SER A 1 27  ? 10.009  -4.812  12.131  1.00 30.14 ? 27  SER A CA  1 
ATOM   218  C C   . SER A 1 27  ? 10.326  -5.852  11.082  1.00 30.71 ? 27  SER A C   1 
ATOM   219  O O   . SER A 1 27  ? 11.011  -6.848  11.370  1.00 31.25 ? 27  SER A O   1 
ATOM   220  C CB  . SER A 1 27  ? 8.944   -5.358  13.086  1.00 30.73 ? 27  SER A CB  1 
ATOM   221  O OG  . SER A 1 27  ? 8.554   -4.352  14.001  1.00 34.08 ? 27  SER A OG  1 
ATOM   222  N N   . ASN A 1 28  ? 9.841   -5.624  9.857   1.00 30.81 ? 28  ASN A N   1 
ATOM   223  C CA  . ASN A 1 28  ? 10.160  -6.517  8.757   1.00 31.33 ? 28  ASN A CA  1 
ATOM   224  C C   . ASN A 1 28  ? 11.161  -5.889  7.810   1.00 31.77 ? 28  ASN A C   1 
ATOM   225  O O   . ASN A 1 28  ? 11.219  -6.241  6.632   1.00 32.25 ? 28  ASN A O   1 
ATOM   226  C CB  . ASN A 1 28  ? 8.886   -6.984  8.040   1.00 31.18 ? 28  ASN A CB  1 
ATOM   227  C CG  . ASN A 1 28  ? 8.063   -7.955  8.889   1.00 32.24 ? 28  ASN A CG  1 
ATOM   228  O OD1 . ASN A 1 28  ? 8.190   -9.180  8.754   1.00 31.93 ? 28  ASN A OD1 1 
ATOM   229  N ND2 . ASN A 1 28  ? 7.207   -7.416  9.754   1.00 31.66 ? 28  ASN A ND2 1 
ATOM   230  N N   . GLY A 1 29  ? 11.935  -4.945  8.353   1.00 30.97 ? 29  GLY A N   1 
ATOM   231  C CA  . GLY A 1 29  ? 13.144  -4.452  7.728   1.00 30.39 ? 29  GLY A CA  1 
ATOM   232  C C   . GLY A 1 29  ? 12.993  -3.421  6.627   1.00 30.28 ? 29  GLY A C   1 
ATOM   233  O O   . GLY A 1 29  ? 13.944  -3.198  5.892   1.00 31.37 ? 29  GLY A O   1 
ATOM   234  N N   . TRP A 1 30  ? 11.828  -2.776  6.501   1.00 28.58 ? 30  TRP A N   1 
ATOM   235  C CA  . TRP A 1 30  ? 11.699  -1.664  5.546   1.00 28.48 ? 30  TRP A CA  1 
ATOM   236  C C   . TRP A 1 30  ? 12.211  -0.360  6.143   1.00 28.65 ? 30  TRP A C   1 
ATOM   237  O O   . TRP A 1 30  ? 11.989  -0.090  7.325   1.00 28.09 ? 30  TRP A O   1 
ATOM   238  C CB  . TRP A 1 30  ? 10.222  -1.442  5.162   1.00 27.61 ? 30  TRP A CB  1 
ATOM   239  C CG  . TRP A 1 30  ? 9.565   -2.567  4.412   1.00 28.63 ? 30  TRP A CG  1 
ATOM   240  C CD1 . TRP A 1 30  ? 9.679   -3.909  4.647   1.00 27.37 ? 30  TRP A CD1 1 
ATOM   241  C CD2 . TRP A 1 30  ? 8.622   -2.421  3.324   1.00 27.76 ? 30  TRP A CD2 1 
ATOM   242  N NE1 . TRP A 1 30  ? 8.862   -4.622  3.754   1.00 28.13 ? 30  TRP A NE1 1 
ATOM   243  C CE2 . TRP A 1 30  ? 8.215   -3.726  2.935   1.00 28.01 ? 30  TRP A CE2 1 
ATOM   244  C CE3 . TRP A 1 30  ? 8.099   -1.318  2.638   1.00 28.57 ? 30  TRP A CE3 1 
ATOM   245  C CZ2 . TRP A 1 30  ? 7.298   -3.954  1.883   1.00 23.51 ? 30  TRP A CZ2 1 
ATOM   246  C CZ3 . TRP A 1 30  ? 7.165   -1.557  1.568   1.00 27.33 ? 30  TRP A CZ3 1 
ATOM   247  C CH2 . TRP A 1 30  ? 6.798   -2.859  1.222   1.00 28.94 ? 30  TRP A CH2 1 
ATOM   248  N N   . THR A 1 31  ? 12.821  0.494   5.317   1.00 28.63 ? 31  THR A N   1 
ATOM   249  C CA  . THR A 1 31  ? 13.100  1.882   5.727   1.00 28.38 ? 31  THR A CA  1 
ATOM   250  C C   . THR A 1 31  ? 11.862  2.766   5.867   1.00 27.96 ? 31  THR A C   1 
ATOM   251  O O   . THR A 1 31  ? 10.842  2.549   5.194   1.00 28.03 ? 31  THR A O   1 
ATOM   252  C CB  . THR A 1 31  ? 14.048  2.563   4.748   1.00 27.96 ? 31  THR A CB  1 
ATOM   253  O OG1 . THR A 1 31  ? 13.378  2.726   3.486   1.00 28.07 ? 31  THR A OG1 1 
ATOM   254  C CG2 . THR A 1 31  ? 15.309  1.712   4.560   1.00 28.57 ? 31  THR A CG2 1 
ATOM   255  N N   . LYS A 1 32  ? 11.951  3.784   6.715   1.00 27.83 ? 32  LYS A N   1 
ATOM   256  C CA  . LYS A 1 32  ? 10.867  4.731   6.888   1.00 26.95 ? 32  LYS A CA  1 
ATOM   257  C C   . LYS A 1 32  ? 10.530  5.431   5.553   1.00 27.14 ? 32  LYS A C   1 
ATOM   258  O O   . LYS A 1 32  ? 9.355   5.718   5.253   1.00 26.48 ? 32  LYS A O   1 
ATOM   259  C CB  . LYS A 1 32  ? 11.231  5.783   7.948   1.00 27.26 ? 32  LYS A CB  1 
ATOM   260  C CG  . LYS A 1 32  ? 10.088  6.700   8.307   1.00 27.83 ? 32  LYS A CG  1 
ATOM   261  C CD  . LYS A 1 32  ? 10.355  7.506   9.584   1.00 26.65 ? 32  LYS A CD  1 
ATOM   262  C CE  . LYS A 1 32  ? 9.301   8.576   9.763   1.00 25.73 ? 32  LYS A CE  1 
ATOM   263  N NZ  . LYS A 1 32  ? 9.613   9.534   10.887  1.00 26.78 ? 32  LYS A NZ  1 
ATOM   264  N N   . GLN A 1 33  ? 11.569  5.711   4.765   1.00 26.58 ? 33  GLN A N   1 
ATOM   265  C CA  . GLN A 1 33  ? 11.388  6.309   3.432   1.00 26.06 ? 33  GLN A CA  1 
ATOM   266  C C   . GLN A 1 33  ? 10.555  5.431   2.476   1.00 25.63 ? 33  GLN A C   1 
ATOM   267  O O   . GLN A 1 33  ? 9.646   5.928   1.850   1.00 25.13 ? 33  GLN A O   1 
ATOM   268  C CB  . GLN A 1 33  ? 12.740  6.639   2.773   1.00 25.96 ? 33  GLN A CB  1 
ATOM   269  C CG  . GLN A 1 33  ? 13.554  7.715   3.512   1.00 26.30 ? 33  GLN A CG  1 
ATOM   270  C CD  . GLN A 1 33  ? 14.508  7.123   4.552   1.00 27.35 ? 33  GLN A CD  1 
ATOM   271  O OE1 . GLN A 1 33  ? 14.275  6.032   5.079   1.00 29.80 ? 33  GLN A OE1 1 
ATOM   272  N NE2 . GLN A 1 33  ? 15.594  7.844   4.854   1.00 26.18 ? 33  GLN A NE2 1 
ATOM   273  N N   . ALA A 1 34  ? 10.920  4.163   2.379   1.00 26.52 ? 34  ALA A N   1 
ATOM   274  C CA  . ALA A 1 34  ? 10.249  3.174   1.540   1.00 26.95 ? 34  ALA A CA  1 
ATOM   275  C C   . ALA A 1 34  ? 8.807   2.989   1.984   1.00 27.51 ? 34  ALA A C   1 
ATOM   276  O O   . ALA A 1 34  ? 7.889   2.915   1.169   1.00 27.53 ? 34  ALA A O   1 
ATOM   277  C CB  . ALA A 1 34  ? 10.996  1.878   1.609   1.00 27.54 ? 34  ALA A CB  1 
ATOM   278  N N   . ILE A 1 35  ? 8.596   2.948   3.288   1.00 27.19 ? 35  ILE A N   1 
ATOM   279  C CA  . ILE A 1 35  ? 7.252   2.797   3.834   1.00 26.49 ? 35  ILE A CA  1 
ATOM   280  C C   . ILE A 1 35  ? 6.446   4.038   3.530   1.00 26.76 ? 35  ILE A C   1 
ATOM   281  O O   . ILE A 1 35  ? 5.329   3.915   3.043   1.00 25.37 ? 35  ILE A O   1 
ATOM   282  C CB  . ILE A 1 35  ? 7.291   2.523   5.370   1.00 27.00 ? 35  ILE A CB  1 
ATOM   283  C CG1 . ILE A 1 35  ? 8.025   1.199   5.640   1.00 26.76 ? 35  ILE A CG1 1 
ATOM   284  C CG2 . ILE A 1 35  ? 5.860   2.618   6.002   1.00 26.28 ? 35  ILE A CG2 1 
ATOM   285  C CD1 . ILE A 1 35  ? 8.419   0.982   7.148   1.00 25.84 ? 35  ILE A CD1 1 
ATOM   286  N N   . CYS A 1 36  ? 7.014   5.235   3.754   1.00 26.59 ? 36  CYS A N   1 
ATOM   287  C CA  . CYS A 1 36  ? 6.292   6.478   3.424   1.00 27.44 ? 36  CYS A CA  1 
ATOM   288  C C   . CYS A 1 36  ? 5.965   6.671   1.932   1.00 27.07 ? 36  CYS A C   1 
ATOM   289  O O   . CYS A 1 36  ? 4.884   7.146   1.623   1.00 27.99 ? 36  CYS A O   1 
ATOM   290  C CB  . CYS A 1 36  ? 6.959   7.739   4.035   1.00 26.19 ? 36  CYS A CB  1 
ATOM   291  S SG  . CYS A 1 36  ? 6.726   7.713   5.836   1.00 26.86 ? 36  CYS A SG  1 
ATOM   292  N N   . GLY A 1 37  ? 6.866   6.283   1.038   1.00 26.30 ? 37  GLY A N   1 
ATOM   293  C CA  . GLY A 1 37  ? 6.577   6.310   -0.422  1.00 26.80 ? 37  GLY A CA  1 
ATOM   294  C C   . GLY A 1 37  ? 5.355   5.447   -0.728  1.00 26.89 ? 37  GLY A C   1 
ATOM   295  O O   . GLY A 1 37  ? 4.440   5.864   -1.485  1.00 27.38 ? 37  GLY A O   1 
ATOM   296  N N   . MET A 1 38  ? 5.294   4.284   -0.072  1.00 27.28 ? 38  MET A N   1 
ATOM   297  C CA  . MET A 1 38  ? 4.146   3.377   -0.246  1.00 26.97 ? 38  MET A CA  1 
ATOM   298  C C   . MET A 1 38  ? 2.895   3.942   0.406   1.00 27.30 ? 38  MET A C   1 
ATOM   299  O O   . MET A 1 38  ? 1.812   3.913   -0.187  1.00 27.06 ? 38  MET A O   1 
ATOM   300  C CB  . MET A 1 38  ? 4.466   1.945   0.211   1.00 26.58 ? 38  MET A CB  1 
ATOM   301  C CG  . MET A 1 38  ? 3.230   1.022   0.066   1.00 26.22 ? 38  MET A CG  1 
ATOM   302  S SD  . MET A 1 38  ? 3.665   -0.693  0.345   1.00 27.07 ? 38  MET A SD  1 
ATOM   303  C CE  . MET A 1 38  ? 3.884   -0.684  2.144   1.00 28.59 ? 38  MET A CE  1 
ATOM   304  N N   . LEU A 1 39  ? 3.029   4.505   1.609   1.00 26.62 ? 39  LEU A N   1 
ATOM   305  C CA  . LEU A 1 39  ? 1.901   5.233   2.218   1.00 27.15 ? 39  LEU A CA  1 
ATOM   306  C C   . LEU A 1 39  ? 1.260   6.343   1.348   1.00 27.12 ? 39  LEU A C   1 
ATOM   307  O O   . LEU A 1 39  ? 0.018   6.469   1.291   1.00 27.47 ? 39  LEU A O   1 
ATOM   308  C CB  . LEU A 1 39  ? 2.330   5.792   3.584   1.00 26.53 ? 39  LEU A CB  1 
ATOM   309  C CG  . LEU A 1 39  ? 2.435   4.692   4.659   1.00 25.73 ? 39  LEU A CG  1 
ATOM   310  C CD1 . LEU A 1 39  ? 3.132   5.301   5.913   1.00 26.38 ? 39  LEU A CD1 1 
ATOM   311  C CD2 . LEU A 1 39  ? 1.072   4.080   5.067   1.00 28.32 ? 39  LEU A CD2 1 
ATOM   312  N N   . GLY A 1 40  ? 2.103   7.110   0.661   1.00 26.77 ? 40  GLY A N   1 
ATOM   313  C CA  . GLY A 1 40  ? 1.652   8.172   -0.271  1.00 26.34 ? 40  GLY A CA  1 
ATOM   314  C C   . GLY A 1 40  ? 0.840   7.534   -1.384  1.00 26.99 ? 40  GLY A C   1 
ATOM   315  O O   . GLY A 1 40  ? -0.156  8.095   -1.826  1.00 27.82 ? 40  GLY A O   1 
ATOM   316  N N   . ASN A 1 41  ? 1.214   6.314   -1.785  1.00 25.20 ? 41  ASN A N   1 
ATOM   317  C CA  . ASN A 1 41  ? 0.367   5.598   -2.772  1.00 25.18 ? 41  ASN A CA  1 
ATOM   318  C C   . ASN A 1 41  ? -0.923  5.091   -2.151  1.00 25.84 ? 41  ASN A C   1 
ATOM   319  O O   . ASN A 1 41  ? -1.989  5.271   -2.707  1.00 25.18 ? 41  ASN A O   1 
ATOM   320  C CB  . ASN A 1 41  ? 1.149   4.446   -3.434  1.00 24.79 ? 41  ASN A CB  1 
ATOM   321  C CG  . ASN A 1 41  ? 2.082   4.937   -4.505  1.00 24.45 ? 41  ASN A CG  1 
ATOM   322  O OD1 . ASN A 1 41  ? 1.739   4.915   -5.683  1.00 25.27 ? 41  ASN A OD1 1 
ATOM   323  N ND2 . ASN A 1 41  ? 3.262   5.465   -4.097  1.00 26.48 ? 41  ASN A ND2 1 
ATOM   324  N N   . MET A 1 42  ? -0.824  4.462   -0.983  1.00 25.51 ? 42  MET A N   1 
ATOM   325  C CA  . MET A 1 42  ? -2.029  3.931   -0.335  1.00 26.05 ? 42  MET A CA  1 
ATOM   326  C C   . MET A 1 42  ? -3.078  5.010   -0.009  1.00 26.11 ? 42  MET A C   1 
ATOM   327  O O   . MET A 1 42  ? -4.260  4.726   0.012   1.00 25.60 ? 42  MET A O   1 
ATOM   328  C CB  . MET A 1 42  ? -1.641  3.178   0.940   1.00 25.14 ? 42  MET A CB  1 
ATOM   329  C CG  . MET A 1 42  ? -0.762  1.957   0.746   1.00 25.11 ? 42  MET A CG  1 
ATOM   330  S SD  . MET A 1 42  ? -0.362  1.336   2.391   1.00 27.42 ? 42  MET A SD  1 
ATOM   331  C CE  . MET A 1 42  ? 0.167   -0.312  1.923   1.00 26.41 ? 42  MET A CE  1 
ATOM   332  N N   . GLN A 1 43  ? -2.635  6.243   0.290   1.00 26.35 ? 43  GLN A N   1 
ATOM   333  C CA  . GLN A 1 43  ? -3.596  7.328   0.507   1.00 27.32 ? 43  GLN A CA  1 
ATOM   334  C C   . GLN A 1 43  ? -4.439  7.562   -0.744  1.00 27.40 ? 43  GLN A C   1 
ATOM   335  O O   . GLN A 1 43  ? -5.673  7.637   -0.677  1.00 27.31 ? 43  GLN A O   1 
ATOM   336  C CB  . GLN A 1 43  ? -2.884  8.626   0.890   1.00 27.76 ? 43  GLN A CB  1 
ATOM   337  C CG  . GLN A 1 43  ? -3.816  9.830   0.865   1.00 28.78 ? 43  GLN A CG  1 
ATOM   338  C CD  . GLN A 1 43  ? -3.230  10.976  1.654   1.00 30.87 ? 43  GLN A CD  1 
ATOM   339  O OE1 . GLN A 1 43  ? -3.840  12.051  1.792   1.00 32.25 ? 43  GLN A OE1 1 
ATOM   340  N NE2 . GLN A 1 43  ? -2.038  10.754  2.185   1.00 27.13 ? 43  GLN A NE2 1 
ATOM   341  N N   . SER A 1 44  ? -3.776  7.653   -1.901  1.00 26.82 ? 44  SER A N   1 
ATOM   342  C CA  . SER A 1 44  ? -4.541  7.830   -3.151  1.00 26.60 ? 44  SER A CA  1 
ATOM   343  C C   . SER A 1 44  ? -5.364  6.590   -3.521  1.00 26.96 ? 44  SER A C   1 
ATOM   344  O O   . SER A 1 44  ? -6.509  6.694   -4.020  1.00 25.73 ? 44  SER A O   1 
ATOM   345  C CB  . SER A 1 44  ? -3.635  8.258   -4.309  1.00 26.59 ? 44  SER A CB  1 
ATOM   346  O OG  . SER A 1 44  ? -3.038  9.542   -4.081  1.00 27.08 ? 44  SER A OG  1 
ATOM   347  N N   . GLU A 1 45  ? -4.813  5.403   -3.263  1.00 26.28 ? 45  GLU A N   1 
ATOM   348  C CA  . GLU A 1 45  ? -5.545  4.180   -3.629  1.00 27.30 ? 45  GLU A CA  1 
ATOM   349  C C   . GLU A 1 45  ? -6.813  3.925   -2.792  1.00 27.97 ? 45  GLU A C   1 
ATOM   350  O O   . GLU A 1 45  ? -7.872  3.514   -3.335  1.00 27.58 ? 45  GLU A O   1 
ATOM   351  C CB  . GLU A 1 45  ? -4.605  2.970   -3.585  1.00 26.98 ? 45  GLU A CB  1 
ATOM   352  C CG  . GLU A 1 45  ? -3.397  3.053   -4.541  1.00 27.65 ? 45  GLU A CG  1 
ATOM   353  C CD  . GLU A 1 45  ? -3.781  2.821   -5.993  1.00 32.16 ? 45  GLU A CD  1 
ATOM   354  O OE1 . GLU A 1 45  ? -4.964  2.449   -6.235  1.00 30.87 ? 45  GLU A OE1 1 
ATOM   355  O OE2 . GLU A 1 45  ? -2.930  3.027   -6.889  1.00 30.13 ? 45  GLU A OE2 1 
ATOM   356  N N   . SER A 1 46  ? -6.701  4.091   -1.475  1.00 27.54 ? 46  SER A N   1 
ATOM   357  C CA  . SER A 1 46  ? -7.725  3.635   -0.558  1.00 27.88 ? 46  SER A CA  1 
ATOM   358  C C   . SER A 1 46  ? -7.970  4.521   0.656   1.00 27.61 ? 46  SER A C   1 
ATOM   359  O O   . SER A 1 46  ? -8.739  4.103   1.553   1.00 28.34 ? 46  SER A O   1 
ATOM   360  C CB  . SER A 1 46  ? -7.390  2.229   -0.013  1.00 27.70 ? 46  SER A CB  1 
ATOM   361  O OG  . SER A 1 46  ? -6.162  2.267   0.747   1.00 26.33 ? 46  SER A OG  1 
ATOM   362  N N   . THR A 1 47  ? -7.340  5.703   0.705   1.00 26.81 ? 47  THR A N   1 
ATOM   363  C CA  . THR A 1 47  ? -7.202  6.465   1.951   1.00 26.92 ? 47  THR A CA  1 
ATOM   364  C C   . THR A 1 47  ? -6.657  5.561   3.099   1.00 26.90 ? 47  THR A C   1 
ATOM   365  O O   . THR A 1 47  ? -7.092  5.629   4.260   1.00 26.45 ? 47  THR A O   1 
ATOM   366  C CB  . THR A 1 47  ? -8.511  7.223   2.345   1.00 27.72 ? 47  THR A CB  1 
ATOM   367  O OG1 . THR A 1 47  ? -9.607  6.303   2.534   1.00 27.25 ? 47  THR A OG1 1 
ATOM   368  C CG2 . THR A 1 47  ? -8.902  8.279   1.265   1.00 25.89 ? 47  THR A CG2 1 
ATOM   369  N N   . ILE A 1 48  ? -5.746  4.667   2.713   1.00 26.15 ? 48  ILE A N   1 
ATOM   370  C CA  . ILE A 1 48  ? -5.031  3.780   3.626   1.00 26.36 ? 48  ILE A CA  1 
ATOM   371  C C   . ILE A 1 48  ? -6.023  2.970   4.450   1.00 26.60 ? 48  ILE A C   1 
ATOM   372  O O   . ILE A 1 48  ? -5.870  2.839   5.677   1.00 26.57 ? 48  ILE A O   1 
ATOM   373  C CB  . ILE A 1 48  ? -4.064  4.552   4.600   1.00 25.91 ? 48  ILE A CB  1 
ATOM   374  C CG1 . ILE A 1 48  ? -3.396  5.772   3.945   1.00 25.80 ? 48  ILE A CG1 1 
ATOM   375  C CG2 . ILE A 1 48  ? -2.949  3.658   5.082   1.00 26.35 ? 48  ILE A CG2 1 
ATOM   376  C CD1 . ILE A 1 48  ? -2.248  6.380   4.856   1.00 26.12 ? 48  ILE A CD1 1 
ATOM   377  N N   . ASN A 1 49  ? -7.051  2.450   3.782   1.00 26.47 ? 49  ASN A N   1 
ATOM   378  C CA  . ASN A 1 49  ? -8.120  1.726   4.447   1.00 26.46 ? 49  ASN A CA  1 
ATOM   379  C C   . ASN A 1 49  ? -8.134  0.271   3.947   1.00 26.78 ? 49  ASN A C   1 
ATOM   380  O O   . ASN A 1 49  ? -8.440  0.024   2.784   1.00 26.39 ? 49  ASN A O   1 
ATOM   381  C CB  . ASN A 1 49  ? -9.479  2.371   4.149   1.00 27.44 ? 49  ASN A CB  1 
ATOM   382  C CG  . ASN A 1 49  ? -10.568 1.831   5.022   1.00 26.94 ? 49  ASN A CG  1 
ATOM   383  O OD1 . ASN A 1 49  ? -10.447 0.752   5.554   1.00 26.00 ? 49  ASN A OD1 1 
ATOM   384  N ND2 . ASN A 1 49  ? -11.669 2.584   5.166   1.00 28.36 ? 49  ASN A ND2 1 
ATOM   385  N N   . PRO A 1 50  ? -7.786  -0.681  4.828   1.00 27.14 ? 50  PRO A N   1 
ATOM   386  C CA  . PRO A 1 50  ? -7.748  -2.078  4.359   1.00 27.72 ? 50  PRO A CA  1 
ATOM   387  C C   . PRO A 1 50  ? -9.109  -2.639  4.020   1.00 28.10 ? 50  PRO A C   1 
ATOM   388  O O   . PRO A 1 50  ? -9.156  -3.718  3.453   1.00 28.08 ? 50  PRO A O   1 
ATOM   389  C CB  . PRO A 1 50  ? -7.233  -2.862  5.577   1.00 27.03 ? 50  PRO A CB  1 
ATOM   390  C CG  . PRO A 1 50  ? -6.580  -1.853  6.466   1.00 29.38 ? 50  PRO A CG  1 
ATOM   391  C CD  . PRO A 1 50  ? -7.381  -0.560  6.241   1.00 27.60 ? 50  PRO A CD  1 
ATOM   392  N N   . GLY A 1 51  ? -10.187 -1.947  4.411   1.00 27.50 ? 51  GLY A N   1 
ATOM   393  C CA  . GLY A 1 51  ? -11.534 -2.429  4.141   1.00 27.29 ? 51  GLY A CA  1 
ATOM   394  C C   . GLY A 1 51  ? -12.161 -1.908  2.864   1.00 27.60 ? 51  GLY A C   1 
ATOM   395  O O   . GLY A 1 51  ? -13.311 -2.239  2.583   1.00 27.68 ? 51  GLY A O   1 
ATOM   396  N N   . LEU A 1 52  ? -11.411 -1.132  2.080   1.00 26.76 ? 52  LEU A N   1 
ATOM   397  C CA  . LEU A 1 52  ? -12.020 -0.322  1.006   1.00 27.00 ? 52  LEU A CA  1 
ATOM   398  C C   . LEU A 1 52  ? -12.089 -0.983  -0.370  1.00 26.80 ? 52  LEU A C   1 
ATOM   399  O O   . LEU A 1 52  ? -11.079 -1.402  -0.936  1.00 27.59 ? 52  LEU A O   1 
ATOM   400  C CB  . LEU A 1 52  ? -11.328 1.046   0.925   1.00 26.35 ? 52  LEU A CB  1 
ATOM   401  C CG  . LEU A 1 52  ? -12.044 2.106   0.060   1.00 29.31 ? 52  LEU A CG  1 
ATOM   402  C CD1 . LEU A 1 52  ? -12.017 3.485   0.770   1.00 32.06 ? 52  LEU A CD1 1 
ATOM   403  C CD2 . LEU A 1 52  ? -11.403 2.203   -1.314  1.00 29.28 ? 52  LEU A CD2 1 
ATOM   404  N N   . TRP A 1 53  ? -13.290 -1.017  -0.934  1.00 25.61 ? 53  TRP A N   1 
ATOM   405  C CA  . TRP A 1 53  ? -13.491 -1.518  -2.284  1.00 25.05 ? 53  TRP A CA  1 
ATOM   406  C C   . TRP A 1 53  ? -13.481 -0.369  -3.291  1.00 24.59 ? 53  TRP A C   1 
ATOM   407  O O   . TRP A 1 53  ? -13.975 0.711   -2.997  1.00 24.15 ? 53  TRP A O   1 
ATOM   408  C CB  . TRP A 1 53  ? -14.834 -2.235  -2.368  1.00 25.80 ? 53  TRP A CB  1 
ATOM   409  C CG  . TRP A 1 53  ? -14.956 -3.457  -1.521  1.00 27.57 ? 53  TRP A CG  1 
ATOM   410  C CD1 . TRP A 1 53  ? -15.289 -3.504  -0.210  1.00 28.15 ? 53  TRP A CD1 1 
ATOM   411  C CD2 . TRP A 1 53  ? -14.826 -4.812  -1.957  1.00 26.47 ? 53  TRP A CD2 1 
ATOM   412  N NE1 . TRP A 1 53  ? -15.328 -4.806  0.225   1.00 28.07 ? 53  TRP A NE1 1 
ATOM   413  C CE2 . TRP A 1 53  ? -15.053 -5.632  -0.832  1.00 28.41 ? 53  TRP A CE2 1 
ATOM   414  C CE3 . TRP A 1 53  ? -14.514 -5.410  -3.186  1.00 28.07 ? 53  TRP A CE3 1 
ATOM   415  C CZ2 . TRP A 1 53  ? -14.968 -7.047  -0.886  1.00 28.11 ? 53  TRP A CZ2 1 
ATOM   416  C CZ3 . TRP A 1 53  ? -14.449 -6.828  -3.254  1.00 28.45 ? 53  TRP A CZ3 1 
ATOM   417  C CH2 . TRP A 1 53  ? -14.670 -7.618  -2.114  1.00 27.36 ? 53  TRP A CH2 1 
ATOM   418  N N   . GLN A 1 54  ? -12.892 -0.578  -4.457  1.00 24.37 ? 54  GLN A N   1 
ATOM   419  C CA  . GLN A 1 54  ? -12.901 0.442   -5.524  1.00 25.14 ? 54  GLN A CA  1 
ATOM   420  C C   . GLN A 1 54  ? -14.353 0.930   -5.775  1.00 24.39 ? 54  GLN A C   1 
ATOM   421  O O   . GLN A 1 54  ? -15.267 0.115   -5.859  1.00 24.04 ? 54  GLN A O   1 
ATOM   422  C CB  . GLN A 1 54  ? -12.322 -0.128  -6.824  1.00 25.35 ? 54  GLN A CB  1 
ATOM   423  C CG  . GLN A 1 54  ? -12.294 0.858   -7.946  1.00 26.55 ? 54  GLN A CG  1 
ATOM   424  C CD  . GLN A 1 54  ? -11.624 0.346   -9.214  1.00 26.18 ? 54  GLN A CD  1 
ATOM   425  O OE1 . GLN A 1 54  ? -11.491 1.094   -10.177 1.00 33.25 ? 54  GLN A OE1 1 
ATOM   426  N NE2 . GLN A 1 54  ? -11.220 -0.906  -9.228  1.00 23.87 ? 54  GLN A NE2 1 
ATOM   427  N N   . ASN A 1 55  ? -14.526 2.244   -5.906  1.00 24.43 ? 55  ASN A N   1 
ATOM   428  C CA  . ASN A 1 55  ? -15.860 2.908   -6.038  1.00 23.85 ? 55  ASN A CA  1 
ATOM   429  C C   . ASN A 1 55  ? -16.817 2.637   -4.868  1.00 23.56 ? 55  ASN A C   1 
ATOM   430  O O   . ASN A 1 55  ? -18.036 2.851   -5.010  1.00 22.68 ? 55  ASN A O   1 
ATOM   431  C CB  . ASN A 1 55  ? -16.588 2.521   -7.336  1.00 24.73 ? 55  ASN A CB  1 
ATOM   432  C CG  . ASN A 1 55  ? -15.778 2.762   -8.583  1.00 27.21 ? 55  ASN A CG  1 
ATOM   433  O OD1 . ASN A 1 55  ? -15.714 1.866   -9.431  1.00 30.11 ? 55  ASN A OD1 1 
ATOM   434  N ND2 . ASN A 1 55  ? -15.159 3.941   -8.722  1.00 27.51 ? 55  ASN A ND2 1 
ATOM   435  N N   . LEU A 1 56  ? -16.284 2.142   -3.739  1.00 23.41 ? 56  LEU A N   1 
ATOM   436  C CA  . LEU A 1 56  ? -17.106 1.677   -2.619  1.00 23.82 ? 56  LEU A CA  1 
ATOM   437  C C   . LEU A 1 56  ? -18.065 0.562   -3.038  1.00 24.41 ? 56  LEU A C   1 
ATOM   438  O O   . LEU A 1 56  ? -19.150 0.389   -2.461  1.00 25.49 ? 56  LEU A O   1 
ATOM   439  C CB  . LEU A 1 56  ? -17.860 2.856   -1.978  1.00 24.40 ? 56  LEU A CB  1 
ATOM   440  C CG  . LEU A 1 56  ? -16.965 4.005   -1.501  1.00 24.39 ? 56  LEU A CG  1 
ATOM   441  C CD1 . LEU A 1 56  ? -17.794 4.941   -0.636  1.00 25.86 ? 56  LEU A CD1 1 
ATOM   442  C CD2 . LEU A 1 56  ? -15.707 3.538   -0.704  1.00 24.15 ? 56  LEU A CD2 1 
ATOM   443  N N   . ASP A 1 57  ? -17.657 -0.186  -4.063  1.00 24.52 ? 57  ASP A N   1 
ATOM   444  C CA  . ASP A 1 57  ? -18.495 -1.233  -4.606  1.00 24.91 ? 57  ASP A CA  1 
ATOM   445  C C   . ASP A 1 57  ? -18.219 -2.546  -3.851  1.00 25.53 ? 57  ASP A C   1 
ATOM   446  O O   . ASP A 1 57  ? -17.510 -3.427  -4.339  1.00 24.82 ? 57  ASP A O   1 
ATOM   447  C CB  . ASP A 1 57  ? -18.234 -1.310  -6.109  1.00 24.95 ? 57  ASP A CB  1 
ATOM   448  C CG  . ASP A 1 57  ? -19.201 -2.196  -6.836  1.00 26.50 ? 57  ASP A CG  1 
ATOM   449  O OD1 . ASP A 1 57  ? -20.036 -2.848  -6.174  1.00 27.24 ? 57  ASP A OD1 1 
ATOM   450  O OD2 . ASP A 1 57  ? -19.105 -2.247  -8.085  1.00 26.21 ? 57  ASP A OD2 1 
ATOM   451  N N   . GLU A 1 58  ? -18.793 -2.668  -2.652  1.00 26.54 ? 58  GLU A N   1 
ATOM   452  C CA  . GLU A 1 58  ? -18.550 -3.832  -1.784  1.00 27.22 ? 58  GLU A CA  1 
ATOM   453  C C   . GLU A 1 58  ? -18.905 -5.161  -2.458  1.00 26.25 ? 58  GLU A C   1 
ATOM   454  O O   . GLU A 1 58  ? -20.007 -5.315  -2.982  1.00 25.38 ? 58  GLU A O   1 
ATOM   455  C CB  . GLU A 1 58  ? -19.287 -3.664  -0.454  1.00 27.13 ? 58  GLU A CB  1 
ATOM   456  C CG  . GLU A 1 58  ? -19.027 -4.768  0.535   1.00 28.63 ? 58  GLU A CG  1 
ATOM   457  C CD  . GLU A 1 58  ? -19.689 -4.533  1.895   1.00 29.43 ? 58  GLU A CD  1 
ATOM   458  O OE1 . GLU A 1 58  ? -20.759 -3.882  1.992   1.00 32.82 ? 58  GLU A OE1 1 
ATOM   459  O OE2 . GLU A 1 58  ? -19.115 -5.025  2.888   1.00 37.40 ? 58  GLU A OE2 1 
ATOM   460  N N   . GLY A 1 59  ? -17.966 -6.113  -2.455  1.00 26.40 ? 59  GLY A N   1 
ATOM   461  C CA  . GLY A 1 59  ? -18.253 -7.436  -2.990  1.00 26.86 ? 59  GLY A CA  1 
ATOM   462  C C   . GLY A 1 59  ? -17.996 -7.614  -4.473  1.00 27.61 ? 59  GLY A C   1 
ATOM   463  O O   . GLY A 1 59  ? -18.221 -8.704  -5.013  1.00 27.23 ? 59  GLY A O   1 
ATOM   464  N N   . ASN A 1 60  ? -17.547 -6.560  -5.144  1.00 27.53 ? 60  ASN A N   1 
ATOM   465  C CA  . ASN A 1 60  ? -17.138 -6.686  -6.547  1.00 27.80 ? 60  ASN A CA  1 
ATOM   466  C C   . ASN A 1 60  ? -15.670 -7.090  -6.628  1.00 27.14 ? 60  ASN A C   1 
ATOM   467  O O   . ASN A 1 60  ? -14.784 -6.227  -6.585  1.00 27.21 ? 60  ASN A O   1 
ATOM   468  C CB  . ASN A 1 60  ? -17.396 -5.391  -7.329  1.00 28.22 ? 60  ASN A CB  1 
ATOM   469  C CG  . ASN A 1 60  ? -17.153 -5.551  -8.840  1.00 29.39 ? 60  ASN A CG  1 
ATOM   470  O OD1 . ASN A 1 60  ? -16.557 -6.534  -9.283  1.00 27.76 ? 60  ASN A OD1 1 
ATOM   471  N ND2 . ASN A 1 60  ? -17.623 -4.579  -9.630  1.00 29.36 ? 60  ASN A ND2 1 
ATOM   472  N N   . THR A 1 61  ? -15.408 -8.389  -6.799  1.00 27.52 ? 61  THR A N   1 
ATOM   473  C CA  . THR A 1 61  ? -14.010 -8.910  -6.731  1.00 27.58 ? 61  THR A CA  1 
ATOM   474  C C   . THR A 1 61  ? -13.252 -8.751  -8.044  1.00 27.38 ? 61  THR A C   1 
ATOM   475  O O   . THR A 1 61  ? -12.091 -9.153  -8.153  1.00 28.05 ? 61  THR A O   1 
ATOM   476  C CB  . THR A 1 61  ? -13.936 -10.411 -6.305  1.00 27.39 ? 61  THR A CB  1 
ATOM   477  O OG1 . THR A 1 61  ? -14.696 -11.208 -7.232  1.00 28.31 ? 61  THR A OG1 1 
ATOM   478  C CG2 . THR A 1 61  ? -14.425 -10.632 -4.866  1.00 27.46 ? 61  THR A CG2 1 
ATOM   479  N N   . SER A 1 62  ? -13.916 -8.208  -9.054  1.00 26.75 ? 62  SER A N   1 
ATOM   480  C CA  . SER A 1 62  ? -13.268 -7.875  -10.316 1.00 27.16 ? 62  SER A CA  1 
ATOM   481  C C   . SER A 1 62  ? -12.487 -6.559  -10.257 1.00 27.45 ? 62  SER A C   1 
ATOM   482  O O   . SER A 1 62  ? -11.637 -6.264  -11.126 1.00 27.22 ? 62  SER A O   1 
ATOM   483  C CB  . SER A 1 62  ? -14.293 -7.861  -11.467 1.00 26.81 ? 62  SER A CB  1 
ATOM   484  O OG  . SER A 1 62  ? -14.989 -6.636  -11.580 1.00 27.23 ? 62  SER A OG  1 
ATOM   485  N N   . LEU A 1 63  ? -12.789 -5.756  -9.241  1.00 27.62 ? 63  LEU A N   1 
ATOM   486  C CA  . LEU A 1 63  ? -12.228 -4.412  -9.167  1.00 28.34 ? 63  LEU A CA  1 
ATOM   487  C C   . LEU A 1 63  ? -11.248 -4.395  -7.989  1.00 27.89 ? 63  LEU A C   1 
ATOM   488  O O   . LEU A 1 63  ? -10.896 -5.449  -7.448  1.00 28.20 ? 63  LEU A O   1 
ATOM   489  C CB  . LEU A 1 63  ? -13.331 -3.361  -8.987  1.00 28.37 ? 63  LEU A CB  1 
ATOM   490  C CG  . LEU A 1 63  ? -14.401 -3.100  -10.091 1.00 33.22 ? 63  LEU A CG  1 
ATOM   491  C CD1 . LEU A 1 63  ? -15.513 -2.278  -9.461  1.00 33.00 ? 63  LEU A CD1 1 
ATOM   492  C CD2 . LEU A 1 63  ? -13.908 -2.402  -11.342 1.00 34.22 ? 63  LEU A CD2 1 
ATOM   493  N N   . GLY A 1 64  ? -10.844 -3.207  -7.588  1.00 27.46 ? 64  GLY A N   1 
ATOM   494  C CA  . GLY A 1 64  ? -9.744  -3.030  -6.615  1.00 27.00 ? 64  GLY A CA  1 
ATOM   495  C C   . GLY A 1 64  ? -10.241 -3.213  -5.191  1.00 27.18 ? 64  GLY A C   1 
ATOM   496  O O   . GLY A 1 64  ? -11.400 -2.909  -4.879  1.00 27.20 ? 64  GLY A O   1 
ATOM   497  N N   . PHE A 1 65  ? -9.366  -3.701  -4.309  1.00 27.45 ? 65  PHE A N   1 
ATOM   498  C CA  . PHE A 1 65  ? -9.692  -3.785  -2.891  1.00 26.70 ? 65  PHE A CA  1 
ATOM   499  C C   . PHE A 1 65  ? -8.476  -3.559  -1.984  1.00 28.35 ? 65  PHE A C   1 
ATOM   500  O O   . PHE A 1 65  ? -7.375  -3.943  -2.335  1.00 29.07 ? 65  PHE A O   1 
ATOM   501  C CB  . PHE A 1 65  ? -10.318 -5.154  -2.587  1.00 28.04 ? 65  PHE A CB  1 
ATOM   502  C CG  . PHE A 1 65  ? -10.479 -5.444  -1.124  1.00 26.44 ? 65  PHE A CG  1 
ATOM   503  C CD1 . PHE A 1 65  ? -9.493  -6.102  -0.426  1.00 28.97 ? 65  PHE A CD1 1 
ATOM   504  C CD2 . PHE A 1 65  ? -11.621 -5.008  -0.428  1.00 26.85 ? 65  PHE A CD2 1 
ATOM   505  C CE1 . PHE A 1 65  ? -9.640  -6.344  0.950   1.00 29.01 ? 65  PHE A CE1 1 
ATOM   506  C CE2 . PHE A 1 65  ? -11.789 -5.248  0.914   1.00 27.10 ? 65  PHE A CE2 1 
ATOM   507  C CZ  . PHE A 1 65  ? -10.787 -5.937  1.619   1.00 28.35 ? 65  PHE A CZ  1 
ATOM   508  N N   . GLY A 1 66  ? -8.691  -2.975  -0.806  1.00 28.00 ? 66  GLY A N   1 
ATOM   509  C CA  . GLY A 1 66  ? -7.649  -2.942  0.249   1.00 27.74 ? 66  GLY A CA  1 
ATOM   510  C C   . GLY A 1 66  ? -6.635  -1.831  0.051   1.00 26.94 ? 66  GLY A C   1 
ATOM   511  O O   . GLY A 1 66  ? -6.728  -1.007  -0.868  1.00 25.94 ? 66  GLY A O   1 
ATOM   512  N N   . LEU A 1 67  ? -5.604  -1.845  0.895   1.00 26.23 ? 67  LEU A N   1 
ATOM   513  C CA  . LEU A 1 67  ? -4.647  -0.724  0.973   1.00 26.04 ? 67  LEU A CA  1 
ATOM   514  C C   . LEU A 1 67  ? -4.071  -0.240  -0.339  1.00 26.62 ? 67  LEU A C   1 
ATOM   515  O O   . LEU A 1 67  ? -4.016  0.984   -0.605  1.00 27.25 ? 67  LEU A O   1 
ATOM   516  C CB  . LEU A 1 67  ? -3.481  -1.127  1.895   1.00 26.53 ? 67  LEU A CB  1 
ATOM   517  C CG  . LEU A 1 67  ? -3.839  -1.314  3.367   1.00 26.06 ? 67  LEU A CG  1 
ATOM   518  C CD1 . LEU A 1 67  ? -2.624  -1.939  4.077   1.00 25.35 ? 67  LEU A CD1 1 
ATOM   519  C CD2 . LEU A 1 67  ? -4.264  -0.003  4.039   1.00 27.46 ? 67  LEU A CD2 1 
ATOM   520  N N   . VAL A 1 68  ? -3.620  -1.185  -1.173  1.00 26.41 ? 68  VAL A N   1 
ATOM   521  C CA  . VAL A 1 68  ? -3.011  -0.834  -2.459  1.00 26.78 ? 68  VAL A CA  1 
ATOM   522  C C   . VAL A 1 68  ? -3.954  -1.070  -3.674  1.00 28.33 ? 68  VAL A C   1 
ATOM   523  O O   . VAL A 1 68  ? -3.538  -0.927  -4.834  1.00 27.73 ? 68  VAL A O   1 
ATOM   524  C CB  . VAL A 1 68  ? -1.701  -1.613  -2.715  1.00 27.51 ? 68  VAL A CB  1 
ATOM   525  C CG1 . VAL A 1 68  ? -0.630  -1.268  -1.652  1.00 25.95 ? 68  VAL A CG1 1 
ATOM   526  C CG2 . VAL A 1 68  ? -1.971  -3.093  -2.719  1.00 26.74 ? 68  VAL A CG2 1 
ATOM   527  N N   . GLN A 1 69  ? -5.215  -1.398  -3.386  1.00 27.43 ? 69  GLN A N   1 
ATOM   528  C CA  . GLN A 1 69  ? -6.215  -1.668  -4.431  1.00 27.35 ? 69  GLN A CA  1 
ATOM   529  C C   . GLN A 1 69  ? -5.717  -2.783  -5.349  1.00 28.12 ? 69  GLN A C   1 
ATOM   530  O O   . GLN A 1 69  ? -5.551  -2.568  -6.554  1.00 28.47 ? 69  GLN A O   1 
ATOM   531  C CB  . GLN A 1 69  ? -6.572  -0.388  -5.201  1.00 26.80 ? 69  GLN A CB  1 
ATOM   532  C CG  . GLN A 1 69  ? -7.336  0.596   -4.261  1.00 25.29 ? 69  GLN A CG  1 
ATOM   533  C CD  . GLN A 1 69  ? -8.795  0.115   -4.026  1.00 25.54 ? 69  GLN A CD  1 
ATOM   534  O OE1 . GLN A 1 69  ? -9.611  0.141   -4.948  1.00 25.40 ? 69  GLN A OE1 1 
ATOM   535  N NE2 . GLN A 1 69  ? -9.098  -0.339  -2.805  1.00 25.47 ? 69  GLN A NE2 1 
ATOM   536  N N   . TRP A 1 70  ? -5.453  -3.942  -4.756  1.00 28.30 ? 70  TRP A N   1 
ATOM   537  C CA  . TRP A 1 70  ? -5.225  -5.191  -5.521  1.00 28.60 ? 70  TRP A CA  1 
ATOM   538  C C   . TRP A 1 70  ? -6.365  -5.394  -6.496  1.00 30.06 ? 70  TRP A C   1 
ATOM   539  O O   . TRP A 1 70  ? -7.502  -5.444  -6.077  1.00 29.89 ? 70  TRP A O   1 
ATOM   540  C CB  . TRP A 1 70  ? -5.218  -6.407  -4.617  1.00 28.52 ? 70  TRP A CB  1 
ATOM   541  C CG  . TRP A 1 70  ? -3.926  -6.535  -3.848  1.00 29.70 ? 70  TRP A CG  1 
ATOM   542  C CD1 . TRP A 1 70  ? -2.739  -7.041  -4.315  1.00 30.14 ? 70  TRP A CD1 1 
ATOM   543  C CD2 . TRP A 1 70  ? -3.693  -6.124  -2.499  1.00 29.40 ? 70  TRP A CD2 1 
ATOM   544  N NE1 . TRP A 1 70  ? -1.790  -7.008  -3.315  1.00 27.99 ? 70  TRP A NE1 1 
ATOM   545  C CE2 . TRP A 1 70  ? -2.338  -6.431  -2.196  1.00 27.58 ? 70  TRP A CE2 1 
ATOM   546  C CE3 . TRP A 1 70  ? -4.496  -5.543  -1.502  1.00 28.72 ? 70  TRP A CE3 1 
ATOM   547  C CZ2 . TRP A 1 70  ? -1.772  -6.145  -0.946  1.00 28.52 ? 70  TRP A CZ2 1 
ATOM   548  C CZ3 . TRP A 1 70  ? -3.929  -5.243  -0.261  1.00 27.56 ? 70  TRP A CZ3 1 
ATOM   549  C CH2 . TRP A 1 70  ? -2.580  -5.554  0.010   1.00 30.09 ? 70  TRP A CH2 1 
ATOM   550  N N   . THR A 1 71  ? -6.011  -5.521  -7.770  1.00 30.70 ? 71  THR A N   1 
ATOM   551  C CA  . THR A 1 71  ? -6.962  -5.605  -8.873  1.00 31.55 ? 71  THR A CA  1 
ATOM   552  C C   . THR A 1 71  ? -6.535  -6.768  -9.798  1.00 32.18 ? 71  THR A C   1 
ATOM   553  O O   . THR A 1 71  ? -5.360  -6.858  -10.173 1.00 32.98 ? 71  THR A O   1 
ATOM   554  C CB  . THR A 1 71  ? -7.034  -4.285  -9.644  1.00 30.59 ? 71  THR A CB  1 
ATOM   555  O OG1 . THR A 1 71  ? -7.270  -3.196  -8.738  1.00 32.63 ? 71  THR A OG1 1 
ATOM   556  C CG2 . THR A 1 71  ? -8.179  -4.319  -10.693 1.00 31.37 ? 71  THR A CG2 1 
ATOM   557  N N   . PRO A 1 72  ? -7.448  -7.715  -10.078 1.00 31.73 ? 72  PRO A N   1 
ATOM   558  C CA  . PRO A 1 72  ? -8.752  -7.861  -9.449  1.00 31.84 ? 72  PRO A CA  1 
ATOM   559  C C   . PRO A 1 72  ? -8.589  -8.266  -7.999  1.00 31.65 ? 72  PRO A C   1 
ATOM   560  O O   . PRO A 1 72  ? -7.694  -9.047  -7.680  1.00 32.15 ? 72  PRO A O   1 
ATOM   561  C CB  . PRO A 1 72  ? -9.381  -9.026  -10.233 1.00 31.22 ? 72  PRO A CB  1 
ATOM   562  C CG  . PRO A 1 72  ? -8.194  -9.838  -10.677 1.00 32.44 ? 72  PRO A CG  1 
ATOM   563  C CD  . PRO A 1 72  ? -7.221  -8.767  -11.090 1.00 32.18 ? 72  PRO A CD  1 
ATOM   564  N N   . ALA A 1 73  ? -9.448  -7.742  -7.122  1.00 31.39 ? 73  ALA A N   1 
ATOM   565  C CA  . ALA A 1 73  ? -9.496  -8.144  -5.700  1.00 31.53 ? 73  ALA A CA  1 
ATOM   566  C C   . ALA A 1 73  ? -9.285  -9.639  -5.429  1.00 32.44 ? 73  ALA A C   1 
ATOM   567  O O   . ALA A 1 73  ? -8.613  -10.023 -4.451  1.00 31.64 ? 73  ALA A O   1 
ATOM   568  C CB  . ALA A 1 73  ? -10.789 -7.702  -5.063  1.00 30.80 ? 73  ALA A CB  1 
ATOM   569  N N   . SER A 1 74  ? -9.889  -10.482 -6.265  1.00 31.37 ? 74  SER A N   1 
ATOM   570  C CA  . SER A 1 74  ? -9.698  -11.930 -6.162  1.00 33.91 ? 74  SER A CA  1 
ATOM   571  C C   . SER A 1 74  ? -8.208  -12.374 -6.117  1.00 34.79 ? 74  SER A C   1 
ATOM   572  O O   . SER A 1 74  ? -7.918  -13.380 -5.510  1.00 36.95 ? 74  SER A O   1 
ATOM   573  C CB  . SER A 1 74  ? -10.352 -12.610 -7.355  1.00 32.54 ? 74  SER A CB  1 
ATOM   574  O OG  . SER A 1 74  ? -9.699  -12.105 -8.482  1.00 32.69 ? 74  SER A OG  1 
ATOM   575  N N   . ASN A 1 75  ? -7.296  -11.664 -6.774  1.00 35.65 ? 75  ASN A N   1 
ATOM   576  C CA  . ASN A 1 75  ? -5.864  -12.042 -6.746  1.00 37.18 ? 75  ASN A CA  1 
ATOM   577  C C   . ASN A 1 75  ? -5.461  -12.122 -5.254  1.00 36.27 ? 75  ASN A C   1 
ATOM   578  O O   . ASN A 1 75  ? -5.007  -13.173 -4.762  1.00 38.02 ? 75  ASN A O   1 
ATOM   579  C CB  . ASN A 1 75  ? -4.976  -11.035 -7.505  1.00 37.45 ? 75  ASN A CB  1 
ATOM   580  C CG  . ASN A 1 75  ? -5.023  -11.198 -9.061  1.00 40.30 ? 75  ASN A CG  1 
ATOM   581  O OD1 . ASN A 1 75  ? -4.510  -10.343 -9.792  1.00 42.78 ? 75  ASN A OD1 1 
ATOM   582  N ND2 . ASN A 1 75  ? -5.637  -12.285 -9.547  1.00 40.21 ? 75  ASN A ND2 1 
ATOM   583  N N   . TYR A 1 76  ? -5.730  -11.038 -4.520  1.00 34.17 ? 76  TYR A N   1 
ATOM   584  C CA  . TYR A 1 76  ? -5.473  -11.000 -3.080  1.00 31.50 ? 76  TYR A CA  1 
ATOM   585  C C   . TYR A 1 76  ? -6.386  -11.883 -2.237  1.00 30.91 ? 76  TYR A C   1 
ATOM   586  O O   . TYR A 1 76  ? -5.928  -12.604 -1.344  1.00 29.59 ? 76  TYR A O   1 
ATOM   587  C CB  . TYR A 1 76  ? -5.493  -9.540  -2.559  1.00 31.22 ? 76  TYR A CB  1 
ATOM   588  C CG  . TYR A 1 76  ? -5.593  -9.501  -1.062  1.00 29.52 ? 76  TYR A CG  1 
ATOM   589  C CD1 . TYR A 1 76  ? -6.766  -9.068  -0.436  1.00 29.26 ? 76  TYR A CD1 1 
ATOM   590  C CD2 . TYR A 1 76  ? -4.517  -9.924  -0.259  1.00 28.13 ? 76  TYR A CD2 1 
ATOM   591  C CE1 . TYR A 1 76  ? -6.879  -9.060  0.942   1.00 26.75 ? 76  TYR A CE1 1 
ATOM   592  C CE2 . TYR A 1 76  ? -4.612  -9.928  1.108   1.00 27.52 ? 76  TYR A CE2 1 
ATOM   593  C CZ  . TYR A 1 76  ? -5.786  -9.485  1.712   1.00 28.08 ? 76  TYR A CZ  1 
ATOM   594  O OH  . TYR A 1 76  ? -5.901  -9.489  3.077   1.00 26.91 ? 76  TYR A OH  1 
ATOM   595  N N   . ILE A 1 77  ? -7.698  -11.815 -2.471  1.00 30.08 ? 77  ILE A N   1 
ATOM   596  C CA  . ILE A 1 77  ? -8.610  -12.510 -1.600  1.00 30.34 ? 77  ILE A CA  1 
ATOM   597  C C   . ILE A 1 77  ? -8.379  -14.028 -1.668  1.00 30.58 ? 77  ILE A C   1 
ATOM   598  O O   . ILE A 1 77  ? -8.336  -14.670 -0.614  1.00 30.57 ? 77  ILE A O   1 
ATOM   599  C CB  . ILE A 1 77  ? -10.101 -12.143 -1.909  1.00 30.11 ? 77  ILE A CB  1 
ATOM   600  C CG1 . ILE A 1 77  ? -10.359 -10.684 -1.490  1.00 30.80 ? 77  ILE A CG1 1 
ATOM   601  C CG2 . ILE A 1 77  ? -11.048 -13.119 -1.207  1.00 31.70 ? 77  ILE A CG2 1 
ATOM   602  C CD1 . ILE A 1 77  ? -11.537 -10.040 -2.167  1.00 30.58 ? 77  ILE A CD1 1 
ATOM   603  N N   . ASN A 1 78  ? -8.245  -14.560 -2.899  1.00 31.67 ? 78  ASN A N   1 
ATOM   604  C CA  . ASN A 1 78  ? -7.839  -15.964 -3.156  1.00 31.64 ? 78  ASN A CA  1 
ATOM   605  C C   . ASN A 1 78  ? -6.604  -16.345 -2.314  1.00 30.75 ? 78  ASN A C   1 
ATOM   606  O O   . ASN A 1 78  ? -6.544  -17.422 -1.710  1.00 29.59 ? 78  ASN A O   1 
ATOM   607  C CB  . ASN A 1 78  ? -7.452  -16.186 -4.640  1.00 32.89 ? 78  ASN A CB  1 
ATOM   608  C CG  . ASN A 1 78  ? -8.657  -16.159 -5.630  1.00 37.51 ? 78  ASN A CG  1 
ATOM   609  O OD1 . ASN A 1 78  ? -8.470  -15.807 -6.801  1.00 41.20 ? 78  ASN A OD1 1 
ATOM   610  N ND2 . ASN A 1 78  ? -9.867  -16.536 -5.169  1.00 36.40 ? 78  ASN A ND2 1 
ATOM   611  N N   . TRP A 1 79  ? -5.599  -15.471 -2.308  1.00 29.70 ? 79  TRP A N   1 
ATOM   612  C CA  . TRP A 1 79  ? -4.363  -15.732 -1.556  1.00 28.89 ? 79  TRP A CA  1 
ATOM   613  C C   . TRP A 1 79  ? -4.626  -15.828 -0.050  1.00 29.57 ? 79  TRP A C   1 
ATOM   614  O O   . TRP A 1 79  ? -4.185  -16.768 0.606   1.00 29.85 ? 79  TRP A O   1 
ATOM   615  C CB  . TRP A 1 79  ? -3.282  -14.684 -1.900  1.00 28.28 ? 79  TRP A CB  1 
ATOM   616  C CG  . TRP A 1 79  ? -2.050  -14.824 -1.118  1.00 27.32 ? 79  TRP A CG  1 
ATOM   617  C CD1 . TRP A 1 79  ? -0.939  -15.618 -1.420  1.00 25.68 ? 79  TRP A CD1 1 
ATOM   618  C CD2 . TRP A 1 79  ? -1.762  -14.184 0.126   1.00 26.06 ? 79  TRP A CD2 1 
ATOM   619  N NE1 . TRP A 1 79  ? 0.003   -15.491 -0.419  1.00 27.60 ? 79  TRP A NE1 1 
ATOM   620  C CE2 . TRP A 1 79  ? -0.472  -14.630 0.544   1.00 26.68 ? 79  TRP A CE2 1 
ATOM   621  C CE3 . TRP A 1 79  ? -2.477  -13.287 0.956   1.00 26.63 ? 79  TRP A CE3 1 
ATOM   622  C CZ2 . TRP A 1 79  ? 0.129   -14.188 1.739   1.00 26.19 ? 79  TRP A CZ2 1 
ATOM   623  C CZ3 . TRP A 1 79  ? -1.892  -12.864 2.146   1.00 25.39 ? 79  TRP A CZ3 1 
ATOM   624  C CH2 . TRP A 1 79  ? -0.592  -13.318 2.532   1.00 27.05 ? 79  TRP A CH2 1 
ATOM   625  N N   . ALA A 1 80  ? -5.344  -14.853 0.499   1.00 29.60 ? 80  ALA A N   1 
ATOM   626  C CA  . ALA A 1 80  ? -5.735  -14.873 1.898   1.00 29.89 ? 80  ALA A CA  1 
ATOM   627  C C   . ALA A 1 80  ? -6.478  -16.182 2.247   1.00 29.94 ? 80  ALA A C   1 
ATOM   628  O O   . ALA A 1 80  ? -6.102  -16.879 3.187   1.00 29.15 ? 80  ALA A O   1 
ATOM   629  C CB  . ALA A 1 80  ? -6.619  -13.668 2.197   1.00 29.14 ? 80  ALA A CB  1 
ATOM   630  N N   . ASN A 1 81  ? -7.511  -16.495 1.466   1.00 31.22 ? 81  ASN A N   1 
ATOM   631  C CA  . ASN A 1 81  ? -8.340  -17.674 1.716   1.00 32.57 ? 81  ASN A CA  1 
ATOM   632  C C   . ASN A 1 81  ? -7.466  -18.902 1.661   1.00 32.95 ? 81  ASN A C   1 
ATOM   633  O O   . ASN A 1 81  ? -7.504  -19.743 2.560   1.00 33.47 ? 81  ASN A O   1 
ATOM   634  C CB  . ASN A 1 81  ? -9.481  -17.778 0.703   1.00 32.77 ? 81  ASN A CB  1 
ATOM   635  C CG  . ASN A 1 81  ? -10.539 -16.745 0.921   1.00 35.38 ? 81  ASN A CG  1 
ATOM   636  O OD1 . ASN A 1 81  ? -10.743 -16.288 2.042   1.00 34.85 ? 81  ASN A OD1 1 
ATOM   637  N ND2 . ASN A 1 81  ? -11.221 -16.348 -0.153  1.00 37.34 ? 81  ASN A ND2 1 
ATOM   638  N N   . SER A 1 82  ? -6.642  -18.968 0.615   1.00 33.29 ? 82  SER A N   1 
ATOM   639  C CA  . SER A 1 82  ? -5.794  -20.140 0.393   1.00 33.16 ? 82  SER A CA  1 
ATOM   640  C C   . SER A 1 82  ? -4.816  -20.272 1.550   1.00 32.53 ? 82  SER A C   1 
ATOM   641  O O   . SER A 1 82  ? -4.505  -21.386 1.983   1.00 32.55 ? 82  SER A O   1 
ATOM   642  C CB  . SER A 1 82  ? -5.101  -20.089 -0.974  1.00 33.07 ? 82  SER A CB  1 
ATOM   643  O OG  . SER A 1 82  ? -6.078  -20.070 -2.016  1.00 32.44 ? 82  SER A OG  1 
ATOM   644  N N   . GLN A 1 83  ? -4.403  -19.131 2.101   1.00 32.08 ? 83  GLN A N   1 
ATOM   645  C CA  . GLN A 1 83  ? -3.482  -19.070 3.262   1.00 31.08 ? 83  GLN A CA  1 
ATOM   646  C C   . GLN A 1 83  ? -4.118  -19.149 4.669   1.00 30.77 ? 83  GLN A C   1 
ATOM   647  O O   . GLN A 1 83  ? -3.417  -19.191 5.696   1.00 30.20 ? 83  GLN A O   1 
ATOM   648  C CB  . GLN A 1 83  ? -2.606  -17.816 3.159   1.00 31.80 ? 83  GLN A CB  1 
ATOM   649  C CG  . GLN A 1 83  ? -1.584  -17.881 2.035   1.00 32.58 ? 83  GLN A CG  1 
ATOM   650  C CD  . GLN A 1 83  ? -0.418  -18.827 2.317   1.00 34.83 ? 83  GLN A CD  1 
ATOM   651  O OE1 . GLN A 1 83  ? 0.139   -18.843 3.406   1.00 38.04 ? 83  GLN A OE1 1 
ATOM   652  N NE2 . GLN A 1 83  ? -0.056  -19.621 1.323   1.00 34.84 ? 83  GLN A NE2 1 
ATOM   653  N N   . GLY A 1 84  ? -5.438  -19.162 4.729   1.00 30.16 ? 84  GLY A N   1 
ATOM   654  C CA  . GLY A 1 84  ? -6.112  -19.272 6.022   1.00 30.13 ? 84  GLY A CA  1 
ATOM   655  C C   . GLY A 1 84  ? -6.145  -17.995 6.833   1.00 30.74 ? 84  GLY A C   1 
ATOM   656  O O   . GLY A 1 84  ? -6.332  -18.030 8.042   1.00 31.43 ? 84  GLY A O   1 
ATOM   657  N N   . LEU A 1 85  ? -5.967  -16.870 6.145   1.00 30.26 ? 85  LEU A N   1 
ATOM   658  C CA  . LEU A 1 85  ? -5.996  -15.525 6.736   1.00 30.27 ? 85  LEU A CA  1 
ATOM   659  C C   . LEU A 1 85  ? -7.340  -14.842 6.406   1.00 30.73 ? 85  LEU A C   1 
ATOM   660  O O   . LEU A 1 85  ? -7.875  -15.022 5.314   1.00 29.86 ? 85  LEU A O   1 
ATOM   661  C CB  . LEU A 1 85  ? -4.862  -14.694 6.125   1.00 30.16 ? 85  LEU A CB  1 
ATOM   662  C CG  . LEU A 1 85  ? -3.422  -15.073 6.512   1.00 31.90 ? 85  LEU A CG  1 
ATOM   663  C CD1 . LEU A 1 85  ? -2.395  -14.270 5.736   1.00 33.56 ? 85  LEU A CD1 1 
ATOM   664  C CD2 . LEU A 1 85  ? -3.227  -14.918 8.024   1.00 35.95 ? 85  LEU A CD2 1 
ATOM   665  N N   . PRO A 1 86  ? -7.869  -14.010 7.320   1.00 30.90 ? 86  PRO A N   1 
ATOM   666  C CA  . PRO A 1 86  ? -9.084  -13.278 6.938   1.00 30.40 ? 86  PRO A CA  1 
ATOM   667  C C   . PRO A 1 86  ? -8.708  -12.173 5.952   1.00 29.89 ? 86  PRO A C   1 
ATOM   668  O O   . PRO A 1 86  ? -7.725  -11.469 6.180   1.00 30.03 ? 86  PRO A O   1 
ATOM   669  C CB  . PRO A 1 86  ? -9.571  -12.689 8.259   1.00 31.38 ? 86  PRO A CB  1 
ATOM   670  C CG  . PRO A 1 86  ? -8.334  -12.554 9.075   1.00 30.86 ? 86  PRO A CG  1 
ATOM   671  C CD  . PRO A 1 86  ? -7.430  -13.693 8.690   1.00 31.69 ? 86  PRO A CD  1 
ATOM   672  N N   . TYR A 1 87  ? -9.440  -12.027 4.856   1.00 29.03 ? 87  TYR A N   1 
ATOM   673  C CA  . TYR A 1 87  ? -8.967  -11.104 3.830   1.00 28.99 ? 87  TYR A CA  1 
ATOM   674  C C   . TYR A 1 87  ? -9.147  -9.620  4.239   1.00 29.37 ? 87  TYR A C   1 
ATOM   675  O O   . TYR A 1 87  ? -8.313  -8.757  3.889   1.00 28.05 ? 87  TYR A O   1 
ATOM   676  C CB  . TYR A 1 87  ? -9.617  -11.418 2.474   1.00 29.86 ? 87  TYR A CB  1 
ATOM   677  C CG  . TYR A 1 87  ? -11.030 -10.908 2.349   1.00 31.18 ? 87  TYR A CG  1 
ATOM   678  C CD1 . TYR A 1 87  ? -11.279 -9.642  1.808   1.00 31.03 ? 87  TYR A CD1 1 
ATOM   679  C CD2 . TYR A 1 87  ? -12.114 -11.655 2.808   1.00 32.43 ? 87  TYR A CD2 1 
ATOM   680  C CE1 . TYR A 1 87  ? -12.569 -9.147  1.685   1.00 32.40 ? 87  TYR A CE1 1 
ATOM   681  C CE2 . TYR A 1 87  ? -13.436 -11.153 2.701   1.00 34.45 ? 87  TYR A CE2 1 
ATOM   682  C CZ  . TYR A 1 87  ? -13.638 -9.897  2.131   1.00 34.75 ? 87  TYR A CZ  1 
ATOM   683  O OH  . TYR A 1 87  ? -14.896 -9.346  1.993   1.00 34.73 ? 87  TYR A OH  1 
ATOM   684  N N   . LYS A 1 88  ? -10.242 -9.322  4.948   1.00 28.11 ? 88  LYS A N   1 
ATOM   685  C CA  . LYS A 1 88  ? -10.572 -7.918  5.296   1.00 29.13 ? 88  LYS A CA  1 
ATOM   686  C C   . LYS A 1 88  ? -9.899  -7.589  6.621   1.00 28.99 ? 88  LYS A C   1 
ATOM   687  O O   . LYS A 1 88  ? -10.545 -7.596  7.692   1.00 28.66 ? 88  LYS A O   1 
ATOM   688  C CB  . LYS A 1 88  ? -12.096 -7.712  5.369   1.00 29.45 ? 88  LYS A CB  1 
ATOM   689  C CG  . LYS A 1 88  ? -12.508 -6.230  5.468   1.00 30.14 ? 88  LYS A CG  1 
ATOM   690  C CD  . LYS A 1 88  ? -13.985 -5.994  5.835   1.00 31.97 ? 88  LYS A CD  1 
ATOM   691  C CE  . LYS A 1 88  ? -14.961 -6.635  4.880   1.00 35.83 ? 88  LYS A CE  1 
ATOM   692  N NZ  . LYS A 1 88  ? -16.360 -6.630  5.448   1.00 39.53 ? 88  LYS A NZ  1 
ATOM   693  N N   . ASN A 1 89  ? -8.584  -7.363  6.563   1.00 28.41 ? 89  ASN A N   1 
ATOM   694  C CA  . ASN A 1 89  ? -7.785  -7.381  7.780   1.00 27.67 ? 89  ASN A CA  1 
ATOM   695  C C   . ASN A 1 89  ? -6.493  -6.663  7.460   1.00 27.33 ? 89  ASN A C   1 
ATOM   696  O O   . ASN A 1 89  ? -5.835  -6.948  6.450   1.00 27.18 ? 89  ASN A O   1 
ATOM   697  C CB  . ASN A 1 89  ? -7.535  -8.845  8.230   1.00 27.79 ? 89  ASN A CB  1 
ATOM   698  C CG  . ASN A 1 89  ? -6.719  -8.959  9.525   1.00 29.37 ? 89  ASN A CG  1 
ATOM   699  O OD1 . ASN A 1 89  ? -5.498  -8.769  9.521   1.00 28.41 ? 89  ASN A OD1 1 
ATOM   700  N ND2 . ASN A 1 89  ? -7.374  -9.357  10.605  1.00 27.72 ? 89  ASN A ND2 1 
ATOM   701  N N   . MET A 1 90  ? -6.150  -5.693  8.299   1.00 26.58 ? 90  MET A N   1 
ATOM   702  C CA  . MET A 1 90  ? -4.898  -4.929  8.137   1.00 26.77 ? 90  MET A CA  1 
ATOM   703  C C   . MET A 1 90  ? -3.679  -5.853  8.015   1.00 26.77 ? 90  MET A C   1 
ATOM   704  O O   . MET A 1 90  ? -2.912  -5.776  7.055   1.00 26.97 ? 90  MET A O   1 
ATOM   705  C CB  . MET A 1 90  ? -4.703  -3.974  9.320   1.00 26.15 ? 90  MET A CB  1 
ATOM   706  C CG  . MET A 1 90  ? -3.338  -3.214  9.272   1.00 26.08 ? 90  MET A CG  1 
ATOM   707  S SD  . MET A 1 90  ? -3.182  -2.010  7.938   1.00 29.30 ? 90  MET A SD  1 
ATOM   708  C CE  . MET A 1 90  ? -3.984  -0.585  8.659   1.00 31.04 ? 90  MET A CE  1 
ATOM   709  N N   . ASP A 1 91  ? -3.472  -6.714  9.009   1.00 26.56 ? 91  ASP A N   1 
ATOM   710  C CA  . ASP A 1 91  ? -2.279  -7.594  8.982   1.00 26.76 ? 91  ASP A CA  1 
ATOM   711  C C   . ASP A 1 91  ? -2.259  -8.552  7.812   1.00 27.09 ? 91  ASP A C   1 
ATOM   712  O O   . ASP A 1 91  ? -1.195  -8.820  7.233   1.00 25.79 ? 91  ASP A O   1 
ATOM   713  C CB  . ASP A 1 91  ? -2.127  -8.390  10.304  1.00 26.92 ? 91  ASP A CB  1 
ATOM   714  C CG  . ASP A 1 91  ? -1.644  -7.522  11.475  1.00 28.48 ? 91  ASP A CG  1 
ATOM   715  O OD1 . ASP A 1 91  ? -1.379  -6.333  11.273  1.00 28.19 ? 91  ASP A OD1 1 
ATOM   716  O OD2 . ASP A 1 91  ? -1.498  -8.040  12.620  1.00 28.44 ? 91  ASP A OD2 1 
ATOM   717  N N   . SER A 1 92  ? -3.414  -9.112  7.457   1.00 26.12 ? 92  SER A N   1 
ATOM   718  C CA  . SER A 1 92  ? -3.460  -9.970  6.269   1.00 26.72 ? 92  SER A CA  1 
ATOM   719  C C   . SER A 1 92  ? -2.961  -9.224  5.026   1.00 26.83 ? 92  SER A C   1 
ATOM   720  O O   . SER A 1 92  ? -2.245  -9.802  4.194   1.00 26.17 ? 92  SER A O   1 
ATOM   721  C CB  . SER A 1 92  ? -4.887  -10.538 6.054   1.00 25.40 ? 92  SER A CB  1 
ATOM   722  O OG  . SER A 1 92  ? -5.338  -11.332 7.158   1.00 26.75 ? 92  SER A OG  1 
ATOM   723  N N   . GLU A 1 93  ? -3.348  -7.945  4.868   1.00 26.08 ? 93  GLU A N   1 
ATOM   724  C CA  . GLU A 1 93  ? -2.866  -7.166  3.720   1.00 26.02 ? 93  GLU A CA  1 
ATOM   725  C C   . GLU A 1 93  ? -1.345  -6.847  3.779   1.00 25.60 ? 93  GLU A C   1 
ATOM   726  O O   . GLU A 1 93  ? -0.653  -6.939  2.771   1.00 25.63 ? 93  GLU A O   1 
ATOM   727  C CB  . GLU A 1 93  ? -3.737  -5.911  3.528   1.00 26.35 ? 93  GLU A CB  1 
ATOM   728  C CG  . GLU A 1 93  ? -5.169  -6.360  3.160   1.00 25.46 ? 93  GLU A CG  1 
ATOM   729  C CD  . GLU A 1 93  ? -6.170  -5.219  3.042   1.00 27.51 ? 93  GLU A CD  1 
ATOM   730  O OE1 . GLU A 1 93  ? -5.759  -4.126  2.670   1.00 27.34 ? 93  GLU A OE1 1 
ATOM   731  O OE2 . GLU A 1 93  ? -7.369  -5.456  3.321   1.00 27.58 ? 93  GLU A OE2 1 
ATOM   732  N N   . LEU A 1 94  ? -0.837  -6.573  4.962   1.00 24.80 ? 94  LEU A N   1 
ATOM   733  C CA  . LEU A 1 94  ? 0.607   -6.333  5.100   1.00 26.35 ? 94  LEU A CA  1 
ATOM   734  C C   . LEU A 1 94  ? 1.382   -7.616  4.846   1.00 25.62 ? 94  LEU A C   1 
ATOM   735  O O   . LEU A 1 94  ? 2.483   -7.585  4.235   1.00 26.92 ? 94  LEU A O   1 
ATOM   736  C CB  . LEU A 1 94  ? 0.908   -5.773  6.481   1.00 26.04 ? 94  LEU A CB  1 
ATOM   737  C CG  . LEU A 1 94  ? 0.293   -4.387  6.726   1.00 26.85 ? 94  LEU A CG  1 
ATOM   738  C CD1 . LEU A 1 94  ? 0.458   -3.905  8.143   1.00 27.35 ? 94  LEU A CD1 1 
ATOM   739  C CD2 . LEU A 1 94  ? 0.957   -3.410  5.736   1.00 29.15 ? 94  LEU A CD2 1 
ATOM   740  N N   . LYS A 1 95  ? 0.794   -8.742  5.266   1.00 24.93 ? 95  LYS A N   1 
ATOM   741  C CA  . LYS A 1 95  ? 1.420   -10.060 4.961   1.00 25.95 ? 95  LYS A CA  1 
ATOM   742  C C   . LYS A 1 95  ? 1.493   -10.341 3.477   1.00 26.14 ? 95  LYS A C   1 
ATOM   743  O O   . LYS A 1 95  ? 2.443   -10.933 3.008   1.00 25.75 ? 95  LYS A O   1 
ATOM   744  C CB  . LYS A 1 95  ? 0.702   -11.197 5.695   1.00 25.48 ? 95  LYS A CB  1 
ATOM   745  C CG  . LYS A 1 95  ? 1.027   -11.191 7.146   1.00 25.25 ? 95  LYS A CG  1 
ATOM   746  C CD  . LYS A 1 95  ? 0.095   -12.135 7.893   1.00 29.55 ? 95  LYS A CD  1 
ATOM   747  C CE  . LYS A 1 95  ? 0.532   -12.168 9.326   1.00 32.31 ? 95  LYS A CE  1 
ATOM   748  N NZ  . LYS A 1 95  ? -0.254  -13.164 10.088  1.00 35.05 ? 95  LYS A NZ  1 
ATOM   749  N N   . ARG A 1 96  ? 0.456   -9.943  2.739   1.00 26.65 ? 96  ARG A N   1 
ATOM   750  C CA  . ARG A 1 96  ? 0.488   -10.058 1.285   1.00 27.10 ? 96  ARG A CA  1 
ATOM   751  C C   . ARG A 1 96  ? 1.652   -9.254  0.690   1.00 27.46 ? 96  ARG A C   1 
ATOM   752  O O   . ARG A 1 96  ? 2.371   -9.742  -0.182  1.00 26.74 ? 96  ARG A O   1 
ATOM   753  C CB  . ARG A 1 96  ? -0.852  -9.614  0.684   1.00 26.36 ? 96  ARG A CB  1 
ATOM   754  C CG  . ARG A 1 96  ? -0.886  -9.577  -0.849  1.00 27.88 ? 96  ARG A CG  1 
ATOM   755  C CD  . ARG A 1 96  ? -0.669  -10.937 -1.503  1.00 25.67 ? 96  ARG A CD  1 
ATOM   756  N NE  . ARG A 1 96  ? -0.504  -10.775 -2.951  1.00 26.63 ? 96  ARG A NE  1 
ATOM   757  C CZ  . ARG A 1 96  ? -0.542  -11.762 -3.839  1.00 29.60 ? 96  ARG A CZ  1 
ATOM   758  N NH1 . ARG A 1 96  ? -0.801  -13.017 -3.435  1.00 28.19 ? 96  ARG A NH1 1 
ATOM   759  N NH2 . ARG A 1 96  ? -0.361  -11.492 -5.138  1.00 26.17 ? 96  ARG A NH2 1 
ATOM   760  N N   . ILE A 1 97  ? 1.815   -8.014  1.146   1.00 26.27 ? 97  ILE A N   1 
ATOM   761  C CA  . ILE A 1 97  ? 2.875   -7.133  0.616   1.00 27.24 ? 97  ILE A CA  1 
ATOM   762  C C   . ILE A 1 97  ? 4.245   -7.748  0.910   1.00 26.29 ? 97  ILE A C   1 
ATOM   763  O O   . ILE A 1 97  ? 5.106   -7.836  0.028   1.00 26.75 ? 97  ILE A O   1 
ATOM   764  C CB  . ILE A 1 97  ? 2.766   -5.714  1.174   1.00 27.04 ? 97  ILE A CB  1 
ATOM   765  C CG1 . ILE A 1 97  ? 1.432   -5.077  0.718   1.00 27.85 ? 97  ILE A CG1 1 
ATOM   766  C CG2 . ILE A 1 97  ? 3.858   -4.827  0.588   1.00 28.55 ? 97  ILE A CG2 1 
ATOM   767  C CD1 . ILE A 1 97  ? 1.166   -3.721  1.382   1.00 29.21 ? 97  ILE A CD1 1 
ATOM   768  N N   . ILE A 1 98  ? 4.418   -8.254  2.120   1.00 27.48 ? 98  ILE A N   1 
ATOM   769  C CA  . ILE A 1 98  ? 5.680   -8.971  2.455   1.00 26.59 ? 98  ILE A CA  1 
ATOM   770  C C   . ILE A 1 98  ? 5.874   -10.212 1.577   1.00 26.75 ? 98  ILE A C   1 
ATOM   771  O O   . ILE A 1 98  ? 6.985   -10.500 1.069   1.00 26.31 ? 98  ILE A O   1 
ATOM   772  C CB  . ILE A 1 98  ? 5.712   -9.335  3.940   1.00 27.06 ? 98  ILE A CB  1 
ATOM   773  C CG1 . ILE A 1 98  ? 5.972   -8.073  4.773   1.00 28.59 ? 98  ILE A CG1 1 
ATOM   774  C CG2 . ILE A 1 98  ? 6.780   -10.443 4.231   1.00 25.07 ? 98  ILE A CG2 1 
ATOM   775  C CD1 . ILE A 1 98  ? 5.599   -8.198  6.237   1.00 30.64 ? 98  ILE A CD1 1 
ATOM   776  N N   . TRP A 1 99  ? 4.782   -10.938 1.355   1.00 25.66 ? 99  TRP A N   1 
ATOM   777  C CA  . TRP A 1 99  ? 4.831   -12.126 0.500   1.00 25.89 ? 99  TRP A CA  1 
ATOM   778  C C   . TRP A 1 99  ? 5.237   -11.720 -0.927  1.00 25.38 ? 99  TRP A C   1 
ATOM   779  O O   . TRP A 1 99  ? 5.968   -12.429 -1.611  1.00 25.40 ? 99  TRP A O   1 
ATOM   780  C CB  . TRP A 1 99  ? 3.459   -12.797 0.496   1.00 25.66 ? 99  TRP A CB  1 
ATOM   781  C CG  . TRP A 1 99  ? 3.312   -14.037 -0.397  1.00 25.29 ? 99  TRP A CG  1 
ATOM   782  C CD1 . TRP A 1 99  ? 3.419   -15.347 -0.006  1.00 25.28 ? 99  TRP A CD1 1 
ATOM   783  C CD2 . TRP A 1 99  ? 3.006   -14.056 -1.794  1.00 24.61 ? 99  TRP A CD2 1 
ATOM   784  N NE1 . TRP A 1 99  ? 3.181   -16.181 -1.078  1.00 25.08 ? 99  TRP A NE1 1 
ATOM   785  C CE2 . TRP A 1 99  ? 2.936   -15.420 -2.190  1.00 26.20 ? 99  TRP A CE2 1 
ATOM   786  C CE3 . TRP A 1 99  ? 2.756   -13.054 -2.749  1.00 27.90 ? 99  TRP A CE3 1 
ATOM   787  C CZ2 . TRP A 1 99  ? 2.639   -15.811 -3.502  1.00 27.96 ? 99  TRP A CZ2 1 
ATOM   788  C CZ3 . TRP A 1 99  ? 2.475   -13.450 -4.070  1.00 26.95 ? 99  TRP A CZ3 1 
ATOM   789  C CH2 . TRP A 1 99  ? 2.432   -14.806 -4.433  1.00 25.96 ? 99  TRP A CH2 1 
ATOM   790  N N   . GLU A 1 100 ? 4.728   -10.579 -1.386  1.00 25.57 ? 100 GLU A N   1 
ATOM   791  C CA  . GLU A 1 100 ? 5.084   -10.117 -2.731  1.00 25.63 ? 100 GLU A CA  1 
ATOM   792  C C   . GLU A 1 100 ? 6.568   -9.756  -2.860  1.00 25.50 ? 100 GLU A C   1 
ATOM   793  O O   . GLU A 1 100 ? 7.198   -10.084 -3.853  1.00 25.77 ? 100 GLU A O   1 
ATOM   794  C CB  . GLU A 1 100 ? 4.218   -8.913  -3.092  1.00 26.72 ? 100 GLU A CB  1 
ATOM   795  C CG  . GLU A 1 100 ? 2.793   -9.333  -3.435  1.00 25.20 ? 100 GLU A CG  1 
ATOM   796  C CD  . GLU A 1 100 ? 1.824   -8.135  -3.372  1.00 26.65 ? 100 GLU A CD  1 
ATOM   797  O OE1 . GLU A 1 100 ? 2.248   -7.056  -2.891  1.00 28.09 ? 100 GLU A OE1 1 
ATOM   798  O OE2 . GLU A 1 100 ? 0.650   -8.328  -3.749  1.00 27.52 ? 100 GLU A OE2 1 
ATOM   799  N N   . VAL A 1 101 ? 7.102   -9.059  -1.871  1.00 25.40 ? 101 VAL A N   1 
ATOM   800  C CA  . VAL A 1 101 ? 8.554   -8.757  -1.846  1.00 27.47 ? 101 VAL A CA  1 
ATOM   801  C C   . VAL A 1 101 ? 9.392   -10.033 -1.907  1.00 26.65 ? 101 VAL A C   1 
ATOM   802  O O   . VAL A 1 101 ? 10.325  -10.165 -2.718  1.00 27.44 ? 101 VAL A O   1 
ATOM   803  C CB  . VAL A 1 101 ? 8.956   -7.913  -0.611  1.00 27.47 ? 101 VAL A CB  1 
ATOM   804  C CG1 . VAL A 1 101 ? 10.482  -7.730  -0.588  1.00 31.25 ? 101 VAL A CG1 1 
ATOM   805  C CG2 . VAL A 1 101 ? 8.329   -6.545  -0.694  1.00 30.35 ? 101 VAL A CG2 1 
ATOM   806  N N   . ASN A 1 102 ? 9.025   -10.983 -1.071  1.00 26.24 ? 102 ASN A N   1 
ATOM   807  C CA  . ASN A 1 102 ? 9.721   -12.253 -0.988  1.00 25.02 ? 102 ASN A CA  1 
ATOM   808  C C   . ASN A 1 102 ? 9.683   -13.101 -2.237  1.00 25.30 ? 102 ASN A C   1 
ATOM   809  O O   . ASN A 1 102 ? 10.641  -13.749 -2.511  1.00 24.93 ? 102 ASN A O   1 
ATOM   810  C CB  . ASN A 1 102 ? 9.290   -13.023 0.263   1.00 25.50 ? 102 ASN A CB  1 
ATOM   811  C CG  . ASN A 1 102 ? 10.006  -12.521 1.508   1.00 25.23 ? 102 ASN A CG  1 
ATOM   812  O OD1 . ASN A 1 102 ? 11.145  -12.916 1.773   1.00 24.70 ? 102 ASN A OD1 1 
ATOM   813  N ND2 . ASN A 1 102 ? 9.378   -11.599 2.238   1.00 24.06 ? 102 ASN A ND2 1 
ATOM   814  N N   . ASN A 1 103 ? 8.592   -13.070 -3.013  1.00 25.18 ? 103 ASN A N   1 
ATOM   815  C CA  . ASN A 1 103 ? 8.397   -13.960 -4.146  1.00 25.75 ? 103 ASN A CA  1 
ATOM   816  C C   . ASN A 1 103 ? 8.450   -13.213 -5.475  1.00 27.18 ? 103 ASN A C   1 
ATOM   817  O O   . ASN A 1 103 ? 8.140   -13.779 -6.524  1.00 29.21 ? 103 ASN A O   1 
ATOM   818  C CB  . ASN A 1 103 ? 7.077   -14.715 -3.958  1.00 25.15 ? 103 ASN A CB  1 
ATOM   819  C CG  . ASN A 1 103 ? 7.069   -15.485 -2.631  1.00 25.90 ? 103 ASN A CG  1 
ATOM   820  O OD1 . ASN A 1 103 ? 6.258   -15.236 -1.716  1.00 30.37 ? 103 ASN A OD1 1 
ATOM   821  N ND2 . ASN A 1 103 ? 8.042   -16.367 -2.496  1.00 24.30 ? 103 ASN A ND2 1 
ATOM   822  N N   . ASN A 1 104 ? 8.889   -11.963 -5.398  1.00 27.46 ? 104 ASN A N   1 
ATOM   823  C CA  . ASN A 1 104 ? 8.977   -11.048 -6.545  1.00 28.79 ? 104 ASN A CA  1 
ATOM   824  C C   . ASN A 1 104 ? 7.701   -11.041 -7.378  1.00 28.38 ? 104 ASN A C   1 
ATOM   825  O O   . ASN A 1 104 ? 7.734   -11.205 -8.595  1.00 29.05 ? 104 ASN A O   1 
ATOM   826  C CB  . ASN A 1 104 ? 10.184  -11.340 -7.434  1.00 30.39 ? 104 ASN A CB  1 
ATOM   827  C CG  . ASN A 1 104 ? 10.386  -10.264 -8.483  1.00 33.99 ? 104 ASN A CG  1 
ATOM   828  O OD1 . ASN A 1 104 ? 10.213  -9.057  -8.200  1.00 37.07 ? 104 ASN A OD1 1 
ATOM   829  N ND2 . ASN A 1 104 ? 10.716  -10.684 -9.711  1.00 37.50 ? 104 ASN A ND2 1 
ATOM   830  N N   . ALA A 1 105 ? 6.589   -10.841 -6.691  1.00 27.93 ? 105 ALA A N   1 
ATOM   831  C CA  . ALA A 1 105 ? 5.299   -10.682 -7.329  1.00 27.35 ? 105 ALA A CA  1 
ATOM   832  C C   . ALA A 1 105 ? 4.940   -9.204  -7.399  1.00 27.15 ? 105 ALA A C   1 
ATOM   833  O O   . ALA A 1 105 ? 5.452   -8.384  -6.631  1.00 27.10 ? 105 ALA A O   1 
ATOM   834  C CB  . ALA A 1 105 ? 4.270   -11.388 -6.523  1.00 27.41 ? 105 ALA A CB  1 
ATOM   835  N N   . GLN A 1 106 ? 4.055   -8.897  -8.344  1.00 27.04 ? 106 GLN A N   1 
ATOM   836  C CA  . GLN A 1 106 ? 3.451   -7.563  -8.521  1.00 27.66 ? 106 GLN A CA  1 
ATOM   837  C C   . GLN A 1 106 ? 4.361   -6.504  -9.161  1.00 27.63 ? 106 GLN A C   1 
ATOM   838  O O   . GLN A 1 106 ? 3.942   -5.785  -10.094 1.00 28.88 ? 106 GLN A O   1 
ATOM   839  C CB  . GLN A 1 106 ? 2.812   -7.053  -7.218  1.00 28.12 ? 106 GLN A CB  1 
ATOM   840  C CG  . GLN A 1 106 ? 1.970   -5.766  -7.382  1.00 29.78 ? 106 GLN A CG  1 
ATOM   841  C CD  . GLN A 1 106 ? 0.856   -5.927  -8.363  1.00 31.24 ? 106 GLN A CD  1 
ATOM   842  O OE1 . GLN A 1 106 ? 0.236   -7.003  -8.455  1.00 28.06 ? 106 GLN A OE1 1 
ATOM   843  N NE2 . GLN A 1 106 ? 0.559   -4.838  -9.105  1.00 30.83 ? 106 GLN A NE2 1 
ATOM   844  N N   . TRP A 1 107 ? 5.580   -6.415  -8.670  1.00 27.24 ? 107 TRP A N   1 
ATOM   845  C CA  . TRP A 1 107 ? 6.558   -5.413  -9.086  1.00 26.63 ? 107 TRP A CA  1 
ATOM   846  C C   . TRP A 1 107 ? 7.048   -5.659  -10.515 1.00 26.70 ? 107 TRP A C   1 
ATOM   847  O O   . TRP A 1 107 ? 7.440   -6.788  -10.886 1.00 25.76 ? 107 TRP A O   1 
ATOM   848  C CB  . TRP A 1 107 ? 7.773   -5.475  -8.144  1.00 26.98 ? 107 TRP A CB  1 
ATOM   849  C CG  . TRP A 1 107 ? 8.706   -4.300  -8.202  1.00 25.65 ? 107 TRP A CG  1 
ATOM   850  C CD1 . TRP A 1 107 ? 9.844   -4.175  -8.985  1.00 27.28 ? 107 TRP A CD1 1 
ATOM   851  C CD2 . TRP A 1 107 ? 8.629   -3.119  -7.418  1.00 26.60 ? 107 TRP A CD2 1 
ATOM   852  N NE1 . TRP A 1 107 ? 10.431  -2.956  -8.761  1.00 28.56 ? 107 TRP A NE1 1 
ATOM   853  C CE2 . TRP A 1 107 ? 9.725   -2.297  -7.787  1.00 25.54 ? 107 TRP A CE2 1 
ATOM   854  C CE3 . TRP A 1 107 ? 7.726   -2.648  -6.437  1.00 27.68 ? 107 TRP A CE3 1 
ATOM   855  C CZ2 . TRP A 1 107 ? 9.943   -1.041  -7.208  1.00 26.64 ? 107 TRP A CZ2 1 
ATOM   856  C CZ3 . TRP A 1 107 ? 7.949   -1.414  -5.874  1.00 27.65 ? 107 TRP A CZ3 1 
ATOM   857  C CH2 . TRP A 1 107 ? 9.050   -0.614  -6.262  1.00 26.52 ? 107 TRP A CH2 1 
ATOM   858  N N   . ILE A 1 108 ? 7.028   -4.614  -11.317 1.00 25.37 ? 108 ILE A N   1 
ATOM   859  C CA  . ILE A 1 108 ? 7.705   -4.665  -12.609 1.00 25.18 ? 108 ILE A CA  1 
ATOM   860  C C   . ILE A 1 108 ? 8.796   -3.580  -12.572 1.00 25.59 ? 108 ILE A C   1 
ATOM   861  O O   . ILE A 1 108 ? 8.516   -2.409  -12.288 1.00 25.70 ? 108 ILE A O   1 
ATOM   862  C CB  . ILE A 1 108 ? 6.717   -4.476  -13.825 1.00 25.39 ? 108 ILE A CB  1 
ATOM   863  C CG1 . ILE A 1 108 ? 5.674   -5.596  -13.848 1.00 25.10 ? 108 ILE A CG1 1 
ATOM   864  C CG2 . ILE A 1 108 ? 7.497   -4.390  -15.163 1.00 24.54 ? 108 ILE A CG2 1 
ATOM   865  C CD1 . ILE A 1 108 ? 4.539   -5.343  -14.858 1.00 26.13 ? 108 ILE A CD1 1 
ATOM   866  N N   . ASN A 1 109 ? 10.033  -3.966  -12.869 1.00 25.66 ? 109 ASN A N   1 
ATOM   867  C CA  . ASN A 1 109 ? 11.170  -3.059  -12.754 1.00 25.49 ? 109 ASN A CA  1 
ATOM   868  C C   . ASN A 1 109 ? 11.257  -2.090  -13.948 1.00 24.43 ? 109 ASN A C   1 
ATOM   869  O O   . ASN A 1 109 ? 11.914  -2.394  -14.979 1.00 24.58 ? 109 ASN A O   1 
ATOM   870  C CB  . ASN A 1 109 ? 12.474  -3.850  -12.601 1.00 26.66 ? 109 ASN A CB  1 
ATOM   871  C CG  . ASN A 1 109 ? 13.634  -2.967  -12.237 1.00 27.06 ? 109 ASN A CG  1 
ATOM   872  O OD1 . ASN A 1 109 ? 13.545  -1.717  -12.289 1.00 26.28 ? 109 ASN A OD1 1 
ATOM   873  N ND2 . ASN A 1 109 ? 14.753  -3.605  -11.849 1.00 27.38 ? 109 ASN A ND2 1 
ATOM   874  N N   . LEU A 1 110 ? 10.563  -0.954  -13.805 1.00 23.89 ? 110 LEU A N   1 
ATOM   875  C CA  . LEU A 1 110 ? 10.480  0.058   -14.871 1.00 24.22 ? 110 LEU A CA  1 
ATOM   876  C C   . LEU A 1 110 ? 11.433  1.189   -14.606 1.00 25.15 ? 110 LEU A C   1 
ATOM   877  O O   . LEU A 1 110 ? 11.683  2.029   -15.484 1.00 25.90 ? 110 LEU A O   1 
ATOM   878  C CB  . LEU A 1 110 ? 9.049   0.597   -15.045 1.00 23.76 ? 110 LEU A CB  1 
ATOM   879  C CG  . LEU A 1 110 ? 8.054   -0.464  -15.522 1.00 22.28 ? 110 LEU A CG  1 
ATOM   880  C CD1 . LEU A 1 110 ? 6.660   0.126   -15.567 1.00 22.95 ? 110 LEU A CD1 1 
ATOM   881  C CD2 . LEU A 1 110 ? 8.509   -1.015  -16.906 1.00 21.37 ? 110 LEU A CD2 1 
ATOM   882  N N   . ARG A 1 111 ? 11.946  1.246   -13.378 1.00 25.88 ? 111 ARG A N   1 
ATOM   883  C CA  . ARG A 1 111 ? 12.720  2.394   -12.974 1.00 26.69 ? 111 ARG A CA  1 
ATOM   884  C C   . ARG A 1 111 ? 14.144  1.963   -12.523 1.00 27.40 ? 111 ARG A C   1 
ATOM   885  O O   . ARG A 1 111 ? 14.818  2.678   -11.791 1.00 28.52 ? 111 ARG A O   1 
ATOM   886  C CB  . ARG A 1 111 ? 11.953  3.244   -11.913 1.00 26.72 ? 111 ARG A CB  1 
ATOM   887  C CG  . ARG A 1 111 ? 10.533  3.816   -12.298 1.00 27.39 ? 111 ARG A CG  1 
ATOM   888  C CD  . ARG A 1 111 ? 10.576  5.055   -13.214 1.00 28.99 ? 111 ARG A CD  1 
ATOM   889  N NE  . ARG A 1 111 ? 9.274   5.596   -13.670 1.00 27.47 ? 111 ARG A NE  1 
ATOM   890  C CZ  . ARG A 1 111 ? 8.522   5.132   -14.682 1.00 30.07 ? 111 ARG A CZ  1 
ATOM   891  N NH1 . ARG A 1 111 ? 8.866   4.057   -15.371 1.00 28.26 ? 111 ARG A NH1 1 
ATOM   892  N NH2 . ARG A 1 111 ? 7.389   5.734   -15.008 1.00 30.03 ? 111 ARG A NH2 1 
ATOM   893  N N   . ASP A 1 112 ? 14.610  0.808   -12.988 1.00 27.42 ? 112 ASP A N   1 
ATOM   894  C CA  . ASP A 1 112 ? 15.908  0.269   -12.555 1.00 27.58 ? 112 ASP A CA  1 
ATOM   895  C C   . ASP A 1 112 ? 15.980  0.251   -11.042 1.00 27.83 ? 112 ASP A C   1 
ATOM   896  O O   . ASP A 1 112 ? 16.949  0.748   -10.458 1.00 27.40 ? 112 ASP A O   1 
ATOM   897  C CB  . ASP A 1 112 ? 17.104  1.070   -13.138 1.00 27.94 ? 112 ASP A CB  1 
ATOM   898  C CG  . ASP A 1 112 ? 18.469  0.349   -12.933 1.00 30.77 ? 112 ASP A CG  1 
ATOM   899  O OD1 . ASP A 1 112 ? 18.489  -0.902  -12.818 1.00 30.32 ? 112 ASP A OD1 1 
ATOM   900  O OD2 . ASP A 1 112 ? 19.524  1.029   -12.900 1.00 31.15 ? 112 ASP A OD2 1 
ATOM   901  N N   . MET A 1 113 ? 14.919  -0.268  -10.412 1.00 27.60 ? 113 MET A N   1 
ATOM   902  C CA  . MET A 1 113 ? 14.916  -0.599  -8.986  1.00 27.51 ? 113 MET A CA  1 
ATOM   903  C C   . MET A 1 113 ? 14.057  -1.849  -8.809  1.00 27.51 ? 113 MET A C   1 
ATOM   904  O O   . MET A 1 113 ? 12.929  -1.888  -9.303  1.00 28.02 ? 113 MET A O   1 
ATOM   905  C CB  . MET A 1 113 ? 14.375  0.560   -8.158  1.00 26.82 ? 113 MET A CB  1 
ATOM   906  C CG  . MET A 1 113 ? 14.317  0.263   -6.643  1.00 27.12 ? 113 MET A CG  1 
ATOM   907  S SD  . MET A 1 113 ? 13.882  1.664   -5.642  1.00 28.79 ? 113 MET A SD  1 
ATOM   908  C CE  . MET A 1 113 ? 15.331  2.709   -5.870  1.00 28.08 ? 113 MET A CE  1 
ATOM   909  N N   . THR A 1 114 ? 14.599  -2.869  -8.146  1.00 27.10 ? 114 THR A N   1 
ATOM   910  C CA  . THR A 1 114 ? 13.852  -4.082  -7.827  1.00 26.83 ? 114 THR A CA  1 
ATOM   911  C C   . THR A 1 114 ? 13.022  -3.798  -6.557  1.00 27.08 ? 114 THR A C   1 
ATOM   912  O O   . THR A 1 114 ? 13.303  -2.842  -5.827  1.00 25.91 ? 114 THR A O   1 
ATOM   913  C CB  . THR A 1 114 ? 14.792  -5.246  -7.479  1.00 27.08 ? 114 THR A CB  1 
ATOM   914  O OG1 . THR A 1 114 ? 15.540  -4.881  -6.301  1.00 26.47 ? 114 THR A OG1 1 
ATOM   915  C CG2 . THR A 1 114 ? 15.768  -5.555  -8.630  1.00 27.03 ? 114 THR A CG2 1 
ATOM   916  N N   . PHE A 1 115 ? 12.029  -4.646  -6.274  1.00 26.59 ? 115 PHE A N   1 
ATOM   917  C CA  . PHE A 1 115 ? 11.240  -4.494  -5.027  1.00 27.53 ? 115 PHE A CA  1 
ATOM   918  C C   . PHE A 1 115 ? 12.142  -4.606  -3.793  1.00 27.97 ? 115 PHE A C   1 
ATOM   919  O O   . PHE A 1 115 ? 11.990  -3.855  -2.813  1.00 28.19 ? 115 PHE A O   1 
ATOM   920  C CB  . PHE A 1 115 ? 10.149  -5.574  -4.954  1.00 27.34 ? 115 PHE A CB  1 
ATOM   921  C CG  . PHE A 1 115 ? 8.902   -5.159  -4.190  1.00 26.40 ? 115 PHE A CG  1 
ATOM   922  C CD1 . PHE A 1 115 ? 8.888   -4.033  -3.344  1.00 28.46 ? 115 PHE A CD1 1 
ATOM   923  C CD2 . PHE A 1 115 ? 7.726   -5.909  -4.330  1.00 25.92 ? 115 PHE A CD2 1 
ATOM   924  C CE1 . PHE A 1 115 ? 7.709   -3.671  -2.623  1.00 27.57 ? 115 PHE A CE1 1 
ATOM   925  C CE2 . PHE A 1 115 ? 6.579   -5.571  -3.636  1.00 26.80 ? 115 PHE A CE2 1 
ATOM   926  C CZ  . PHE A 1 115 ? 6.558   -4.450  -2.784  1.00 28.74 ? 115 PHE A CZ  1 
ATOM   927  N N   . LYS A 1 116 ? 13.103  -5.527  -3.837  1.00 28.36 ? 116 LYS A N   1 
ATOM   928  C CA  . LYS A 1 116 ? 14.023  -5.701  -2.672  1.00 29.44 ? 116 LYS A CA  1 
ATOM   929  C C   . LYS A 1 116 ? 14.963  -4.507  -2.443  1.00 29.68 ? 116 LYS A C   1 
ATOM   930  O O   . LYS A 1 116 ? 15.315  -4.167  -1.285  1.00 30.47 ? 116 LYS A O   1 
ATOM   931  C CB  . LYS A 1 116 ? 14.799  -7.011  -2.761  1.00 29.05 ? 116 LYS A CB  1 
ATOM   932  C CG  . LYS A 1 116 ? 14.011  -8.230  -2.298  1.00 33.09 ? 116 LYS A CG  1 
ATOM   933  C CD  . LYS A 1 116 ? 14.721  -9.508  -2.727  1.00 38.24 ? 116 LYS A CD  1 
ATOM   934  C CE  . LYS A 1 116 ? 14.077  -10.789 -2.156  1.00 40.45 ? 116 LYS A CE  1 
ATOM   935  N NZ  . LYS A 1 116 ? 14.019  -10.879 -0.660  1.00 41.71 ? 116 LYS A NZ  1 
ATOM   936  N N   . GLU A 1 117 ? 15.399  -3.873  -3.540  1.00 28.67 ? 117 GLU A N   1 
ATOM   937  C CA  . GLU A 1 117 ? 16.086  -2.580  -3.443  1.00 29.97 ? 117 GLU A CA  1 
ATOM   938  C C   . GLU A 1 117 ? 15.168  -1.539  -2.818  1.00 28.40 ? 117 GLU A C   1 
ATOM   939  O O   . GLU A 1 117 ? 15.587  -0.747  -1.972  1.00 27.76 ? 117 GLU A O   1 
ATOM   940  C CB  . GLU A 1 117 ? 16.499  -2.053  -4.824  1.00 29.76 ? 117 GLU A CB  1 
ATOM   941  C CG  . GLU A 1 117 ? 17.567  -2.816  -5.573  1.00 32.03 ? 117 GLU A CG  1 
ATOM   942  C CD  . GLU A 1 117 ? 17.666  -2.308  -7.022  1.00 33.81 ? 117 GLU A CD  1 
ATOM   943  O OE1 . GLU A 1 117 ? 17.323  -3.075  -7.961  1.00 34.49 ? 117 GLU A OE1 1 
ATOM   944  O OE2 . GLU A 1 117 ? 18.054  -1.128  -7.219  1.00 39.94 ? 117 GLU A OE2 1 
ATOM   945  N N   . TYR A 1 118 ? 13.913  -1.518  -3.286  1.00 27.92 ? 118 TYR A N   1 
ATOM   946  C CA  . TYR A 1 118 ? 12.939  -0.510  -2.870  1.00 27.18 ? 118 TYR A CA  1 
ATOM   947  C C   . TYR A 1 118 ? 12.796  -0.409  -1.342  1.00 26.83 ? 118 TYR A C   1 
ATOM   948  O O   . TYR A 1 118 ? 12.881  0.666   -0.792  1.00 26.30 ? 118 TYR A O   1 
ATOM   949  C CB  . TYR A 1 118 ? 11.565  -0.699  -3.562  1.00 27.03 ? 118 TYR A CB  1 
ATOM   950  C CG  . TYR A 1 118 ? 10.525  0.320   -3.075  1.00 27.38 ? 118 TYR A CG  1 
ATOM   951  C CD1 . TYR A 1 118 ? 9.710   0.038   -1.973  1.00 25.66 ? 118 TYR A CD1 1 
ATOM   952  C CD2 . TYR A 1 118 ? 10.408  1.573   -3.667  1.00 27.01 ? 118 TYR A CD2 1 
ATOM   953  C CE1 . TYR A 1 118 ? 8.820   0.961   -1.501  1.00 26.65 ? 118 TYR A CE1 1 
ATOM   954  C CE2 . TYR A 1 118 ? 9.473   2.510   -3.200  1.00 25.97 ? 118 TYR A CE2 1 
ATOM   955  C CZ  . TYR A 1 118 ? 8.699   2.193   -2.095  1.00 26.41 ? 118 TYR A CZ  1 
ATOM   956  O OH  . TYR A 1 118 ? 7.794   3.070   -1.564  1.00 28.02 ? 118 TYR A OH  1 
ATOM   957  N N   . ILE A 1 119 ? 12.615  -1.538  -0.662  1.00 27.01 ? 119 ILE A N   1 
ATOM   958  C CA  . ILE A 1 119 ? 12.234  -1.500  0.756   1.00 26.76 ? 119 ILE A CA  1 
ATOM   959  C C   . ILE A 1 119 ? 13.442  -1.128  1.639   1.00 26.99 ? 119 ILE A C   1 
ATOM   960  O O   . ILE A 1 119 ? 13.275  -0.773  2.792   1.00 27.19 ? 119 ILE A O   1 
ATOM   961  C CB  . ILE A 1 119 ? 11.558  -2.831  1.241   1.00 26.59 ? 119 ILE A CB  1 
ATOM   962  C CG1 . ILE A 1 119 ? 12.582  -3.971  1.258   1.00 28.06 ? 119 ILE A CG1 1 
ATOM   963  C CG2 . ILE A 1 119 ? 10.406  -3.234  0.281   1.00 24.65 ? 119 ILE A CG2 1 
ATOM   964  C CD1 . ILE A 1 119 ? 12.167  -5.282  2.032   1.00 28.61 ? 119 ILE A CD1 1 
ATOM   965  N N   . LYS A 1 120 ? 14.640  -1.237  1.069   1.00 27.40 ? 120 LYS A N   1 
ATOM   966  C CA  . LYS A 1 120 ? 15.880  -0.800  1.747   1.00 28.68 ? 120 LYS A CA  1 
ATOM   967  C C   . LYS A 1 120 ? 16.341  0.600   1.357   1.00 28.09 ? 120 LYS A C   1 
ATOM   968  O O   . LYS A 1 120 ? 17.385  1.051   1.830   1.00 28.31 ? 120 LYS A O   1 
ATOM   969  C CB  . LYS A 1 120 ? 17.022  -1.779  1.487   1.00 29.60 ? 120 LYS A CB  1 
ATOM   970  C CG  . LYS A 1 120 ? 16.751  -3.230  1.839   1.00 31.56 ? 120 LYS A CG  1 
ATOM   971  C CD  . LYS A 1 120 ? 16.388  -3.434  3.314   1.00 36.60 ? 120 LYS A CD  1 
ATOM   972  C CE  . LYS A 1 120 ? 15.791  -4.841  3.568   1.00 38.37 ? 120 LYS A CE  1 
ATOM   973  N NZ  . LYS A 1 120 ? 16.625  -6.021  3.046   1.00 42.18 ? 120 LYS A NZ  1 
ATOM   974  N N   . SER A 1 121 ? 15.587  1.296   0.513   1.00 27.94 ? 121 SER A N   1 
ATOM   975  C CA  . SER A 1 121 ? 16.019  2.611   -0.013  1.00 27.29 ? 121 SER A CA  1 
ATOM   976  C C   . SER A 1 121 ? 15.896  3.809   0.946   1.00 27.16 ? 121 SER A C   1 
ATOM   977  O O   . SER A 1 121 ? 14.911  3.961   1.666   1.00 27.40 ? 121 SER A O   1 
ATOM   978  C CB  . SER A 1 121 ? 15.292  2.938   -1.335  1.00 26.87 ? 121 SER A CB  1 
ATOM   979  O OG  . SER A 1 121 ? 15.853  4.101   -1.937  1.00 26.79 ? 121 SER A OG  1 
ATOM   980  N N   . THR A 1 122 ? 16.902  4.687   0.911   1.00 27.20 ? 122 THR A N   1 
ATOM   981  C CA  . THR A 1 122 ? 16.817  5.964   1.613   1.00 27.30 ? 122 THR A CA  1 
ATOM   982  C C   . THR A 1 122 ? 16.730  7.160   0.646   1.00 27.64 ? 122 THR A C   1 
ATOM   983  O O   . THR A 1 122 ? 17.054  8.294   1.009   1.00 27.04 ? 122 THR A O   1 
ATOM   984  C CB  . THR A 1 122 ? 17.986  6.171   2.640   1.00 27.58 ? 122 THR A CB  1 
ATOM   985  O OG1 . THR A 1 122 ? 19.234  6.035   1.970   1.00 26.68 ? 122 THR A OG1 1 
ATOM   986  C CG2 . THR A 1 122 ? 17.929  5.172   3.832   1.00 28.50 ? 122 THR A CG2 1 
ATOM   987  N N   . LYS A 1 123 ? 16.248  6.933   -0.583  1.00 28.38 ? 123 LYS A N   1 
ATOM   988  C CA  . LYS A 1 123 ? 15.882  8.048   -1.454  1.00 29.41 ? 123 LYS A CA  1 
ATOM   989  C C   . LYS A 1 123 ? 14.717  8.797   -0.784  1.00 29.03 ? 123 LYS A C   1 
ATOM   990  O O   . LYS A 1 123 ? 14.180  8.324   0.228   1.00 28.24 ? 123 LYS A O   1 
ATOM   991  C CB  . LYS A 1 123 ? 15.441  7.514   -2.816  1.00 29.54 ? 123 LYS A CB  1 
ATOM   992  C CG  . LYS A 1 123 ? 16.536  6.887   -3.670  1.00 30.32 ? 123 LYS A CG  1 
ATOM   993  C CD  . LYS A 1 123 ? 15.909  6.466   -5.027  1.00 32.18 ? 123 LYS A CD  1 
ATOM   994  C CE  . LYS A 1 123 ? 16.865  5.722   -5.968  1.00 30.02 ? 123 LYS A CE  1 
ATOM   995  N NZ  . LYS A 1 123 ? 17.914  6.590   -6.591  1.00 35.36 ? 123 LYS A NZ  1 
ATOM   996  N N   . THR A 1 124 ? 14.303  9.943   -1.313  1.00 28.16 ? 124 THR A N   1 
ATOM   997  C CA  . THR A 1 124 ? 13.218  10.681  -0.666  1.00 27.87 ? 124 THR A CA  1 
ATOM   998  C C   . THR A 1 124 ? 11.906  9.885   -0.760  1.00 28.25 ? 124 THR A C   1 
ATOM   999  O O   . THR A 1 124 ? 11.694  9.158   -1.746  1.00 27.99 ? 124 THR A O   1 
ATOM   1000 C CB  . THR A 1 124 ? 13.018  12.090  -1.267  1.00 27.43 ? 124 THR A CB  1 
ATOM   1001 O OG1 . THR A 1 124 ? 12.586  11.990  -2.633  1.00 27.26 ? 124 THR A OG1 1 
ATOM   1002 C CG2 . THR A 1 124 ? 14.319  12.871  -1.194  1.00 26.90 ? 124 THR A CG2 1 
ATOM   1003 N N   . PRO A 1 125 ? 11.054  9.982   0.277   1.00 27.83 ? 125 PRO A N   1 
ATOM   1004 C CA  . PRO A 1 125 ? 9.664   9.541   0.134   1.00 26.91 ? 125 PRO A CA  1 
ATOM   1005 C C   . PRO A 1 125 ? 8.984   10.019  -1.160  1.00 26.88 ? 125 PRO A C   1 
ATOM   1006 O O   . PRO A 1 125 ? 8.206   9.265   -1.714  1.00 26.41 ? 125 PRO A O   1 
ATOM   1007 C CB  . PRO A 1 125 ? 8.976   10.142  1.355   1.00 27.88 ? 125 PRO A CB  1 
ATOM   1008 C CG  . PRO A 1 125 ? 10.061  10.181  2.413   1.00 26.99 ? 125 PRO A CG  1 
ATOM   1009 C CD  . PRO A 1 125 ? 11.364  10.396  1.665   1.00 28.35 ? 125 PRO A CD  1 
ATOM   1010 N N   . ARG A 1 126 ? 9.252   11.246  -1.636  1.00 25.90 ? 126 ARG A N   1 
ATOM   1011 C CA  . ARG A 1 126 ? 8.720   11.653  -2.954  1.00 26.50 ? 126 ARG A CA  1 
ATOM   1012 C C   . ARG A 1 126 ? 9.224   10.722  -4.078  1.00 26.59 ? 126 ARG A C   1 
ATOM   1013 O O   . ARG A 1 126 ? 8.397   10.190  -4.835  1.00 26.69 ? 126 ARG A O   1 
ATOM   1014 C CB  . ARG A 1 126 ? 9.029   13.135  -3.301  1.00 25.98 ? 126 ARG A CB  1 
ATOM   1015 C CG  . ARG A 1 126 ? 8.297   13.638  -4.585  1.00 25.90 ? 126 ARG A CG  1 
ATOM   1016 C CD  . ARG A 1 126 ? 8.498   15.160  -4.860  1.00 26.90 ? 126 ARG A CD  1 
ATOM   1017 N NE  . ARG A 1 126 ? 8.196   15.989  -3.692  1.00 28.15 ? 126 ARG A NE  1 
ATOM   1018 C CZ  . ARG A 1 126 ? 6.979   16.350  -3.316  1.00 29.09 ? 126 ARG A CZ  1 
ATOM   1019 N NH1 . ARG A 1 126 ? 5.909   15.998  -4.026  1.00 27.29 ? 126 ARG A NH1 1 
ATOM   1020 N NH2 . ARG A 1 126 ? 6.828   17.118  -2.243  1.00 30.98 ? 126 ARG A NH2 1 
ATOM   1021 N N   . GLU A 1 127 ? 10.547  10.542  -4.197  1.00 26.58 ? 127 GLU A N   1 
ATOM   1022 C CA  . GLU A 1 127 ? 11.152  9.711   -5.285  1.00 27.25 ? 127 GLU A CA  1 
ATOM   1023 C C   . GLU A 1 127 ? 10.619  8.275   -5.149  1.00 26.96 ? 127 GLU A C   1 
ATOM   1024 O O   . GLU A 1 127 ? 10.258  7.621   -6.133  1.00 25.88 ? 127 GLU A O   1 
ATOM   1025 C CB  . GLU A 1 127 ? 12.691  9.626   -5.239  1.00 27.20 ? 127 GLU A CB  1 
ATOM   1026 C CG  . GLU A 1 127 ? 13.558  10.926  -5.232  1.00 29.93 ? 127 GLU A CG  1 
ATOM   1027 C CD  . GLU A 1 127 ? 14.941  10.674  -4.585  1.00 29.59 ? 127 GLU A CD  1 
ATOM   1028 O OE1 . GLU A 1 127 ? 15.681  9.799   -5.044  1.00 35.71 ? 127 GLU A OE1 1 
ATOM   1029 O OE2 . GLU A 1 127 ? 15.282  11.294  -3.580  1.00 32.47 ? 127 GLU A OE2 1 
ATOM   1030 N N   . LEU A 1 128 ? 10.563  7.784   -3.910  1.00 25.67 ? 128 LEU A N   1 
ATOM   1031 C CA  . LEU A 1 128 ? 10.058  6.403   -3.698  1.00 26.28 ? 128 LEU A CA  1 
ATOM   1032 C C   . LEU A 1 128 ? 8.589   6.238   -4.038  1.00 26.28 ? 128 LEU A C   1 
ATOM   1033 O O   . LEU A 1 128 ? 8.201   5.183   -4.585  1.00 25.79 ? 128 LEU A O   1 
ATOM   1034 C CB  . LEU A 1 128 ? 10.317  5.933   -2.265  1.00 26.01 ? 128 LEU A CB  1 
ATOM   1035 C CG  . LEU A 1 128 ? 11.817  5.827   -2.027  1.00 27.36 ? 128 LEU A CG  1 
ATOM   1036 C CD1 . LEU A 1 128 ? 12.091  5.650   -0.516  1.00 26.07 ? 128 LEU A CD1 1 
ATOM   1037 C CD2 . LEU A 1 128 ? 12.511  4.758   -2.889  1.00 27.36 ? 128 LEU A CD2 1 
ATOM   1038 N N   . ALA A 1 129 ? 7.782   7.246   -3.698  1.00 26.29 ? 129 ALA A N   1 
ATOM   1039 C CA  . ALA A 1 129 ? 6.361   7.263   -4.048  1.00 26.63 ? 129 ALA A CA  1 
ATOM   1040 C C   . ALA A 1 129 ? 6.204   7.163   -5.556  1.00 26.81 ? 129 ALA A C   1 
ATOM   1041 O O   . ALA A 1 129 ? 5.383   6.390   -6.057  1.00 25.63 ? 129 ALA A O   1 
ATOM   1042 C CB  . ALA A 1 129 ? 5.671   8.504   -3.546  1.00 27.60 ? 129 ALA A CB  1 
ATOM   1043 N N   . MET A 1 130 ? 6.992   7.944   -6.289  1.00 25.84 ? 130 MET A N   1 
ATOM   1044 C CA  . MET A 1 130 ? 6.908   7.848   -7.756  1.00 26.63 ? 130 MET A CA  1 
ATOM   1045 C C   . MET A 1 130 ? 7.342   6.470   -8.327  1.00 26.69 ? 130 MET A C   1 
ATOM   1046 O O   . MET A 1 130 ? 6.723   5.947   -9.286  1.00 26.31 ? 130 MET A O   1 
ATOM   1047 C CB  . MET A 1 130 ? 7.652   9.027   -8.400  1.00 26.77 ? 130 MET A CB  1 
ATOM   1048 C CG  . MET A 1 130 ? 6.943   10.385  -8.176  1.00 28.07 ? 130 MET A CG  1 
ATOM   1049 S SD  . MET A 1 130 ? 5.183   10.498  -7.718  1.00 39.13 ? 130 MET A SD  1 
ATOM   1050 C CE  . MET A 1 130 ? 4.474   10.512  -9.340  1.00 34.53 ? 130 MET A CE  1 
ATOM   1051 N N   . ILE A 1 131 ? 8.383   5.883   -7.726  1.00 26.56 ? 131 ILE A N   1 
ATOM   1052 C CA  . ILE A 1 131 ? 8.869   4.577   -8.160  1.00 25.62 ? 131 ILE A CA  1 
ATOM   1053 C C   . ILE A 1 131 ? 7.830   3.489   -7.843  1.00 26.17 ? 131 ILE A C   1 
ATOM   1054 O O   . ILE A 1 131 ? 7.602   2.579   -8.647  1.00 25.35 ? 131 ILE A O   1 
ATOM   1055 C CB  . ILE A 1 131 ? 10.221  4.196   -7.508  1.00 26.12 ? 131 ILE A CB  1 
ATOM   1056 C CG1 . ILE A 1 131 ? 11.353  5.116   -8.025  1.00 25.04 ? 131 ILE A CG1 1 
ATOM   1057 C CG2 . ILE A 1 131 ? 10.560  2.722   -7.818  1.00 25.07 ? 131 ILE A CG2 1 
ATOM   1058 C CD1 . ILE A 1 131 ? 12.697  4.933   -7.314  1.00 27.09 ? 131 ILE A CD1 1 
ATOM   1059 N N   . PHE A 1 132 ? 7.273   3.558   -6.636  1.00 24.79 ? 132 PHE A N   1 
ATOM   1060 C CA  . PHE A 1 132 ? 6.219   2.611   -6.232  1.00 25.21 ? 132 PHE A CA  1 
ATOM   1061 C C   . PHE A 1 132 ? 4.990   2.750   -7.132  1.00 24.56 ? 132 PHE A C   1 
ATOM   1062 O O   . PHE A 1 132 ? 4.420   1.739   -7.579  1.00 25.19 ? 132 PHE A O   1 
ATOM   1063 C CB  . PHE A 1 132 ? 5.821   2.844   -4.784  1.00 24.90 ? 132 PHE A CB  1 
ATOM   1064 C CG  . PHE A 1 132 ? 4.968   1.743   -4.223  1.00 25.29 ? 132 PHE A CG  1 
ATOM   1065 C CD1 . PHE A 1 132 ? 3.562   1.768   -4.351  1.00 26.85 ? 132 PHE A CD1 1 
ATOM   1066 C CD2 . PHE A 1 132 ? 5.583   0.658   -3.605  1.00 28.13 ? 132 PHE A CD2 1 
ATOM   1067 C CE1 . PHE A 1 132 ? 2.781   0.703   -3.828  1.00 29.13 ? 132 PHE A CE1 1 
ATOM   1068 C CE2 . PHE A 1 132 ? 4.852   -0.406  -3.094  1.00 29.28 ? 132 PHE A CE2 1 
ATOM   1069 C CZ  . PHE A 1 132 ? 3.423   -0.391  -3.207  1.00 29.35 ? 132 PHE A CZ  1 
ATOM   1070 N N   . LEU A 1 133 ? 4.589   3.991   -7.423  1.00 24.43 ? 133 LEU A N   1 
ATOM   1071 C CA  . LEU A 1 133 ? 3.504   4.215   -8.403  1.00 24.64 ? 133 LEU A CA  1 
ATOM   1072 C C   . LEU A 1 133 ? 3.778   3.491   -9.740  1.00 25.30 ? 133 LEU A C   1 
ATOM   1073 O O   . LEU A 1 133 ? 2.925   2.735   -10.232 1.00 26.57 ? 133 LEU A O   1 
ATOM   1074 C CB  . LEU A 1 133 ? 3.305   5.716   -8.636  1.00 25.26 ? 133 LEU A CB  1 
ATOM   1075 C CG  . LEU A 1 133 ? 2.409   6.187   -9.786  1.00 25.70 ? 133 LEU A CG  1 
ATOM   1076 C CD1 . LEU A 1 133 ? 1.007   5.620   -9.608  1.00 28.85 ? 133 LEU A CD1 1 
ATOM   1077 C CD2 . LEU A 1 133 ? 2.392   7.704   -9.813  1.00 24.32 ? 133 LEU A CD2 1 
ATOM   1078 N N   . ALA A 1 134 ? 4.968   3.712   -10.300 1.00 24.23 ? 134 ALA A N   1 
ATOM   1079 C CA  . ALA A 1 134 ? 5.314   3.203   -11.641 1.00 24.79 ? 134 ALA A CA  1 
ATOM   1080 C C   . ALA A 1 134 ? 5.546   1.706   -11.671 1.00 24.92 ? 134 ALA A C   1 
ATOM   1081 O O   . ALA A 1 134 ? 5.252   1.035   -12.669 1.00 24.41 ? 134 ALA A O   1 
ATOM   1082 C CB  . ALA A 1 134 ? 6.553   3.913   -12.171 1.00 25.47 ? 134 ALA A CB  1 
ATOM   1083 N N   . SER A 1 135 ? 6.060   1.172   -10.567 1.00 24.89 ? 135 SER A N   1 
ATOM   1084 C CA  . SER A 1 135 ? 6.514   -0.228  -10.565 1.00 26.01 ? 135 SER A CA  1 
ATOM   1085 C C   . SER A 1 135 ? 5.521   -1.198  -10.001 1.00 26.42 ? 135 SER A C   1 
ATOM   1086 O O   . SER A 1 135 ? 5.473   -2.346  -10.434 1.00 26.89 ? 135 SER A O   1 
ATOM   1087 C CB  . SER A 1 135 ? 7.806   -0.386  -9.764  1.00 25.66 ? 135 SER A CB  1 
ATOM   1088 O OG  . SER A 1 135 ? 8.783   0.510   -10.209 1.00 24.50 ? 135 SER A OG  1 
ATOM   1089 N N   . TYR A 1 136 ? 4.750   -0.737  -9.020  1.00 26.05 ? 136 TYR A N   1 
ATOM   1090 C CA  . TYR A 1 136 ? 3.846   -1.617  -8.262  1.00 26.26 ? 136 TYR A CA  1 
ATOM   1091 C C   . TYR A 1 136 ? 2.386   -1.298  -8.585  1.00 27.25 ? 136 TYR A C   1 
ATOM   1092 O O   . TYR A 1 136 ? 1.597   -2.218  -8.897  1.00 26.07 ? 136 TYR A O   1 
ATOM   1093 C CB  . TYR A 1 136 ? 4.097   -1.475  -6.767  1.00 26.28 ? 136 TYR A CB  1 
ATOM   1094 C CG  . TYR A 1 136 ? 3.240   -2.391  -5.865  1.00 25.39 ? 136 TYR A CG  1 
ATOM   1095 C CD1 . TYR A 1 136 ? 1.884   -2.148  -5.698  1.00 28.97 ? 136 TYR A CD1 1 
ATOM   1096 C CD2 . TYR A 1 136 ? 3.822   -3.467  -5.162  1.00 26.33 ? 136 TYR A CD2 1 
ATOM   1097 C CE1 . TYR A 1 136 ? 1.069   -2.989  -4.894  1.00 26.17 ? 136 TYR A CE1 1 
ATOM   1098 C CE2 . TYR A 1 136 ? 3.031   -4.316  -4.336  1.00 25.64 ? 136 TYR A CE2 1 
ATOM   1099 C CZ  . TYR A 1 136 ? 1.659   -4.042  -4.205  1.00 28.32 ? 136 TYR A CZ  1 
ATOM   1100 O OH  . TYR A 1 136 ? 0.882   -4.841  -3.414  1.00 26.91 ? 136 TYR A OH  1 
ATOM   1101 N N   . GLU A 1 137 ? 2.018   -0.012  -8.502  1.00 27.15 ? 137 GLU A N   1 
ATOM   1102 C CA  . GLU A 1 137 ? 0.581   0.347   -8.616  1.00 27.27 ? 137 GLU A CA  1 
ATOM   1103 C C   . GLU A 1 137 ? 0.088   0.333   -10.079 1.00 28.04 ? 137 GLU A C   1 
ATOM   1104 O O   . GLU A 1 137 ? -0.877  -0.388  -10.403 1.00 27.24 ? 137 GLU A O   1 
ATOM   1105 C CB  . GLU A 1 137 ? 0.280   1.692   -7.954  1.00 26.27 ? 137 GLU A CB  1 
ATOM   1106 C CG  . GLU A 1 137 ? 0.570   1.696   -6.429  1.00 26.26 ? 137 GLU A CG  1 
ATOM   1107 C CD  . GLU A 1 137 ? -0.521  1.027   -5.596  1.00 26.79 ? 137 GLU A CD  1 
ATOM   1108 O OE1 . GLU A 1 137 ? -0.552  1.232   -4.358  1.00 29.73 ? 137 GLU A OE1 1 
ATOM   1109 O OE2 . GLU A 1 137 ? -1.361  0.273   -6.139  1.00 27.30 ? 137 GLU A OE2 1 
ATOM   1110 N N   . ARG A 1 138 ? 0.759   1.110   -10.927 1.00 29.30 ? 138 ARG A N   1 
ATOM   1111 C CA  . ARG A 1 138 ? 0.517   1.142   -12.394 1.00 30.93 ? 138 ARG A CA  1 
ATOM   1112 C C   . ARG A 1 138 ? -0.933  1.402   -12.797 1.00 32.32 ? 138 ARG A C   1 
ATOM   1113 O O   . ARG A 1 138 ? -1.503  0.606   -13.540 1.00 32.85 ? 138 ARG A O   1 
ATOM   1114 C CB  . ARG A 1 138 ? 0.985   -0.163  -13.032 1.00 30.24 ? 138 ARG A CB  1 
ATOM   1115 C CG  . ARG A 1 138 ? 2.411   -0.512  -12.619 1.00 33.10 ? 138 ARG A CG  1 
ATOM   1116 C CD  . ARG A 1 138 ? 2.969   -1.641  -13.428 1.00 33.66 ? 138 ARG A CD  1 
ATOM   1117 N NE  . ARG A 1 138 ? 2.165   -2.862  -13.392 1.00 34.02 ? 138 ARG A NE  1 
ATOM   1118 C CZ  . ARG A 1 138 ? 2.386   -3.871  -12.558 1.00 34.07 ? 138 ARG A CZ  1 
ATOM   1119 N NH1 . ARG A 1 138 ? 3.357   -3.791  -11.653 1.00 33.70 ? 138 ARG A NH1 1 
ATOM   1120 N NH2 . ARG A 1 138 ? 1.650   -4.964  -12.625 1.00 35.81 ? 138 ARG A NH2 1 
ATOM   1121 N N   . PRO A 1 139 ? -1.540  2.497   -12.297 1.00 33.88 ? 139 PRO A N   1 
ATOM   1122 C CA  . PRO A 1 139 ? -2.926  2.813   -12.658 1.00 35.40 ? 139 PRO A CA  1 
ATOM   1123 C C   . PRO A 1 139 ? -2.993  3.412   -14.070 1.00 36.11 ? 139 PRO A C   1 
ATOM   1124 O O   . PRO A 1 139 ? -1.985  3.880   -14.599 1.00 36.21 ? 139 PRO A O   1 
ATOM   1125 C CB  . PRO A 1 139 ? -3.333  3.843   -11.598 1.00 34.94 ? 139 PRO A CB  1 
ATOM   1126 C CG  . PRO A 1 139 ? -2.058  4.584   -11.316 1.00 34.93 ? 139 PRO A CG  1 
ATOM   1127 C CD  . PRO A 1 139 ? -0.968  3.523   -11.400 1.00 34.76 ? 139 PRO A CD  1 
ATOM   1128 N N   . ALA A 1 140 ? -4.165  3.370   -14.686 1.00 37.80 ? 140 ALA A N   1 
ATOM   1129 C CA  . ALA A 1 140 ? -4.361  3.962   -16.011 1.00 38.84 ? 140 ALA A CA  1 
ATOM   1130 C C   . ALA A 1 140 ? -3.725  5.356   -16.143 1.00 39.84 ? 140 ALA A C   1 
ATOM   1131 O O   . ALA A 1 140 ? -2.981  5.605   -17.097 1.00 39.54 ? 140 ALA A O   1 
ATOM   1132 C CB  . ALA A 1 140 ? -5.844  3.985   -16.367 1.00 39.09 ? 140 ALA A CB  1 
ATOM   1133 N N   . ASN A 1 141 ? -3.966  6.250   -15.176 1.00 40.69 ? 141 ASN A N   1 
ATOM   1134 C CA  . ASN A 1 141 ? -3.329  7.581   -15.181 1.00 41.83 ? 141 ASN A CA  1 
ATOM   1135 C C   . ASN A 1 141 ? -2.055  7.611   -14.344 1.00 42.04 ? 141 ASN A C   1 
ATOM   1136 O O   . ASN A 1 141 ? -2.127  7.453   -13.120 1.00 42.72 ? 141 ASN A O   1 
ATOM   1137 C CB  . ASN A 1 141 ? -4.313  8.666   -14.696 1.00 41.91 ? 141 ASN A CB  1 
ATOM   1138 C CG  . ASN A 1 141 ? -3.663  10.066  -14.528 1.00 42.52 ? 141 ASN A CG  1 
ATOM   1139 O OD1 . ASN A 1 141 ? -2.486  10.287  -14.815 1.00 41.95 ? 141 ASN A OD1 1 
ATOM   1140 N ND2 . ASN A 1 141 ? -4.463  11.013  -14.055 1.00 43.77 ? 141 ASN A ND2 1 
ATOM   1141 N N   . PRO A 1 142 ? -0.893  7.859   -14.993 1.00 42.39 ? 142 PRO A N   1 
ATOM   1142 C CA  . PRO A 1 142 ? 0.424   7.712   -14.381 1.00 42.21 ? 142 PRO A CA  1 
ATOM   1143 C C   . PRO A 1 142 ? 1.069   8.951   -13.730 1.00 42.44 ? 142 PRO A C   1 
ATOM   1144 O O   . PRO A 1 142 ? 1.883   8.800   -12.822 1.00 43.09 ? 142 PRO A O   1 
ATOM   1145 C CB  . PRO A 1 142 ? 1.281   7.285   -15.565 1.00 42.02 ? 142 PRO A CB  1 
ATOM   1146 C CG  . PRO A 1 142 ? 0.664   8.011   -16.746 1.00 42.56 ? 142 PRO A CG  1 
ATOM   1147 C CD  . PRO A 1 142 ? -0.780  8.278   -16.407 1.00 42.26 ? 142 PRO A CD  1 
ATOM   1148 N N   . ASN A 1 143 ? 0.774   10.153  -14.221 1.00 42.20 ? 143 ASN A N   1 
ATOM   1149 C CA  . ASN A 1 143 ? 1.356   11.366  -13.650 1.00 41.64 ? 143 ASN A CA  1 
ATOM   1150 C C   . ASN A 1 143 ? 0.434   11.812  -12.498 1.00 40.85 ? 143 ASN A C   1 
ATOM   1151 O O   . ASN A 1 143 ? -0.418  12.675  -12.682 1.00 41.92 ? 143 ASN A O   1 
ATOM   1152 C CB  . ASN A 1 143 ? 1.537   12.476  -14.720 1.00 41.34 ? 143 ASN A CB  1 
ATOM   1153 C CG  . ASN A 1 143 ? 2.246   11.984  -16.012 1.00 42.45 ? 143 ASN A CG  1 
ATOM   1154 O OD1 . ASN A 1 143 ? 1.612   11.897  -17.068 1.00 43.28 ? 143 ASN A OD1 1 
ATOM   1155 N ND2 . ASN A 1 143 ? 3.557   11.695  -15.933 1.00 40.36 ? 143 ASN A ND2 1 
ATOM   1156 N N   . GLN A 1 144 ? 0.581   11.180  -11.326 1.00 39.95 ? 144 GLN A N   1 
ATOM   1157 C CA  . GLN A 1 144 ? -0.230  11.511  -10.135 1.00 38.32 ? 144 GLN A CA  1 
ATOM   1158 C C   . GLN A 1 144 ? 0.685   12.062  -9.036  1.00 36.96 ? 144 GLN A C   1 
ATOM   1159 O O   . GLN A 1 144 ? 0.871   11.410  -8.001  1.00 36.63 ? 144 GLN A O   1 
ATOM   1160 C CB  . GLN A 1 144 ? -0.969  10.280  -9.595  1.00 38.88 ? 144 GLN A CB  1 
ATOM   1161 C CG  . GLN A 1 144 ? -1.868  9.531   -10.591 1.00 39.17 ? 144 GLN A CG  1 
ATOM   1162 C CD  . GLN A 1 144 ? -2.823  8.548   -9.919  1.00 38.93 ? 144 GLN A CD  1 
ATOM   1163 O OE1 . GLN A 1 144 ? -3.114  8.636   -8.714  1.00 37.92 ? 144 GLN A OE1 1 
ATOM   1164 N NE2 . GLN A 1 144 ? -3.332  7.608   -10.704 1.00 38.78 ? 144 GLN A NE2 1 
ATOM   1165 N N   . PRO A 1 145 ? 1.261   13.272  -9.241  1.00 35.45 ? 145 PRO A N   1 
ATOM   1166 C CA  . PRO A 1 145 ? 2.293   13.811  -8.354  1.00 34.26 ? 145 PRO A CA  1 
ATOM   1167 C C   . PRO A 1 145 ? 1.862   13.982  -6.884  1.00 33.17 ? 145 PRO A C   1 
ATOM   1168 O O   . PRO A 1 145 ? 2.708   13.975  -6.001  1.00 32.38 ? 145 PRO A O   1 
ATOM   1169 C CB  . PRO A 1 145 ? 2.635   15.171  -8.995  1.00 34.12 ? 145 PRO A CB  1 
ATOM   1170 C CG  . PRO A 1 145 ? 1.450   15.516  -9.806  1.00 34.95 ? 145 PRO A CG  1 
ATOM   1171 C CD  . PRO A 1 145 ? 0.897   14.223  -10.309 1.00 35.09 ? 145 PRO A CD  1 
ATOM   1172 N N   . GLU A 1 146 ? 0.560   14.141  -6.655  1.00 32.92 ? 146 GLU A N   1 
ATOM   1173 C CA  . GLU A 1 146 ? -0.070  14.097  -5.348  1.00 31.98 ? 146 GLU A CA  1 
ATOM   1174 C C   . GLU A 1 146 ? 0.529   12.970  -4.469  1.00 31.04 ? 146 GLU A C   1 
ATOM   1175 O O   . GLU A 1 146 ? 0.664   13.116  -3.243  1.00 29.77 ? 146 GLU A O   1 
ATOM   1176 C CB  . GLU A 1 146 ? -1.575  13.834  -5.537  1.00 32.43 ? 146 GLU A CB  1 
ATOM   1177 C CG  . GLU A 1 146 ? -1.918  12.297  -5.697  1.00 34.72 ? 146 GLU A CG  1 
ATOM   1178 C CD  . GLU A 1 146 ? -3.082  11.915  -6.653  1.00 35.28 ? 146 GLU A CD  1 
ATOM   1179 O OE1 . GLU A 1 146 ? -3.301  12.608  -7.675  1.00 32.53 ? 146 GLU A OE1 1 
ATOM   1180 O OE2 . GLU A 1 146 ? -3.758  10.857  -6.389  1.00 37.91 ? 146 GLU A OE2 1 
ATOM   1181 N N   . ARG A 1 147 ? 0.836   11.826  -5.084  1.00 28.52 ? 147 ARG A N   1 
ATOM   1182 C CA  . ARG A 1 147 ? 1.325   10.684  -4.314  1.00 28.63 ? 147 ARG A CA  1 
ATOM   1183 C C   . ARG A 1 147 ? 2.659   10.971  -3.636  1.00 27.77 ? 147 ARG A C   1 
ATOM   1184 O O   . ARG A 1 147 ? 2.935   10.481  -2.517  1.00 27.43 ? 147 ARG A O   1 
ATOM   1185 C CB  . ARG A 1 147 ? 1.379   9.418   -5.171  1.00 28.34 ? 147 ARG A CB  1 
ATOM   1186 C CG  . ARG A 1 147 ? 0.001   9.003   -5.633  1.00 29.22 ? 147 ARG A CG  1 
ATOM   1187 C CD  . ARG A 1 147 ? 0.017   7.681   -6.397  1.00 28.63 ? 147 ARG A CD  1 
ATOM   1188 N NE  . ARG A 1 147 ? -1.307  7.342   -6.930  1.00 28.11 ? 147 ARG A NE  1 
ATOM   1189 C CZ  . ARG A 1 147 ? -1.803  6.114   -6.912  1.00 26.98 ? 147 ARG A CZ  1 
ATOM   1190 N NH1 . ARG A 1 147 ? -1.094  5.119   -6.364  1.00 26.85 ? 147 ARG A NH1 1 
ATOM   1191 N NH2 . ARG A 1 147 ? -3.010  5.893   -7.400  1.00 26.57 ? 147 ARG A NH2 1 
ATOM   1192 N N   . GLY A 1 148 ? 3.481   11.781  -4.296  1.00 27.68 ? 148 GLY A N   1 
ATOM   1193 C CA  . GLY A 1 148 ? 4.746   12.207  -3.734  1.00 27.56 ? 148 GLY A CA  1 
ATOM   1194 C C   . GLY A 1 148 ? 4.578   13.212  -2.599  1.00 28.54 ? 148 GLY A C   1 
ATOM   1195 O O   . GLY A 1 148 ? 5.256   13.095  -1.577  1.00 28.45 ? 148 GLY A O   1 
ATOM   1196 N N   . ASP A 1 149 ? 3.686   14.191  -2.777  1.00 27.72 ? 149 ASP A N   1 
ATOM   1197 C CA  . ASP A 1 149 ? 3.350   15.154  -1.707  1.00 27.37 ? 149 ASP A CA  1 
ATOM   1198 C C   . ASP A 1 149 ? 2.921   14.387  -0.442  1.00 27.02 ? 149 ASP A C   1 
ATOM   1199 O O   . ASP A 1 149 ? 3.432   14.596  0.679   1.00 26.57 ? 149 ASP A O   1 
ATOM   1200 C CB  . ASP A 1 149 ? 2.234   16.117  -2.152  1.00 27.55 ? 149 ASP A CB  1 
ATOM   1201 C CG  . ASP A 1 149 ? 2.644   17.031  -3.330  1.00 28.89 ? 149 ASP A CG  1 
ATOM   1202 O OD1 . ASP A 1 149 ? 3.836   17.384  -3.447  1.00 27.10 ? 149 ASP A OD1 1 
ATOM   1203 O OD2 . ASP A 1 149 ? 1.757   17.388  -4.139  1.00 30.62 ? 149 ASP A OD2 1 
ATOM   1204 N N   . GLN A 1 150 ? 2.009   13.445  -0.644  1.00 26.99 ? 150 GLN A N   1 
ATOM   1205 C CA  . GLN A 1 150 ? 1.498   12.615  0.440   1.00 26.99 ? 150 GLN A CA  1 
ATOM   1206 C C   . GLN A 1 150 ? 2.571   11.786  1.147   1.00 27.19 ? 150 GLN A C   1 
ATOM   1207 O O   . GLN A 1 150 ? 2.560   11.694  2.382   1.00 26.24 ? 150 GLN A O   1 
ATOM   1208 C CB  . GLN A 1 150 ? 0.357   11.761  -0.087  1.00 27.31 ? 150 GLN A CB  1 
ATOM   1209 C CG  . GLN A 1 150 ? -0.831  12.589  -0.517  1.00 27.20 ? 150 GLN A CG  1 
ATOM   1210 C CD  . GLN A 1 150 ? -1.731  11.877  -1.454  1.00 28.83 ? 150 GLN A CD  1 
ATOM   1211 O OE1 . GLN A 1 150 ? -1.483  10.728  -1.813  1.00 29.98 ? 150 GLN A OE1 1 
ATOM   1212 N NE2 . GLN A 1 150 ? -2.804  12.544  -1.873  1.00 27.21 ? 150 GLN A NE2 1 
ATOM   1213 N N   . ALA A 1 151 ? 3.493   11.198  0.382   1.00 26.54 ? 151 ALA A N   1 
ATOM   1214 C CA  . ALA A 1 151 ? 4.601   10.451  0.955   1.00 27.04 ? 151 ALA A CA  1 
ATOM   1215 C C   . ALA A 1 151 ? 5.416   11.352  1.882   1.00 26.98 ? 151 ALA A C   1 
ATOM   1216 O O   . ALA A 1 151 ? 5.847   10.932  2.959   1.00 25.62 ? 151 ALA A O   1 
ATOM   1217 C CB  . ALA A 1 151 ? 5.477   9.872   -0.100  1.00 27.04 ? 151 ALA A CB  1 
ATOM   1218 N N   . GLU A 1 152 ? 5.633   12.589  1.436   1.00 27.42 ? 152 GLU A N   1 
ATOM   1219 C CA  . GLU A 1 152 ? 6.377   13.557  2.253   1.00 28.48 ? 152 GLU A CA  1 
ATOM   1220 C C   . GLU A 1 152 ? 5.600   13.984  3.506   1.00 29.16 ? 152 GLU A C   1 
ATOM   1221 O O   . GLU A 1 152 ? 6.200   14.147  4.571   1.00 29.49 ? 152 GLU A O   1 
ATOM   1222 C CB  . GLU A 1 152 ? 6.787   14.775  1.409   1.00 28.55 ? 152 GLU A CB  1 
ATOM   1223 C CG  . GLU A 1 152 ? 7.754   14.437  0.264   1.00 28.66 ? 152 GLU A CG  1 
ATOM   1224 C CD  . GLU A 1 152 ? 9.128   14.013  0.761   1.00 29.78 ? 152 GLU A CD  1 
ATOM   1225 O OE1 . GLU A 1 152 ? 9.417   14.232  1.955   1.00 28.28 ? 152 GLU A OE1 1 
ATOM   1226 O OE2 . GLU A 1 152 ? 9.938   13.480  -0.031  1.00 27.62 ? 152 GLU A OE2 1 
ATOM   1227 N N   . TYR A 1 153 ? 4.284   14.141  3.380   1.00 29.18 ? 153 TYR A N   1 
ATOM   1228 C CA  . TYR A 1 153 ? 3.394   14.460  4.504   1.00 29.50 ? 153 TYR A CA  1 
ATOM   1229 C C   . TYR A 1 153 ? 3.483   13.377  5.596   1.00 29.52 ? 153 TYR A C   1 
ATOM   1230 O O   . TYR A 1 153 ? 3.740   13.685  6.766   1.00 30.36 ? 153 TYR A O   1 
ATOM   1231 C CB  . TYR A 1 153 ? 1.961   14.626  3.993   1.00 29.51 ? 153 TYR A CB  1 
ATOM   1232 C CG  . TYR A 1 153 ? 0.908   14.909  5.074   1.00 30.13 ? 153 TYR A CG  1 
ATOM   1233 C CD1 . TYR A 1 153 ? 0.375   13.868  5.849   1.00 29.77 ? 153 TYR A CD1 1 
ATOM   1234 C CD2 . TYR A 1 153 ? 0.432   16.208  5.301   1.00 30.70 ? 153 TYR A CD2 1 
ATOM   1235 C CE1 . TYR A 1 153 ? -0.595  14.115  6.823   1.00 31.54 ? 153 TYR A CE1 1 
ATOM   1236 C CE2 . TYR A 1 153 ? -0.534  16.464  6.277   1.00 31.14 ? 153 TYR A CE2 1 
ATOM   1237 C CZ  . TYR A 1 153 ? -1.040  15.406  7.034   1.00 31.21 ? 153 TYR A CZ  1 
ATOM   1238 O OH  . TYR A 1 153 ? -2.010  15.627  8.001   1.00 32.04 ? 153 TYR A OH  1 
ATOM   1239 N N   . TRP A 1 154 ? 3.351   12.107  5.221   1.00 28.90 ? 154 TRP A N   1 
ATOM   1240 C CA  . TRP A 1 154 ? 3.477   11.027  6.212   1.00 29.27 ? 154 TRP A CA  1 
ATOM   1241 C C   . TRP A 1 154 ? 4.857   10.909  6.849   1.00 29.37 ? 154 TRP A C   1 
ATOM   1242 O O   . TRP A 1 154 ? 4.966   10.717  8.071   1.00 29.71 ? 154 TRP A O   1 
ATOM   1243 C CB  . TRP A 1 154 ? 3.015   9.663   5.636   1.00 28.26 ? 154 TRP A CB  1 
ATOM   1244 C CG  . TRP A 1 154 ? 1.598   9.687   5.272   1.00 27.58 ? 154 TRP A CG  1 
ATOM   1245 C CD1 . TRP A 1 154 ? 1.081   9.490   4.031   1.00 27.81 ? 154 TRP A CD1 1 
ATOM   1246 C CD2 . TRP A 1 154 ? 0.485   9.964   6.134   1.00 28.12 ? 154 TRP A CD2 1 
ATOM   1247 N NE1 . TRP A 1 154 ? -0.277  9.614   4.062   1.00 28.77 ? 154 TRP A NE1 1 
ATOM   1248 C CE2 . TRP A 1 154 ? -0.670  9.910   5.344   1.00 27.12 ? 154 TRP A CE2 1 
ATOM   1249 C CE3 . TRP A 1 154 ? 0.356   10.254  7.514   1.00 28.50 ? 154 TRP A CE3 1 
ATOM   1250 C CZ2 . TRP A 1 154 ? -1.939  10.131  5.869   1.00 28.70 ? 154 TRP A CZ2 1 
ATOM   1251 C CZ3 . TRP A 1 154 ? -0.890  10.472  8.024   1.00 28.61 ? 154 TRP A CZ3 1 
ATOM   1252 C CH2 . TRP A 1 154 ? -2.027  10.408  7.215   1.00 29.10 ? 154 TRP A CH2 1 
ATOM   1253 N N   . TYR A 1 155 ? 5.912   11.038  6.054   1.00 29.91 ? 155 TYR A N   1 
ATOM   1254 C CA  . TYR A 1 155 ? 7.282   10.997  6.582   1.00 30.10 ? 155 TYR A CA  1 
ATOM   1255 C C   . TYR A 1 155 ? 7.531   12.074  7.644   1.00 30.87 ? 155 TYR A C   1 
ATOM   1256 O O   . TYR A 1 155 ? 8.210   11.826  8.641   1.00 29.82 ? 155 TYR A O   1 
ATOM   1257 C CB  . TYR A 1 155 ? 8.286   11.180  5.452   1.00 30.73 ? 155 TYR A CB  1 
ATOM   1258 C CG  . TYR A 1 155 ? 9.723   10.970  5.846   1.00 30.50 ? 155 TYR A CG  1 
ATOM   1259 C CD1 . TYR A 1 155 ? 10.572  12.066  6.059   1.00 31.14 ? 155 TYR A CD1 1 
ATOM   1260 C CD2 . TYR A 1 155 ? 10.248  9.681   5.970   1.00 30.20 ? 155 TYR A CD2 1 
ATOM   1261 C CE1 . TYR A 1 155 ? 11.905  11.873  6.396   1.00 31.58 ? 155 TYR A CE1 1 
ATOM   1262 C CE2 . TYR A 1 155 ? 11.558  9.473   6.313   1.00 32.30 ? 155 TYR A CE2 1 
ATOM   1263 C CZ  . TYR A 1 155 ? 12.386  10.580  6.534   1.00 31.81 ? 155 TYR A CZ  1 
ATOM   1264 O OH  . TYR A 1 155 ? 13.688  10.364  6.860   1.00 33.23 ? 155 TYR A OH  1 
ATOM   1265 N N   . LYS A 1 156 ? 6.984   13.261  7.401   1.00 30.89 ? 156 LYS A N   1 
ATOM   1266 C CA  . LYS A 1 156 ? 7.103   14.388  8.320   1.00 32.52 ? 156 LYS A CA  1 
ATOM   1267 C C   . LYS A 1 156 ? 6.353   14.082  9.608   1.00 32.29 ? 156 LYS A C   1 
ATOM   1268 O O   . LYS A 1 156 ? 6.915   14.227  10.683  1.00 32.50 ? 156 LYS A O   1 
ATOM   1269 C CB  . LYS A 1 156 ? 6.545   15.677  7.696   1.00 32.01 ? 156 LYS A CB  1 
ATOM   1270 C CG  . LYS A 1 156 ? 6.876   16.945  8.512   1.00 33.78 ? 156 LYS A CG  1 
ATOM   1271 C CD  . LYS A 1 156 ? 6.431   18.234  7.814   1.00 34.70 ? 156 LYS A CD  1 
ATOM   1272 C CE  . LYS A 1 156 ? 4.936   18.544  8.011   1.00 38.31 ? 156 LYS A CE  1 
ATOM   1273 N NZ  . LYS A 1 156 ? 4.608   18.930  9.436   1.00 39.48 ? 156 LYS A NZ  1 
ATOM   1274 N N   . ASN A 1 157 ? 5.113   13.604  9.456   1.00 32.02 ? 157 ASN A N   1 
ATOM   1275 C CA  . ASN A 1 157 ? 4.083   13.604  10.500  1.00 32.39 ? 157 ASN A CA  1 
ATOM   1276 C C   . ASN A 1 157 ? 3.928   12.331  11.336  1.00 32.79 ? 157 ASN A C   1 
ATOM   1277 O O   . ASN A 1 157 ? 3.316   12.377  12.411  1.00 32.57 ? 157 ASN A O   1 
ATOM   1278 C CB  . ASN A 1 157 ? 2.730   13.993  9.896   1.00 32.29 ? 157 ASN A CB  1 
ATOM   1279 C CG  . ASN A 1 157 ? 2.664   15.457  9.502   1.00 34.09 ? 157 ASN A CG  1 
ATOM   1280 O OD1 . ASN A 1 157 ? 2.691   16.348  10.359  1.00 34.38 ? 157 ASN A OD1 1 
ATOM   1281 N ND2 . ASN A 1 157 ? 2.560   15.720  8.203   1.00 33.56 ? 157 ASN A ND2 1 
ATOM   1282 N N   . LEU A 1 158 ? 4.443   11.206  10.846  1.00 32.99 ? 158 LEU A N   1 
ATOM   1283 C CA  . LEU A 1 158 ? 4.505   9.987   11.660  1.00 33.96 ? 158 LEU A CA  1 
ATOM   1284 C C   . LEU A 1 158 ? 5.820   9.942   12.437  1.00 34.96 ? 158 LEU A C   1 
ATOM   1285 O O   . LEU A 1 158 ? 6.745   10.705  12.138  1.00 34.52 ? 158 LEU A O   1 
ATOM   1286 C CB  . LEU A 1 158 ? 4.387   8.724   10.795  1.00 33.67 ? 158 LEU A CB  1 
ATOM   1287 C CG  . LEU A 1 158 ? 3.188   8.566   9.863   1.00 33.51 ? 158 LEU A CG  1 
ATOM   1288 C CD1 . LEU A 1 158 ? 3.471   7.423   8.903   1.00 32.47 ? 158 LEU A CD1 1 
ATOM   1289 C CD2 . LEU A 1 158 ? 1.870   8.355   10.622  1.00 33.56 ? 158 LEU A CD2 1 
ATOM   1290 N N   . SER A 1 159 ? 5.892   9.046   13.425  1.00 36.17 ? 159 SER A N   1 
ATOM   1291 C CA  . SER A 1 159 ? 7.122   8.755   14.145  1.00 37.97 ? 159 SER A CA  1 
ATOM   1292 C C   . SER A 1 159 ? 7.724   7.434   13.661  1.00 39.02 ? 159 SER A C   1 
ATOM   1293 O O   . SER A 1 159 ? 8.568   7.443   12.755  1.00 40.07 ? 159 SER A O   1 
ATOM   1294 C CB  . SER A 1 159 ? 6.864   8.743   15.654  1.00 38.31 ? 159 SER A CB  1 
ATOM   1295 O OG  . SER A 1 159 ? 6.320   9.996   16.046  1.00 39.46 ? 159 SER A OG  1 
ATOM   1296 O OXT . SER A 1 159 ? 7.399   6.332   14.107  1.00 39.00 ? 159 SER A OXT 1 
HETATM 1297 C C1  . NAG B 2 .   ? -7.174  1.282   -10.001 1.00 28.15 ? 1   NAG B C1  1 
HETATM 1298 C C2  . NAG B 2 .   ? -6.693  1.122   -11.439 1.00 28.55 ? 1   NAG B C2  1 
HETATM 1299 C C3  . NAG B 2 .   ? -6.041  -0.225  -11.712 1.00 27.65 ? 1   NAG B C3  1 
HETATM 1300 C C4  . NAG B 2 .   ? -4.881  -0.412  -10.735 1.00 28.26 ? 1   NAG B C4  1 
HETATM 1301 C C5  . NAG B 2 .   ? -5.197  0.035   -9.287  1.00 28.01 ? 1   NAG B C5  1 
HETATM 1302 C C6  . NAG B 2 .   ? -3.889  0.371   -8.587  1.00 27.65 ? 1   NAG B C6  1 
HETATM 1303 C C7  . NAG B 2 .   ? -7.455  2.367   -13.268 1.00 30.88 ? 1   NAG B C7  1 
HETATM 1304 C C8  . NAG B 2 .   ? -8.615  3.011   -13.969 1.00 31.43 ? 1   NAG B C8  1 
HETATM 1305 N N2  . NAG B 2 .   ? -7.737  1.393   -12.409 1.00 29.75 ? 1   NAG B N2  1 
HETATM 1306 O O1  . NAG B 2 .   ? -7.728  2.588   -9.901  1.00 28.80 ? 1   NAG B O1  1 
HETATM 1307 O O3  . NAG B 2 .   ? -5.573  -0.246  -13.054 1.00 25.29 ? 1   NAG B O3  1 
HETATM 1308 O O4  . NAG B 2 .   ? -4.556  -1.790  -10.718 1.00 29.02 ? 1   NAG B O4  1 
HETATM 1309 O O5  . NAG B 2 .   ? -6.048  1.174   -9.146  1.00 28.31 ? 1   NAG B O5  1 
HETATM 1310 O O6  . NAG B 2 .   ? -3.427  1.614   -9.070  1.00 25.99 ? 1   NAG B O6  1 
HETATM 1311 O O7  . NAG B 2 .   ? -6.290  2.731   -13.464 1.00 31.54 ? 1   NAG B O7  1 
HETATM 1312 C C1  . NAG B 2 .   ? -3.446  -2.064  -11.609 1.00 27.47 ? 2   NAG B C1  1 
HETATM 1313 C C2  . NAG B 2 .   ? -2.725  -3.284  -11.057 1.00 27.36 ? 2   NAG B C2  1 
HETATM 1314 C C3  . NAG B 2 .   ? -1.581  -3.726  -11.977 1.00 27.86 ? 2   NAG B C3  1 
HETATM 1315 C C4  . NAG B 2 .   ? -2.001  -3.810  -13.453 1.00 26.79 ? 2   NAG B C4  1 
HETATM 1316 C C5  . NAG B 2 .   ? -2.776  -2.550  -13.854 1.00 26.29 ? 2   NAG B C5  1 
HETATM 1317 C C6  . NAG B 2 .   ? -3.255  -2.604  -15.317 1.00 27.17 ? 2   NAG B C6  1 
HETATM 1318 C C7  . NAG B 2 .   ? -2.445  -3.659  -8.635  1.00 30.61 ? 2   NAG B C7  1 
HETATM 1319 C C8  . NAG B 2 .   ? -1.814  -3.091  -7.391  1.00 24.94 ? 2   NAG B C8  1 
HETATM 1320 N N2  . NAG B 2 .   ? -2.250  -2.930  -9.741  1.00 27.70 ? 2   NAG B N2  1 
HETATM 1321 O O3  . NAG B 2 .   ? -1.069  -4.953  -11.503 1.00 29.43 ? 2   NAG B O3  1 
HETATM 1322 O O4  . NAG B 2 .   ? -0.839  -3.860  -14.268 1.00 27.80 ? 2   NAG B O4  1 
HETATM 1323 O O5  . NAG B 2 .   ? -3.840  -2.273  -12.958 1.00 25.54 ? 2   NAG B O5  1 
HETATM 1324 O O6  . NAG B 2 .   ? -4.470  -3.317  -15.468 1.00 28.11 ? 2   NAG B O6  1 
HETATM 1325 O O7  . NAG B 2 .   ? -3.090  -4.727  -8.601  1.00 29.71 ? 2   NAG B O7  1 
HETATM 1326 C C1  . NAG B 2 .   ? -0.765  -5.072  -15.063 1.00 29.03 ? 3   NAG B C1  1 
HETATM 1327 C C2  . NAG B 2 .   ? 0.183   -4.835  -16.242 1.00 29.67 ? 3   NAG B C2  1 
HETATM 1328 C C3  . NAG B 2 .   ? 0.329   -6.079  -17.131 1.00 29.65 ? 3   NAG B C3  1 
HETATM 1329 C C4  . NAG B 2 .   ? 0.583   -7.357  -16.332 1.00 29.52 ? 3   NAG B C4  1 
HETATM 1330 C C5  . NAG B 2 .   ? -0.205  -7.413  -15.008 1.00 28.76 ? 3   NAG B C5  1 
HETATM 1331 C C6  . NAG B 2 .   ? 0.484   -8.358  -14.033 1.00 29.74 ? 3   NAG B C6  1 
HETATM 1332 C C7  . NAG B 2 .   ? 0.279   -2.473  -16.839 1.00 31.26 ? 3   NAG B C7  1 
HETATM 1333 C C8  . NAG B 2 .   ? -0.401  -1.341  -17.561 1.00 31.15 ? 3   NAG B C8  1 
HETATM 1334 N N2  . NAG B 2 .   ? -0.276  -3.683  -16.996 1.00 30.69 ? 3   NAG B N2  1 
HETATM 1335 O O3  . NAG B 2 .   ? 1.402   -5.924  -18.038 1.00 30.12 ? 3   NAG B O3  1 
HETATM 1336 O O4  . NAG B 2 .   ? 0.273   -8.466  -17.173 1.00 28.42 ? 3   NAG B O4  1 
HETATM 1337 O O5  . NAG B 2 .   ? -0.291  -6.174  -14.319 1.00 28.35 ? 3   NAG B O5  1 
HETATM 1338 O O6  . NAG B 2 .   ? -0.505  -9.154  -13.435 1.00 31.60 ? 3   NAG B O6  1 
HETATM 1339 O O7  . NAG B 2 .   ? 1.285   -2.267  -16.142 1.00 30.54 ? 3   NAG B O7  1 
HETATM 1340 C C1  . NAG B 2 .   ? 1.354   -9.434  -17.276 1.00 29.05 ? 4   NAG B C1  1 
HETATM 1341 C C2  . NAG B 2 .   ? 0.798   -10.781 -17.752 1.00 27.65 ? 4   NAG B C2  1 
HETATM 1342 C C3  . NAG B 2 .   ? 1.897   -11.847 -17.824 1.00 28.19 ? 4   NAG B C3  1 
HETATM 1343 C C4  . NAG B 2 .   ? 3.148   -11.348 -18.558 1.00 28.65 ? 4   NAG B C4  1 
HETATM 1344 C C5  . NAG B 2 .   ? 3.547   -9.917  -18.169 1.00 28.25 ? 4   NAG B C5  1 
HETATM 1345 C C6  . NAG B 2 .   ? 4.568   -9.382  -19.173 1.00 28.99 ? 4   NAG B C6  1 
HETATM 1346 C C7  . NAG B 2 .   ? -1.562  -11.076 -17.113 1.00 27.48 ? 4   NAG B C7  1 
HETATM 1347 C C8  . NAG B 2 .   ? -2.516  -12.084 -16.539 1.00 26.88 ? 4   NAG B C8  1 
HETATM 1348 N N2  . NAG B 2 .   ? -0.261  -11.256 -16.876 1.00 28.08 ? 4   NAG B N2  1 
HETATM 1349 O O3  . NAG B 2 .   ? 1.379   -12.993 -18.477 1.00 27.39 ? 4   NAG B O3  1 
HETATM 1350 O O4  . NAG B 2 .   ? 4.248   -12.224 -18.346 1.00 26.63 ? 4   NAG B O4  1 
HETATM 1351 O O5  . NAG B 2 .   ? 2.437   -9.024  -18.105 1.00 29.48 ? 4   NAG B O5  1 
HETATM 1352 O O6  . NAG B 2 .   ? 3.916   -8.719  -20.233 1.00 29.08 ? 4   NAG B O6  1 
HETATM 1353 O O7  . NAG B 2 .   ? -1.997  -10.124 -17.752 1.00 27.93 ? 4   NAG B O7  1 
HETATM 1354 O O   . HOH C 3 .   ? 4.094   2.171   -14.783 1.00 16.97 ? 205 HOH A O   1 
HETATM 1355 O O   . HOH C 3 .   ? -12.280 -10.866 6.233   1.00 18.85 ? 206 HOH A O   1 
HETATM 1356 O O   . HOH C 3 .   ? -8.337  -2.459  15.430  1.00 21.36 ? 207 HOH A O   1 
HETATM 1357 O O   . HOH C 3 .   ? -0.365  -8.653  -6.383  1.00 18.07 ? 208 HOH A O   1 
HETATM 1358 O O   . HOH C 3 .   ? 11.669  -7.007  -7.998  1.00 24.00 ? 209 HOH A O   1 
HETATM 1359 O O   . HOH C 3 .   ? -9.161  1.508   -7.212  1.00 28.54 ? 210 HOH A O   1 
HETATM 1360 O O   . HOH C 3 .   ? 5.250   10.142  -18.033 1.00 23.12 ? 211 HOH A O   1 
HETATM 1361 O O   . HOH C 3 .   ? -12.422 4.134   -9.374  1.00 27.29 ? 212 HOH A O   1 
HETATM 1362 O O   A HOH C 3 .   ? 19.030  3.809   -13.022 0.50 14.91 ? 213 HOH A O   1 
HETATM 1363 O O   B HOH C 3 .   ? 18.158  5.134   -12.024 0.50 25.60 ? 213 HOH A O   1 
HETATM 1364 O O   . HOH C 3 .   ? -9.429  14.660  9.973   1.00 25.30 ? 214 HOH A O   1 
HETATM 1365 O O   . HOH C 3 .   ? -18.295 0.003   -9.558  1.00 28.01 ? 215 HOH A O   1 
HETATM 1366 O O   . HOH C 3 .   ? -15.511 -3.572  3.453   1.00 34.10 ? 216 HOH A O   1 
HETATM 1367 O O   . HOH C 3 .   ? -11.199 -16.868 -2.860  1.00 37.57 ? 217 HOH A O   1 
HETATM 1368 O O   . HOH C 3 .   ? 1.501   -0.123  16.206  1.00 24.99 ? 218 HOH A O   1 
HETATM 1369 O O   . HOH C 3 .   ? 17.410  -2.761  -10.774 1.00 30.37 ? 219 HOH A O   1 
HETATM 1370 O O   . HOH C 3 .   ? -1.170  -15.231 -5.342  1.00 22.53 ? 220 HOH A O   1 
HETATM 1371 O O   . HOH C 3 .   ? -10.265 -14.587 3.992   1.00 26.49 ? 221 HOH A O   1 
HETATM 1372 O O   . HOH C 3 .   ? 2.861   0.173   -16.296 1.00 34.43 ? 222 HOH A O   1 
HETATM 1373 O O   . HOH C 3 .   ? -5.602  -3.613  15.730  1.00 27.84 ? 223 HOH A O   1 
HETATM 1374 O O   . HOH C 3 .   ? -0.945  -5.270  -5.763  1.00 34.86 ? 224 HOH A O   1 
HETATM 1375 O O   . HOH C 3 .   ? -17.177 7.341   2.170   1.00 21.84 ? 225 HOH A O   1 
HETATM 1376 O O   . HOH C 3 .   ? -7.532  -5.666  10.818  1.00 22.42 ? 226 HOH A O   1 
HETATM 1377 O O   . HOH C 3 .   ? 3.080   -13.498 4.102   1.00 26.97 ? 227 HOH A O   1 
HETATM 1378 O O   . HOH C 3 .   ? 2.044   -2.101  14.070  1.00 24.73 ? 228 HOH A O   1 
HETATM 1379 O O   . HOH C 3 .   ? -13.491 3.157   9.556   1.00 29.24 ? 229 HOH A O   1 
HETATM 1380 O O   . HOH C 3 .   ? -15.999 -5.968  2.644   1.00 37.31 ? 230 HOH A O   1 
HETATM 1381 O O   . HOH C 3 .   ? -3.036  -8.643  -7.264  1.00 35.58 ? 231 HOH A O   1 
HETATM 1382 O O   . HOH C 3 .   ? -12.546 4.087   -4.607  1.00 25.66 ? 232 HOH A O   1 
HETATM 1383 O O   . HOH C 3 .   ? 10.522  -6.615  -14.030 1.00 29.10 ? 233 HOH A O   1 
HETATM 1384 O O   . HOH C 3 .   ? -0.479  17.772  -3.136  1.00 29.71 ? 234 HOH A O   1 
HETATM 1385 O O   . HOH C 3 .   ? 14.671  -6.468  -12.316 1.00 31.93 ? 235 HOH A O   1 
HETATM 1386 O O   . HOH C 3 .   ? -12.154 -13.824 5.654   1.00 28.75 ? 236 HOH A O   1 
HETATM 1387 O O   . HOH C 3 .   ? 14.136  -0.875  -15.470 1.00 29.11 ? 237 HOH A O   1 
HETATM 1388 O O   . HOH C 3 .   ? 2.606   4.343   -13.955 1.00 23.60 ? 238 HOH A O   1 
HETATM 1389 O O   . HOH C 3 .   ? 9.677   -7.309  3.982   1.00 29.88 ? 239 HOH A O   1 
HETATM 1390 O O   . HOH C 3 .   ? 5.680   7.310   -11.554 1.00 30.70 ? 240 HOH A O   1 
HETATM 1391 O O   . HOH C 3 .   ? 10.411  -10.275 4.471   1.00 24.04 ? 241 HOH A O   1 
HETATM 1392 O O   . HOH C 3 .   ? 13.000  -7.854  -5.930  1.00 26.68 ? 242 HOH A O   1 
HETATM 1393 O O   . HOH C 3 .   ? 2.725   -10.784 -9.853  1.00 25.68 ? 243 HOH A O   1 
HETATM 1394 O O   . HOH C 3 .   ? -11.850 12.134  11.865  1.00 33.58 ? 244 HOH A O   1 
HETATM 1395 O O   . HOH C 3 .   ? 7.881   8.565   -12.934 1.00 39.49 ? 245 HOH A O   1 
HETATM 1396 O O   . HOH C 3 .   ? 18.530  0.761   4.222   1.00 32.88 ? 246 HOH A O   1 
HETATM 1397 O O   . HOH C 3 .   ? -14.385 7.914   7.396   1.00 37.13 ? 247 HOH A O   1 
HETATM 1398 O O   . HOH C 3 .   ? -16.255 10.460  7.636   1.00 28.33 ? 248 HOH A O   1 
HETATM 1399 O O   . HOH C 3 .   ? 18.011  2.762   -3.385  1.00 29.37 ? 249 HOH A O   1 
HETATM 1400 O O   . HOH C 3 .   ? -0.639  -8.232  -10.820 1.00 32.00 ? 250 HOH A O   1 
HETATM 1401 O O   . HOH C 3 .   ? -10.427 -10.194 10.911  1.00 29.29 ? 251 HOH A O   1 
HETATM 1402 O O   . HOH C 3 .   ? 11.661  -9.723  -4.818  1.00 32.21 ? 252 HOH A O   1 
HETATM 1403 O O   . HOH C 3 .   ? 3.540   17.239  1.171   1.00 30.19 ? 253 HOH A O   1 
HETATM 1404 O O   . HOH C 3 .   ? 5.426   -7.664  -17.202 1.00 42.74 ? 254 HOH A O   1 
HETATM 1405 O O   . HOH C 3 .   ? -15.143 -3.393  8.306   1.00 32.18 ? 255 HOH A O   1 
HETATM 1406 O O   . HOH C 3 .   ? -1.775  3.625   15.015  1.00 29.14 ? 256 HOH A O   1 
HETATM 1407 O O   . HOH C 3 .   ? 5.379   14.563  -6.169  1.00 29.69 ? 257 HOH A O   1 
HETATM 1408 O O   . HOH C 3 .   ? -21.732 -3.439  -4.175  1.00 30.77 ? 258 HOH A O   1 
HETATM 1409 O O   . HOH C 3 .   ? 5.483   -14.458 -7.513  1.00 34.56 ? 259 HOH A O   1 
HETATM 1410 O O   . HOH C 3 .   ? -11.285 14.565  12.110  1.00 36.16 ? 260 HOH A O   1 
HETATM 1411 O O   . HOH C 3 .   ? 1.308   -4.663  14.923  1.00 32.02 ? 261 HOH A O   1 
HETATM 1412 O O   . HOH C 3 .   ? -2.701  0.781   -16.006 1.00 35.61 ? 262 HOH A O   1 
HETATM 1413 O O   . HOH C 3 .   ? 18.054  0.458   -1.844  1.00 31.04 ? 263 HOH A O   1 
HETATM 1414 O O   . HOH C 3 .   ? -15.425 -5.206  -13.622 1.00 34.76 ? 264 HOH A O   1 
HETATM 1415 O O   . HOH C 3 .   ? 5.216   18.434  -0.660  1.00 35.11 ? 265 HOH A O   1 
HETATM 1416 O O   . HOH C 3 .   ? 11.855  11.384  10.059  1.00 37.87 ? 266 HOH A O   1 
HETATM 1417 O O   . HOH C 3 .   ? -1.843  14.334  -8.263  1.00 37.52 ? 267 HOH A O   1 
HETATM 1418 O O   . HOH C 3 .   ? 11.855  -4.561  -16.449 1.00 33.94 ? 268 HOH A O   1 
HETATM 1419 O O   . HOH C 3 .   ? -15.347 9.796   10.107  1.00 33.87 ? 269 HOH A O   1 
HETATM 1420 O O   . HOH C 3 .   ? -10.538 -18.991 4.125   1.00 36.48 ? 270 HOH A O   1 
HETATM 1421 O O   . HOH C 3 .   ? -17.714 -4.191  -12.370 1.00 36.08 ? 271 HOH A O   1 
HETATM 1422 O O   . HOH C 3 .   ? 12.453  14.314  -4.392  1.00 37.10 ? 272 HOH A O   1 
HETATM 1423 O O   . HOH C 3 .   ? -5.725  11.427  -2.583  1.00 30.33 ? 273 HOH A O   1 
HETATM 1424 O O   . HOH C 3 .   ? 11.343  -0.124  -10.865 1.00 26.67 ? 274 HOH A O   1 
HETATM 1425 O O   . HOH C 3 .   ? 2.539   18.781  7.761   1.00 43.22 ? 275 HOH A O   1 
HETATM 1426 O O   . HOH C 3 .   ? 16.575  14.031  -4.339  1.00 45.77 ? 276 HOH A O   1 
HETATM 1427 O O   . HOH C 3 .   ? 18.641  10.619  -0.566  1.00 42.62 ? 277 HOH A O   1 
HETATM 1428 O O   . HOH C 3 .   ? -11.457 11.128  2.472   1.00 35.66 ? 278 HOH A O   1 
HETATM 1429 O O   . HOH C 3 .   ? -1.521  12.851  3.352   1.00 40.43 ? 279 HOH A O   1 
HETATM 1430 O O   . HOH C 3 .   ? 3.423   6.834   -13.344 1.00 34.99 ? 280 HOH A O   1 
HETATM 1431 O O   . HOH C 3 .   ? 19.124  4.108   -0.983  1.00 37.50 ? 281 HOH A O   1 
HETATM 1432 O O   . HOH C 3 .   ? 1.765   -7.556  -11.621 1.00 50.13 ? 282 HOH A O   1 
HETATM 1433 O O   . HOH C 3 .   ? -5.057  10.691  14.074  1.00 28.42 ? 283 HOH A O   1 
HETATM 1434 O O   . HOH C 3 .   ? -6.917  2.734   -7.731  1.00 39.15 ? 284 HOH A O   1 
HETATM 1435 O O   . HOH C 3 .   ? -13.155 8.572   13.486  1.00 34.98 ? 285 HOH A O   1 
HETATM 1436 O O   . HOH C 3 .   ? -13.866 -4.015  -6.438  1.00 41.55 ? 286 HOH A O   1 
HETATM 1437 O O   . HOH C 3 .   ? -2.997  9.590   15.411  1.00 41.43 ? 287 HOH A O   1 
HETATM 1438 O O   . HOH C 3 .   ? -6.446  11.718  0.421   1.00 37.14 ? 288 HOH A O   1 
HETATM 1439 O O   . HOH C 3 .   ? 15.416  -5.786  1.034   1.00 46.39 ? 289 HOH A O   1 
HETATM 1440 O O   . HOH C 3 .   ? -15.540 -2.055  -7.192  1.00 36.40 ? 290 HOH A O   1 
HETATM 1441 O O   . HOH C 3 .   ? 1.663   9.175   14.756  1.00 40.05 ? 291 HOH A O   1 
HETATM 1442 O O   . HOH C 3 .   ? -3.230  2.316   16.320  1.00 33.94 ? 292 HOH A O   1 
HETATM 1443 O O   . HOH C 3 .   ? 6.932   -9.318  -10.212 1.00 34.92 ? 293 HOH A O   1 
HETATM 1444 O O   . HOH C 3 .   ? 7.792   12.895  12.988  1.00 37.16 ? 294 HOH A O   1 
HETATM 1445 O O   . HOH C 3 .   ? -2.232  11.844  -11.868 1.00 48.38 ? 295 HOH A O   1 
HETATM 1446 O O   . HOH C 3 .   ? -4.657  -11.432 9.916   1.00 34.88 ? 296 HOH A O   1 
HETATM 1447 O O   . HOH C 3 .   ? 20.110  7.176   -1.353  1.00 42.95 ? 297 HOH A O   1 
HETATM 1448 O O   . HOH C 3 .   ? 2.868   11.098  -11.235 1.00 46.17 ? 298 HOH A O   1 
HETATM 1449 O O   . HOH C 3 .   ? 10.028  7.499   -11.191 1.00 40.83 ? 299 HOH A O   1 
HETATM 1450 O O   . HOH C 3 .   ? -7.456  9.730   -1.527  1.00 35.48 ? 300 HOH A O   1 
HETATM 1451 O O   . HOH C 3 .   ? 5.751   14.000  13.997  1.00 45.87 ? 301 HOH A O   1 
HETATM 1452 O O   . HOH C 3 .   ? -11.361 10.478  14.066  1.00 33.32 ? 302 HOH A O   1 
HETATM 1453 O O   . HOH C 3 .   ? -9.030  9.241   14.090  1.00 33.32 ? 303 HOH A O   1 
HETATM 1454 O O   . HOH C 3 .   ? 8.511   15.136  4.601   1.00 38.15 ? 304 HOH A O   1 
HETATM 1455 O O   . HOH C 3 .   ? -11.249 -11.677 -10.985 1.00 36.21 ? 305 HOH A O   1 
HETATM 1456 O O   . HOH C 3 .   ? -13.962 -15.480 0.340   1.00 45.64 ? 306 HOH A O   1 
HETATM 1457 O O   . HOH C 3 .   ? -5.174  -23.668 0.696   1.00 42.71 ? 307 HOH A O   1 
HETATM 1458 O O   . HOH C 3 .   ? -4.955  13.362  14.113  1.00 34.92 ? 308 HOH A O   1 
HETATM 1459 O O   . HOH C 3 .   ? 8.444   -1.064  14.458  1.00 45.73 ? 309 HOH A O   1 
# 
